data_7SZ1
#
_entry.id   7SZ1
#
_cell.length_a   1.00
_cell.length_b   1.00
_cell.length_c   1.00
_cell.angle_alpha   90.00
_cell.angle_beta   90.00
_cell.angle_gamma   90.00
#
_symmetry.space_group_name_H-M   'P 1'
#
loop_
_entity.id
_entity.type
_entity.pdbx_description
1 polymer 'Epidermal growth factor receptor'
2 polymer 'Epidermal growth factor'
#
loop_
_entity_poly.entity_id
_entity_poly.type
_entity_poly.pdbx_seq_one_letter_code
_entity_poly.pdbx_strand_id
1 'polypeptide(L)'
;MRPSGTAGAALLALLAALCPASRALEEKKVCQGTSNKLTQLGTFEDHFLSLQRMFNNCEVVLGNLEITYVQRNYDLSFLK
TIQEVAGYVLIALNTVERIPLENLQIIRGNMYYENSYALAVLSNYDANKTGLKELPMRNLQEILHGAVRFSNNPALCNVE
SIQWRDIVSSDFLSNMSMDFQNHLGSCQKCDPSCPNGSCWGAGEENCQKLTKIICAQQCSGRCRGKSPSDCCHNQCAAGC
TGPRESDCLVCRKFRNEATCKDTCPPLMLYNPTTYQMDVNPEGKYSFGATCVKKCPRNYVVTDHGSCVRACGADSYEMEE
DGVRKCKKCEGPCRKVCNGIGIGEFKDSLSINATNIKHFKNCTSISGDLHILPVAFRGDSFTHTPPLDPQELDILKTVKE
ITGFLLIQAWPENRTDLHAFENLEIIRGRTKQHGQFSLAVVSLNITSLGLRSLKEISDGDVIISGNKNLCYANTINWKKL
FGTSGQKTKIISNRGENSCKATGQVCHALCSPEGCWGPEPRDCVSCRNVSRGRECVDKCNLLEGEPREFVENSECIQCHP
ECLPQAMNITCTGRGPDNCIQCAHYIDGPHCVKTCPAGVMGENNTLVWKYADAGHVCHLCHPNCTYGCTGPGLEGCPTNG
PKIPSIATGMVGALLLLLVVALGIGLFMRRRHIVRKRTLRRLLQERELVEPLTPSGEAPNQALLRILKETEFKKIKVLGS
GAFGTVYKGLWIPEGEKVKIPVAIKELREATSPKANKEILDEAYVMASVDNPHVCRLLGICLTSTVQLITQLMPFGCLLD
YVREHKDNIGSQYLLNWCVQIAKGMNYLEDRRLVHRDLAARNVLVKTPQHVKITDFGRAKLLGAEEKEYHAEGGKVPIKW
MALESILHRIYTHQSDVWSYGVTVWELMTFGSKPYDGIPASEISSILEKGERLPQPPICTIDVYMIMVKCWMIDADSRPK
FRELIIEFSKMARDPQRYLVIQGDERMHLPSPTDSNFYRALMDEEDMDDVVDADEYLIPQQGFFSSPSTSRTPLLSSLSA
TSNNSTVACIDRNGLQSCPIKEDSFLQRYSSDPTGALTEDSIDDTFLPVPEYINQSVPKRPAGSVQNPVYHNQPLNPAPS
RDPHYQDPHSTAVGNPEYLNTVQPTCVNSTFDSPAHWAQKGSHQISLDNPDYQQDFFPKEAKPNGIFKGSTAENAEYLRV
APQSSEFIGA
;
A,B
2 'polypeptide(L)' NSDSECPLSHDGYCLHDGVCMYIEALDKYACNCVVGYIGERCQYRDLKWWELR C,D
#
# COMPACT_ATOMS: atom_id res chain seq x y z
N LEU A 25 -36.20 7.38 -5.95
CA LEU A 25 -34.80 7.78 -5.91
C LEU A 25 -34.07 7.06 -4.78
N GLU A 26 -33.39 5.95 -5.11
CA GLU A 26 -32.64 5.21 -4.11
C GLU A 26 -31.52 6.08 -3.52
N GLU A 27 -30.78 6.77 -4.37
CA GLU A 27 -29.73 7.67 -3.89
C GLU A 27 -30.33 8.99 -3.44
N LYS A 28 -29.85 9.49 -2.31
CA LYS A 28 -30.37 10.72 -1.72
C LYS A 28 -29.96 11.92 -2.55
N LYS A 29 -30.95 12.72 -2.96
CA LYS A 29 -30.67 13.94 -3.69
C LYS A 29 -29.86 14.89 -2.82
N VAL A 30 -28.60 15.09 -3.16
CA VAL A 30 -27.72 15.91 -2.34
C VAL A 30 -27.78 17.34 -2.83
N CYS A 31 -27.49 18.27 -1.92
CA CYS A 31 -27.34 19.68 -2.22
C CYS A 31 -26.03 20.17 -1.63
N GLN A 32 -25.61 21.36 -2.03
CA GLN A 32 -24.26 21.81 -1.72
C GLN A 32 -24.16 22.54 -0.39
N GLY A 33 -25.16 23.34 -0.04
CA GLY A 33 -25.11 24.06 1.22
C GLY A 33 -24.24 25.30 1.14
N THR A 34 -24.74 26.40 1.69
CA THR A 34 -24.04 27.67 1.59
C THR A 34 -22.83 27.69 2.51
N SER A 35 -22.03 28.74 2.38
CA SER A 35 -20.88 28.96 3.26
C SER A 35 -20.71 30.44 3.59
N ASN A 36 -21.78 31.24 3.46
CA ASN A 36 -21.68 32.68 3.66
C ASN A 36 -21.65 33.01 5.15
N LYS A 37 -22.70 32.61 5.86
CA LYS A 37 -22.90 32.63 7.30
C LYS A 37 -23.19 34.01 7.88
N LEU A 38 -22.83 35.06 7.14
CA LEU A 38 -23.14 36.44 7.55
C LEU A 38 -23.07 37.31 6.30
N THR A 39 -24.14 37.29 5.50
CA THR A 39 -24.19 38.09 4.23
C THR A 39 -25.65 38.22 3.77
N GLN A 40 -25.92 39.15 2.85
CA GLN A 40 -27.29 39.30 2.30
C GLN A 40 -27.21 39.24 0.77
N LEU A 41 -27.86 38.24 0.16
CA LEU A 41 -27.76 38.08 -1.30
C LEU A 41 -28.82 38.96 -1.97
N GLY A 42 -28.58 40.25 -1.92
CA GLY A 42 -29.44 41.22 -2.58
C GLY A 42 -30.44 41.83 -1.61
N THR A 43 -31.71 41.82 -1.99
CA THR A 43 -32.78 42.27 -1.13
C THR A 43 -33.43 41.07 -0.46
N PHE A 44 -34.40 41.34 0.41
CA PHE A 44 -35.04 40.27 1.17
C PHE A 44 -35.69 39.25 0.26
N GLU A 45 -36.41 39.73 -0.77
CA GLU A 45 -37.02 38.81 -1.72
C GLU A 45 -35.96 38.09 -2.54
N ASP A 46 -34.79 38.70 -2.68
CA ASP A 46 -33.70 38.05 -3.42
C ASP A 46 -32.99 37.02 -2.55
N HIS A 47 -32.82 37.33 -1.26
CA HIS A 47 -32.18 36.38 -0.36
C HIS A 47 -33.01 35.11 -0.21
N PHE A 48 -34.33 35.25 -0.28
CA PHE A 48 -35.20 34.11 -0.04
C PHE A 48 -35.36 33.25 -1.29
N LEU A 49 -35.36 33.87 -2.47
CA LEU A 49 -35.45 33.07 -3.68
C LEU A 49 -34.16 32.30 -3.93
N SER A 50 -33.01 32.94 -3.69
CA SER A 50 -31.74 32.24 -3.82
C SER A 50 -31.67 31.08 -2.85
N LEU A 51 -32.07 31.30 -1.59
CA LEU A 51 -32.14 30.21 -0.62
C LEU A 51 -33.14 29.16 -1.06
N GLN A 52 -34.21 29.58 -1.73
CA GLN A 52 -35.24 28.63 -2.14
C GLN A 52 -34.69 27.62 -3.13
N ARG A 53 -34.23 28.10 -4.29
CA ARG A 53 -33.75 27.19 -5.33
C ARG A 53 -32.52 26.42 -4.87
N MET A 54 -31.75 26.99 -3.94
CA MET A 54 -30.55 26.31 -3.45
C MET A 54 -30.91 25.09 -2.61
N PHE A 55 -31.95 25.20 -1.79
CA PHE A 55 -32.35 24.11 -0.90
C PHE A 55 -33.66 23.46 -1.29
N ASN A 56 -34.27 23.85 -2.42
CA ASN A 56 -35.55 23.27 -2.82
C ASN A 56 -35.35 21.81 -3.20
N ASN A 57 -35.99 20.91 -2.46
CA ASN A 57 -36.03 19.49 -2.77
C ASN A 57 -34.63 18.87 -2.78
N CYS A 58 -33.95 18.98 -1.65
CA CYS A 58 -32.70 18.28 -1.42
C CYS A 58 -32.76 17.59 -0.06
N GLU A 59 -32.19 16.40 0.00
CA GLU A 59 -32.34 15.54 1.16
C GLU A 59 -31.06 15.35 1.96
N VAL A 60 -29.93 15.87 1.50
CA VAL A 60 -28.67 15.82 2.24
C VAL A 60 -27.90 17.10 1.93
N VAL A 61 -27.51 17.81 2.97
CA VAL A 61 -26.72 19.04 2.82
C VAL A 61 -25.27 18.66 3.02
N LEU A 62 -24.50 18.66 1.93
CA LEU A 62 -23.09 18.33 2.01
C LEU A 62 -22.24 19.47 2.56
N GLY A 63 -22.86 20.59 2.91
CA GLY A 63 -22.16 21.76 3.42
C GLY A 63 -22.75 22.26 4.72
N ASN A 64 -23.21 23.51 4.73
CA ASN A 64 -23.85 24.11 5.88
C ASN A 64 -25.29 24.46 5.54
N LEU A 65 -26.03 24.94 6.53
CA LEU A 65 -27.48 25.14 6.39
C LEU A 65 -27.90 26.52 6.92
N GLU A 66 -27.24 27.57 6.45
CA GLU A 66 -27.65 28.92 6.82
C GLU A 66 -29.09 29.18 6.41
N ILE A 67 -29.93 29.55 7.37
CA ILE A 67 -31.33 29.86 7.12
C ILE A 67 -31.57 31.30 7.59
N THR A 68 -30.57 32.16 7.39
CA THR A 68 -30.63 33.51 7.90
C THR A 68 -31.49 34.42 7.04
N TYR A 69 -32.04 35.45 7.68
CA TYR A 69 -32.68 36.63 7.10
C TYR A 69 -34.02 36.40 6.43
N VAL A 70 -34.72 35.29 6.69
CA VAL A 70 -36.09 35.17 6.21
C VAL A 70 -36.96 36.14 7.02
N GLN A 71 -38.12 36.49 6.46
CA GLN A 71 -39.03 37.43 7.09
C GLN A 71 -40.46 36.90 7.05
N ARG A 72 -41.37 37.70 7.61
CA ARG A 72 -42.74 37.26 7.84
C ARG A 72 -43.44 36.92 6.53
N ASN A 73 -44.45 36.05 6.64
CA ASN A 73 -45.36 35.64 5.57
C ASN A 73 -44.67 34.87 4.45
N TYR A 74 -43.35 34.68 4.51
CA TYR A 74 -42.67 33.83 3.55
C TYR A 74 -43.05 32.38 3.82
N ASP A 75 -42.54 31.48 2.98
CA ASP A 75 -42.83 30.06 3.11
C ASP A 75 -41.53 29.29 3.11
N LEU A 76 -41.23 28.63 4.23
CA LEU A 76 -40.09 27.73 4.33
C LEU A 76 -40.53 26.27 4.33
N SER A 77 -41.68 25.98 3.72
CA SER A 77 -42.17 24.61 3.62
C SER A 77 -41.27 23.71 2.80
N PHE A 78 -40.27 24.26 2.13
CA PHE A 78 -39.31 23.46 1.38
C PHE A 78 -38.18 22.92 2.24
N LEU A 79 -38.15 23.25 3.52
CA LEU A 79 -37.21 22.67 4.46
C LEU A 79 -37.73 21.38 5.09
N LYS A 80 -38.84 20.85 4.58
CA LYS A 80 -39.44 19.63 5.11
C LYS A 80 -38.76 18.37 4.62
N THR A 81 -37.67 18.48 3.86
CA THR A 81 -36.98 17.31 3.33
C THR A 81 -35.53 17.21 3.74
N ILE A 82 -34.96 18.24 4.36
CA ILE A 82 -33.59 18.15 4.86
C ILE A 82 -33.50 17.04 5.89
N GLN A 83 -32.64 16.06 5.64
CA GLN A 83 -32.50 14.92 6.54
C GLN A 83 -31.15 14.87 7.23
N GLU A 84 -30.08 15.29 6.57
CA GLU A 84 -28.76 15.28 7.17
C GLU A 84 -28.05 16.58 6.83
N VAL A 85 -27.06 16.93 7.64
CA VAL A 85 -26.19 18.08 7.39
C VAL A 85 -24.77 17.64 7.71
N ALA A 86 -23.82 18.15 6.94
CA ALA A 86 -22.42 17.78 7.12
C ALA A 86 -21.60 18.93 7.69
N GLY A 87 -22.23 19.94 8.26
CA GLY A 87 -21.53 21.05 8.87
C GLY A 87 -22.41 21.74 9.89
N TYR A 88 -22.02 22.95 10.32
CA TYR A 88 -22.84 23.67 11.27
C TYR A 88 -24.18 24.03 10.63
N VAL A 89 -25.14 24.35 11.49
CA VAL A 89 -26.50 24.69 11.05
C VAL A 89 -26.84 26.03 11.70
N LEU A 90 -26.67 27.11 10.95
CA LEU A 90 -26.95 28.44 11.46
C LEU A 90 -28.41 28.80 11.20
N ILE A 91 -29.05 29.38 12.22
CA ILE A 91 -30.39 29.94 12.09
C ILE A 91 -30.41 31.28 12.81
N ALA A 92 -30.25 32.37 12.08
CA ALA A 92 -30.01 33.64 12.74
C ALA A 92 -30.69 34.78 12.01
N LEU A 93 -31.23 35.72 12.79
CA LEU A 93 -31.66 37.04 12.30
C LEU A 93 -32.85 36.97 11.36
N ASN A 94 -33.73 35.97 11.53
CA ASN A 94 -34.90 35.83 10.67
C ASN A 94 -36.18 35.91 11.51
N THR A 95 -36.90 37.00 11.37
CA THR A 95 -38.20 37.17 12.01
C THR A 95 -39.26 36.44 11.20
N VAL A 96 -39.61 35.23 11.63
CA VAL A 96 -40.56 34.37 10.92
C VAL A 96 -41.20 33.43 11.92
N GLU A 97 -42.30 32.81 11.49
CA GLU A 97 -42.98 31.76 12.26
C GLU A 97 -42.22 30.46 12.11
N ARG A 98 -42.88 29.33 12.39
CA ARG A 98 -42.23 28.03 12.41
C ARG A 98 -41.30 27.82 11.22
N ILE A 99 -40.14 27.25 11.49
CA ILE A 99 -39.21 26.79 10.46
C ILE A 99 -39.35 25.28 10.37
N PRO A 100 -40.17 24.76 9.46
CA PRO A 100 -40.55 23.35 9.52
C PRO A 100 -39.40 22.39 9.21
N LEU A 101 -38.38 22.40 10.05
CA LEU A 101 -37.30 21.43 9.94
C LEU A 101 -37.71 20.13 10.64
N GLU A 102 -38.86 19.59 10.27
CA GLU A 102 -39.44 18.44 10.94
C GLU A 102 -38.83 17.11 10.50
N ASN A 103 -37.71 17.13 9.78
CA ASN A 103 -37.11 15.87 9.35
C ASN A 103 -35.59 15.83 9.47
N LEU A 104 -34.96 16.85 10.03
CA LEU A 104 -33.53 16.76 10.32
C LEU A 104 -33.29 15.62 11.30
N GLN A 105 -32.21 14.86 11.08
CA GLN A 105 -31.93 13.70 11.91
C GLN A 105 -30.52 13.66 12.47
N ILE A 106 -29.54 14.31 11.84
CA ILE A 106 -28.17 14.24 12.31
C ILE A 106 -27.41 15.42 11.72
N ILE A 107 -26.51 15.98 12.52
CA ILE A 107 -25.68 17.11 12.12
C ILE A 107 -24.24 16.66 12.37
N ARG A 108 -23.59 16.14 11.32
CA ARG A 108 -22.28 15.51 11.48
C ARG A 108 -21.22 16.50 11.92
N GLY A 109 -21.54 17.79 11.89
CA GLY A 109 -20.66 18.84 12.38
C GLY A 109 -19.21 18.74 11.95
N ASN A 110 -18.97 18.49 10.66
CA ASN A 110 -17.61 18.42 10.17
C ASN A 110 -16.90 19.76 10.20
N MET A 111 -17.62 20.86 10.38
CA MET A 111 -17.03 22.18 10.50
C MET A 111 -17.88 22.98 11.48
N TYR A 112 -17.22 23.66 12.41
CA TYR A 112 -17.90 24.32 13.51
C TYR A 112 -18.13 25.79 13.19
N TYR A 113 -19.26 26.31 13.64
CA TYR A 113 -19.51 27.74 13.60
C TYR A 113 -18.84 28.40 14.80
N GLU A 114 -18.02 29.41 14.54
CA GLU A 114 -17.22 30.08 15.58
C GLU A 114 -16.30 29.09 16.30
N ASN A 115 -15.82 28.08 15.56
CA ASN A 115 -14.82 27.12 16.01
C ASN A 115 -15.33 26.20 17.10
N SER A 116 -16.55 26.41 17.58
CA SER A 116 -17.05 25.65 18.72
C SER A 116 -18.31 24.88 18.41
N TYR A 117 -19.34 25.53 17.90
CA TYR A 117 -20.68 24.96 17.87
C TYR A 117 -21.00 24.32 16.53
N ALA A 118 -22.07 23.52 16.53
CA ALA A 118 -22.55 22.88 15.31
C ALA A 118 -24.05 23.06 15.14
N LEU A 119 -24.71 23.84 16.00
CA LEU A 119 -26.10 24.23 15.79
C LEU A 119 -26.28 25.53 16.59
N ALA A 120 -26.23 26.67 15.91
CA ALA A 120 -26.11 27.96 16.56
C ALA A 120 -27.27 28.86 16.16
N VAL A 121 -28.15 29.13 17.12
CA VAL A 121 -29.32 29.99 16.90
C VAL A 121 -29.07 31.30 17.65
N LEU A 122 -29.02 32.40 16.92
CA LEU A 122 -28.62 33.69 17.49
C LEU A 122 -29.53 34.80 16.98
N SER A 123 -30.22 35.45 17.90
CA SER A 123 -30.88 36.74 17.66
C SER A 123 -31.92 36.65 16.54
N ASN A 124 -32.94 35.82 16.77
CA ASN A 124 -34.03 35.67 15.80
C ASN A 124 -35.20 36.58 16.17
N TYR A 125 -35.02 37.88 15.95
CA TYR A 125 -36.05 38.84 16.32
C TYR A 125 -35.79 40.15 15.58
N ASP A 126 -36.80 41.02 15.62
CA ASP A 126 -36.76 42.36 15.08
C ASP A 126 -36.56 43.37 16.21
N ALA A 127 -36.79 44.64 15.92
CA ALA A 127 -36.81 45.66 16.97
C ALA A 127 -38.18 45.75 17.63
N ASN A 128 -38.98 44.70 17.51
CA ASN A 128 -40.28 44.61 18.18
C ASN A 128 -40.50 43.28 18.87
N LYS A 129 -39.60 42.30 18.71
CA LYS A 129 -39.65 41.02 19.40
C LYS A 129 -40.90 40.21 19.03
N THR A 130 -41.00 39.92 17.73
CA THR A 130 -41.98 38.98 17.20
C THR A 130 -41.27 37.93 16.34
N GLY A 131 -40.16 37.42 16.86
CA GLY A 131 -39.27 36.59 16.08
C GLY A 131 -39.68 35.15 15.94
N LEU A 132 -38.68 34.25 15.97
CA LEU A 132 -38.90 32.84 15.64
C LEU A 132 -39.76 32.18 16.71
N LYS A 133 -41.04 31.98 16.40
CA LYS A 133 -41.99 31.47 17.39
C LYS A 133 -41.66 30.04 17.79
N GLU A 134 -41.68 29.11 16.84
CA GLU A 134 -41.44 27.71 17.13
C GLU A 134 -40.48 27.12 16.11
N LEU A 135 -40.05 25.89 16.38
CA LEU A 135 -39.02 25.21 15.62
C LEU A 135 -39.19 23.69 15.78
N PRO A 136 -40.16 23.08 15.10
CA PRO A 136 -40.40 21.65 15.32
C PRO A 136 -39.29 20.78 14.78
N MET A 137 -38.14 20.81 15.44
CA MET A 137 -36.99 20.00 15.05
C MET A 137 -37.01 18.63 15.70
N ARG A 138 -38.21 18.12 16.00
CA ARG A 138 -38.39 16.89 16.77
C ARG A 138 -37.45 15.76 16.39
N ASN A 139 -37.30 15.50 15.09
CA ASN A 139 -36.59 14.31 14.63
C ASN A 139 -35.08 14.39 14.86
N LEU A 140 -34.53 15.55 15.17
CA LEU A 140 -33.10 15.63 15.45
C LEU A 140 -32.75 14.73 16.61
N GLN A 141 -31.75 13.88 16.43
CA GLN A 141 -31.42 12.91 17.46
C GLN A 141 -29.94 12.78 17.79
N GLU A 142 -29.02 13.31 16.98
CA GLU A 142 -27.61 13.30 17.36
C GLU A 142 -26.87 14.38 16.61
N ILE A 143 -25.92 15.00 17.30
CA ILE A 143 -25.02 16.00 16.73
C ILE A 143 -23.61 15.45 16.94
N LEU A 144 -23.06 14.80 15.91
CA LEU A 144 -21.84 14.01 16.05
C LEU A 144 -20.65 14.82 16.54
N HIS A 145 -20.66 16.14 16.41
CA HIS A 145 -19.54 16.95 16.86
C HIS A 145 -20.04 18.30 17.31
N GLY A 146 -19.21 19.00 18.09
CA GLY A 146 -19.48 20.38 18.44
C GLY A 146 -20.60 20.61 19.42
N ALA A 147 -20.59 21.78 20.07
CA ALA A 147 -21.59 22.15 21.05
C ALA A 147 -22.81 22.77 20.35
N VAL A 148 -23.70 23.37 21.14
CA VAL A 148 -24.92 24.00 20.64
C VAL A 148 -25.04 25.36 21.29
N ARG A 149 -25.90 26.22 20.75
CA ARG A 149 -26.12 27.57 21.29
C ARG A 149 -27.49 28.07 20.89
N PHE A 150 -28.21 28.69 21.82
CA PHE A 150 -29.60 29.08 21.60
C PHE A 150 -29.90 30.45 22.19
N SER A 151 -29.07 31.43 21.88
CA SER A 151 -29.18 32.75 22.49
C SER A 151 -30.28 33.59 21.84
N ASN A 152 -30.96 34.35 22.70
CA ASN A 152 -31.67 35.58 22.32
C ASN A 152 -32.75 35.32 21.26
N ASN A 153 -33.75 34.55 21.67
CA ASN A 153 -34.98 34.40 20.92
C ASN A 153 -36.12 34.81 21.85
N PRO A 154 -36.53 36.07 21.81
CA PRO A 154 -37.47 36.57 22.83
C PRO A 154 -38.79 35.85 22.85
N ALA A 155 -39.27 35.38 21.70
CA ALA A 155 -40.51 34.62 21.60
C ALA A 155 -40.17 33.29 20.98
N LEU A 156 -39.71 32.36 21.81
CA LEU A 156 -39.39 31.00 21.39
C LEU A 156 -39.81 30.06 22.51
N CYS A 157 -40.54 29.01 22.16
CA CYS A 157 -41.21 28.21 23.17
C CYS A 157 -40.90 26.73 22.99
N ASN A 158 -40.68 26.06 24.12
CA ASN A 158 -40.49 24.61 24.23
C ASN A 158 -39.21 24.12 23.58
N VAL A 159 -38.25 25.01 23.31
CA VAL A 159 -36.91 24.58 22.94
C VAL A 159 -36.02 24.96 24.12
N GLU A 160 -36.64 25.01 25.30
CA GLU A 160 -35.94 25.19 26.56
C GLU A 160 -36.07 24.00 27.50
N SER A 161 -36.96 23.06 27.20
CA SER A 161 -37.17 21.88 28.02
C SER A 161 -36.73 20.60 27.30
N ILE A 162 -35.61 20.67 26.59
CA ILE A 162 -35.08 19.53 25.84
C ILE A 162 -33.73 19.16 26.43
N GLN A 163 -33.35 17.90 26.25
CA GLN A 163 -32.18 17.32 26.90
C GLN A 163 -30.95 17.54 26.03
N TRP A 164 -30.16 18.57 26.37
CA TRP A 164 -28.90 18.82 25.67
C TRP A 164 -27.77 17.94 26.17
N ARG A 165 -28.07 16.87 26.90
CA ARG A 165 -27.10 15.85 27.22
C ARG A 165 -27.38 14.54 26.49
N ASP A 166 -28.57 14.40 25.90
CA ASP A 166 -28.93 13.24 25.09
C ASP A 166 -28.46 13.38 23.65
N ILE A 167 -28.52 14.58 23.10
CA ILE A 167 -28.24 14.81 21.68
C ILE A 167 -26.78 15.17 21.48
N VAL A 168 -26.32 16.21 22.17
CA VAL A 168 -24.94 16.69 22.06
C VAL A 168 -23.96 15.55 22.30
N SER A 169 -22.82 15.59 21.62
CA SER A 169 -21.76 14.62 21.89
C SER A 169 -21.29 14.77 23.32
N SER A 170 -21.08 13.63 23.98
CA SER A 170 -20.78 13.60 25.42
C SER A 170 -19.43 14.19 25.77
N ASP A 171 -18.70 14.77 24.82
CA ASP A 171 -17.39 15.36 25.08
C ASP A 171 -17.44 16.88 25.25
N PHE A 172 -18.23 17.57 24.42
CA PHE A 172 -18.23 19.02 24.37
C PHE A 172 -19.21 19.68 25.33
N LEU A 173 -19.64 18.98 26.39
CA LEU A 173 -20.64 19.52 27.31
C LEU A 173 -20.16 20.76 28.05
N SER A 174 -18.90 21.16 27.90
CA SER A 174 -18.41 22.34 28.58
C SER A 174 -18.57 23.61 27.76
N ASN A 175 -18.88 23.48 26.47
CA ASN A 175 -19.02 24.64 25.59
C ASN A 175 -20.47 25.03 25.36
N MET A 176 -21.43 24.35 25.98
CA MET A 176 -22.83 24.67 25.82
C MET A 176 -23.11 26.09 26.32
N SER A 177 -23.98 26.81 25.63
CA SER A 177 -24.24 28.21 25.96
C SER A 177 -25.74 28.54 25.84
N MET A 178 -26.59 27.72 26.44
CA MET A 178 -28.02 28.01 26.44
C MET A 178 -28.33 29.24 27.28
N ASP A 179 -29.09 30.18 26.71
CA ASP A 179 -29.55 31.36 27.43
C ASP A 179 -30.75 31.95 26.71
N PHE A 180 -31.90 32.00 27.38
CA PHE A 180 -33.14 32.42 26.77
C PHE A 180 -34.13 32.89 27.83
N GLN A 181 -34.83 33.98 27.55
CA GLN A 181 -35.86 34.51 28.45
C GLN A 181 -37.09 34.83 27.61
N ASN A 182 -38.00 33.85 27.53
CA ASN A 182 -39.28 34.04 26.84
C ASN A 182 -40.23 34.86 27.73
N HIS A 183 -39.82 36.10 28.00
CA HIS A 183 -40.61 36.99 28.85
C HIS A 183 -41.81 37.59 28.14
N LEU A 184 -42.16 37.05 26.97
CA LEU A 184 -43.39 37.36 26.26
C LEU A 184 -44.23 36.09 26.09
N GLY A 185 -44.31 35.29 27.16
CA GLY A 185 -44.89 33.97 27.13
C GLY A 185 -46.27 33.87 26.50
N SER A 186 -46.36 33.13 25.39
CA SER A 186 -47.63 32.93 24.71
C SER A 186 -47.82 31.52 24.19
N CYS A 187 -46.91 30.60 24.44
CA CYS A 187 -47.02 29.22 24.00
C CYS A 187 -47.52 28.34 25.13
N GLN A 188 -48.42 27.42 24.79
CA GLN A 188 -48.99 26.48 25.75
C GLN A 188 -47.98 25.37 26.06
N LYS A 189 -48.31 24.57 27.05
CA LYS A 189 -47.60 23.32 27.31
C LYS A 189 -48.35 22.18 26.64
N CYS A 190 -47.60 21.18 26.17
CA CYS A 190 -48.19 20.18 25.30
C CYS A 190 -48.55 18.91 26.07
N ASP A 191 -49.07 17.93 25.34
CA ASP A 191 -49.61 16.72 25.92
C ASP A 191 -48.58 16.03 26.81
N PRO A 192 -48.87 15.80 28.08
CA PRO A 192 -47.89 15.14 28.96
C PRO A 192 -47.82 13.65 28.69
N SER A 193 -47.06 13.24 27.67
CA SER A 193 -46.99 11.84 27.31
C SER A 193 -45.59 11.38 26.97
N CYS A 194 -44.57 12.18 27.25
CA CYS A 194 -43.19 11.84 26.93
C CYS A 194 -42.25 12.42 27.97
N PRO A 195 -41.01 11.87 28.09
CA PRO A 195 -40.17 12.12 29.27
C PRO A 195 -40.13 13.55 29.78
N ASN A 196 -40.49 13.73 31.06
CA ASN A 196 -40.37 15.01 31.75
C ASN A 196 -41.07 16.13 31.01
N GLY A 197 -42.04 15.77 30.15
CA GLY A 197 -42.64 16.73 29.26
C GLY A 197 -41.60 17.45 28.42
N SER A 198 -40.77 16.69 27.72
CA SER A 198 -39.72 17.23 26.85
C SER A 198 -40.35 17.34 25.48
N CYS A 199 -40.87 18.52 25.18
CA CYS A 199 -41.73 18.72 24.02
C CYS A 199 -41.09 19.73 23.07
N TRP A 200 -41.12 19.41 21.78
CA TRP A 200 -40.49 20.26 20.77
C TRP A 200 -41.43 21.36 20.26
N GLY A 201 -42.46 21.72 21.02
CA GLY A 201 -43.25 22.89 20.69
C GLY A 201 -44.75 22.82 20.85
N ALA A 202 -45.37 21.66 20.62
CA ALA A 202 -46.83 21.54 20.71
C ALA A 202 -47.20 20.06 20.66
N GLY A 203 -48.50 19.79 20.55
CA GLY A 203 -49.02 18.47 20.24
C GLY A 203 -48.54 17.32 21.11
N GLU A 204 -48.67 16.11 20.60
CA GLU A 204 -48.19 14.91 21.27
C GLU A 204 -47.09 14.20 20.49
N GLU A 205 -47.20 14.16 19.16
CA GLU A 205 -46.12 13.63 18.33
C GLU A 205 -45.01 14.64 18.10
N ASN A 206 -45.30 15.92 18.33
CA ASN A 206 -44.34 16.99 18.24
C ASN A 206 -43.41 17.05 19.45
N CYS A 207 -43.36 16.02 20.30
CA CYS A 207 -42.50 16.04 21.47
C CYS A 207 -41.39 15.01 21.32
N GLN A 208 -40.41 15.10 22.22
CA GLN A 208 -39.14 14.40 22.04
C GLN A 208 -39.32 12.90 21.93
N LYS A 209 -38.35 12.26 21.27
CA LYS A 209 -38.23 10.81 21.18
C LYS A 209 -36.74 10.48 21.30
N LEU A 210 -36.31 10.20 22.52
CA LEU A 210 -34.90 10.03 22.83
C LEU A 210 -34.51 8.56 22.85
N THR A 211 -33.23 8.29 22.52
CA THR A 211 -32.75 6.93 22.41
C THR A 211 -31.36 6.74 23.00
N LYS A 212 -30.97 7.52 24.00
CA LYS A 212 -29.67 7.34 24.64
C LYS A 212 -29.73 7.23 26.15
N ILE A 213 -30.74 7.81 26.79
CA ILE A 213 -30.80 7.82 28.25
C ILE A 213 -31.95 6.96 28.74
N ILE A 214 -32.33 5.95 27.96
CA ILE A 214 -33.27 4.94 28.42
C ILE A 214 -32.72 3.56 28.10
N CYS A 215 -31.60 3.52 27.38
CA CYS A 215 -30.97 2.25 27.07
C CYS A 215 -30.51 1.56 28.36
N ALA A 216 -30.29 0.25 28.27
CA ALA A 216 -29.80 -0.50 29.40
C ALA A 216 -28.39 -0.07 29.76
N GLN A 217 -27.93 -0.52 30.93
CA GLN A 217 -26.58 -0.19 31.38
C GLN A 217 -25.54 -0.82 30.46
N GLN A 218 -25.87 -1.96 29.86
CA GLN A 218 -24.89 -2.71 29.07
C GLN A 218 -25.04 -2.46 27.57
N CYS A 219 -25.71 -1.38 27.19
CA CYS A 219 -25.90 -1.05 25.79
C CYS A 219 -24.65 -0.38 25.24
N SER A 220 -24.29 -0.75 24.01
CA SER A 220 -23.11 -0.17 23.39
C SER A 220 -23.31 1.31 23.08
N GLY A 221 -24.38 1.63 22.37
CA GLY A 221 -24.70 3.01 22.05
C GLY A 221 -26.17 3.32 22.21
N ARG A 222 -26.79 3.85 21.17
CA ARG A 222 -28.21 4.14 21.22
C ARG A 222 -29.02 2.85 21.19
N CYS A 223 -30.33 2.98 21.39
CA CYS A 223 -31.22 1.83 21.45
C CYS A 223 -32.55 2.21 20.82
N ARG A 224 -33.55 1.36 21.03
CA ARG A 224 -34.90 1.64 20.57
C ARG A 224 -35.96 1.41 21.64
N GLY A 225 -35.64 0.74 22.74
CA GLY A 225 -36.55 0.56 23.85
C GLY A 225 -35.82 0.76 25.17
N LYS A 226 -36.24 0.04 26.20
CA LYS A 226 -35.58 0.09 27.49
C LYS A 226 -35.00 -1.24 27.93
N SER A 227 -35.42 -2.34 27.33
CA SER A 227 -34.93 -3.66 27.71
C SER A 227 -33.47 -3.81 27.29
N PRO A 228 -32.71 -4.66 27.99
CA PRO A 228 -31.31 -4.89 27.61
C PRO A 228 -31.16 -5.70 26.34
N SER A 229 -32.24 -6.14 25.73
CA SER A 229 -32.20 -6.94 24.51
C SER A 229 -32.50 -6.11 23.26
N ASP A 230 -32.46 -4.79 23.35
CA ASP A 230 -32.85 -3.94 22.22
C ASP A 230 -31.89 -2.78 22.02
N CYS A 231 -30.64 -2.93 22.45
CA CYS A 231 -29.62 -1.94 22.12
C CYS A 231 -29.42 -1.92 20.61
N CYS A 232 -29.08 -0.74 20.08
CA CYS A 232 -28.83 -0.62 18.65
C CYS A 232 -27.41 -1.04 18.32
N HIS A 233 -27.15 -1.18 17.03
CA HIS A 233 -25.82 -1.51 16.55
C HIS A 233 -24.83 -0.42 16.96
N ASN A 234 -23.55 -0.79 17.01
CA ASN A 234 -22.52 0.15 17.40
C ASN A 234 -22.21 1.18 16.31
N GLN A 235 -22.80 1.02 15.12
CA GLN A 235 -22.54 1.93 14.01
C GLN A 235 -23.73 2.80 13.62
N CYS A 236 -24.90 2.58 14.22
CA CYS A 236 -26.00 3.50 14.00
C CYS A 236 -25.71 4.83 14.68
N ALA A 237 -26.14 5.92 14.05
CA ALA A 237 -25.90 7.25 14.59
C ALA A 237 -27.15 7.92 15.14
N ALA A 238 -28.35 7.42 14.80
CA ALA A 238 -29.58 7.93 15.39
C ALA A 238 -30.60 6.81 15.36
N GLY A 239 -30.71 6.08 16.47
CA GLY A 239 -31.69 5.01 16.60
C GLY A 239 -31.50 3.88 15.61
N CYS A 240 -32.42 2.91 15.63
CA CYS A 240 -32.36 1.79 14.71
C CYS A 240 -33.71 1.09 14.71
N THR A 241 -34.06 0.53 13.56
CA THR A 241 -35.31 -0.22 13.46
C THR A 241 -35.16 -1.63 14.00
N GLY A 242 -33.98 -2.23 13.84
CA GLY A 242 -33.74 -3.56 14.33
C GLY A 242 -32.38 -3.68 14.99
N PRO A 243 -32.06 -4.87 15.51
CA PRO A 243 -30.78 -5.08 16.21
C PRO A 243 -29.61 -5.39 15.29
N ARG A 244 -29.77 -5.27 13.98
CA ARG A 244 -28.77 -5.70 13.02
C ARG A 244 -28.19 -4.49 12.30
N GLU A 245 -26.94 -4.64 11.85
CA GLU A 245 -26.23 -3.54 11.20
C GLU A 245 -26.98 -3.01 9.98
N SER A 246 -27.80 -3.85 9.34
CA SER A 246 -28.60 -3.44 8.19
C SER A 246 -29.89 -2.74 8.59
N ASP A 247 -29.99 -2.24 9.83
CA ASP A 247 -31.21 -1.62 10.31
C ASP A 247 -30.97 -0.23 10.90
N CYS A 248 -29.74 0.27 10.84
CA CYS A 248 -29.48 1.63 11.31
C CYS A 248 -30.29 2.63 10.48
N LEU A 249 -30.47 3.82 11.06
CA LEU A 249 -31.16 4.91 10.37
C LEU A 249 -30.19 5.83 9.65
N VAL A 250 -29.06 6.15 10.27
CA VAL A 250 -28.03 6.98 9.65
C VAL A 250 -26.68 6.39 10.02
N CYS A 251 -25.90 6.01 9.01
CA CYS A 251 -24.62 5.36 9.25
C CYS A 251 -23.63 6.34 9.87
N ARG A 252 -23.02 5.93 10.98
CA ARG A 252 -22.03 6.77 11.66
C ARG A 252 -20.76 6.92 10.84
N LYS A 253 -20.51 6.02 9.90
CA LYS A 253 -19.30 6.04 9.09
C LYS A 253 -19.65 5.45 7.72
N PHE A 254 -18.62 4.98 7.00
CA PHE A 254 -18.78 4.45 5.64
C PHE A 254 -20.02 3.57 5.53
N ARG A 255 -20.74 3.71 4.43
CA ARG A 255 -21.93 2.92 4.14
C ARG A 255 -21.68 2.05 2.92
N ASN A 256 -22.59 1.11 2.68
CA ASN A 256 -22.39 0.09 1.66
C ASN A 256 -23.67 -0.21 0.88
N GLU A 257 -24.61 0.74 0.79
CA GLU A 257 -25.97 0.49 0.34
C GLU A 257 -26.63 -0.61 1.18
N ALA A 258 -26.06 -0.86 2.36
CA ALA A 258 -26.33 -2.03 3.18
C ALA A 258 -25.87 -1.70 4.59
N THR A 259 -25.60 -2.73 5.39
CA THR A 259 -25.01 -2.58 6.71
C THR A 259 -24.00 -1.44 6.74
N CYS A 260 -24.16 -0.54 7.69
CA CYS A 260 -23.29 0.62 7.83
C CYS A 260 -21.98 0.15 8.45
N LYS A 261 -20.95 0.01 7.61
CA LYS A 261 -19.68 -0.50 8.09
C LYS A 261 -18.92 0.58 8.86
N ASP A 262 -17.79 0.18 9.42
CA ASP A 262 -16.85 1.10 10.06
C ASP A 262 -15.63 1.39 9.21
N THR A 263 -15.25 0.45 8.34
CA THR A 263 -14.21 0.67 7.34
C THR A 263 -14.47 -0.33 6.23
N CYS A 264 -14.38 0.13 4.99
CA CYS A 264 -14.71 -0.70 3.85
C CYS A 264 -13.91 -2.01 3.91
N PRO A 265 -14.52 -3.15 3.61
CA PRO A 265 -13.80 -4.43 3.69
C PRO A 265 -12.58 -4.42 2.80
N PRO A 266 -11.40 -4.66 3.37
CA PRO A 266 -10.16 -4.51 2.59
C PRO A 266 -10.11 -5.48 1.42
N LEU A 267 -9.17 -5.20 0.52
CA LEU A 267 -9.06 -5.99 -0.70
C LEU A 267 -8.46 -7.36 -0.44
N MET A 268 -7.49 -7.44 0.47
CA MET A 268 -6.76 -8.67 0.73
C MET A 268 -6.75 -8.97 2.22
N LEU A 269 -7.17 -10.18 2.57
CA LEU A 269 -7.07 -10.67 3.94
C LEU A 269 -5.68 -11.30 4.13
N TYR A 270 -5.40 -11.81 5.32
CA TYR A 270 -4.04 -12.22 5.63
C TYR A 270 -3.84 -13.74 5.70
N ASN A 271 -4.81 -14.48 6.24
CA ASN A 271 -4.71 -15.94 6.31
C ASN A 271 -3.45 -16.33 7.05
N PRO A 272 -3.38 -16.14 8.39
CA PRO A 272 -2.13 -16.37 9.11
C PRO A 272 -1.71 -17.83 9.18
N THR A 273 -2.44 -18.75 8.54
CA THR A 273 -1.96 -20.12 8.43
C THR A 273 -0.77 -20.20 7.48
N THR A 274 -0.89 -19.59 6.30
CA THR A 274 0.19 -19.44 5.34
C THR A 274 0.46 -17.97 5.17
N TYR A 275 1.64 -17.51 5.56
CA TYR A 275 1.87 -16.09 5.76
C TYR A 275 1.92 -15.34 4.44
N GLN A 276 0.77 -15.13 3.81
CA GLN A 276 0.70 -14.41 2.55
C GLN A 276 -0.69 -13.83 2.36
N MET A 277 -0.75 -12.63 1.77
CA MET A 277 -2.01 -11.92 1.57
C MET A 277 -2.88 -12.66 0.56
N ASP A 278 -3.93 -13.30 1.05
CA ASP A 278 -4.96 -13.89 0.21
C ASP A 278 -6.04 -12.84 -0.02
N VAL A 279 -6.50 -12.72 -1.27
CA VAL A 279 -7.43 -11.66 -1.61
C VAL A 279 -8.80 -11.92 -0.97
N ASN A 280 -9.60 -10.85 -0.89
CA ASN A 280 -10.95 -10.88 -0.35
C ASN A 280 -11.96 -10.87 -1.48
N PRO A 281 -12.96 -11.76 -1.45
CA PRO A 281 -13.98 -11.76 -2.49
C PRO A 281 -15.01 -10.64 -2.35
N GLU A 282 -14.87 -9.76 -1.34
CA GLU A 282 -15.82 -8.69 -1.12
C GLU A 282 -15.12 -7.36 -0.85
N GLY A 283 -13.88 -7.20 -1.28
CA GLY A 283 -13.17 -5.96 -1.05
C GLY A 283 -13.76 -4.83 -1.86
N LYS A 284 -13.75 -3.63 -1.27
CA LYS A 284 -14.29 -2.45 -1.92
C LYS A 284 -13.43 -1.25 -1.58
N TYR A 285 -13.59 -0.18 -2.36
CA TYR A 285 -12.79 1.03 -2.21
C TYR A 285 -13.52 2.06 -1.38
N SER A 286 -12.77 2.84 -0.61
CA SER A 286 -13.32 3.86 0.28
C SER A 286 -13.33 5.19 -0.45
N PHE A 287 -14.48 5.53 -1.04
CA PHE A 287 -14.63 6.79 -1.77
C PHE A 287 -15.30 7.80 -0.85
N GLY A 288 -14.49 8.39 0.03
CA GLY A 288 -14.97 9.40 0.95
C GLY A 288 -15.72 8.78 2.10
N ALA A 289 -16.98 8.42 1.86
CA ALA A 289 -17.69 7.53 2.77
C ALA A 289 -18.68 6.73 1.91
N THR A 290 -18.21 5.59 1.42
CA THR A 290 -18.96 4.62 0.63
C THR A 290 -17.99 3.50 0.30
N CYS A 291 -18.52 2.33 -0.02
CA CYS A 291 -17.72 1.21 -0.47
C CYS A 291 -18.12 0.91 -1.91
N VAL A 292 -17.31 1.39 -2.85
CA VAL A 292 -17.56 1.22 -4.27
C VAL A 292 -16.61 0.16 -4.82
N LYS A 293 -17.01 -0.42 -5.96
CA LYS A 293 -16.22 -1.48 -6.56
C LYS A 293 -14.96 -0.92 -7.22
N LYS A 294 -15.06 0.22 -7.90
CA LYS A 294 -13.95 0.77 -8.66
C LYS A 294 -13.87 2.27 -8.48
N CYS A 295 -12.65 2.80 -8.41
CA CYS A 295 -12.46 4.23 -8.26
C CYS A 295 -12.87 4.94 -9.54
N PRO A 296 -13.32 6.19 -9.46
CA PRO A 296 -13.58 6.97 -10.67
C PRO A 296 -12.30 7.22 -11.45
N ARG A 297 -12.46 7.66 -12.70
CA ARG A 297 -11.31 7.82 -13.58
C ARG A 297 -10.37 8.91 -13.07
N ASN A 298 -10.91 10.07 -12.72
CA ASN A 298 -10.04 11.18 -12.34
C ASN A 298 -9.50 11.06 -10.92
N TYR A 299 -9.67 9.94 -10.22
CA TYR A 299 -9.22 9.82 -8.84
C TYR A 299 -8.06 8.86 -8.73
N VAL A 300 -7.04 9.25 -7.97
CA VAL A 300 -5.86 8.44 -7.74
C VAL A 300 -6.24 7.20 -6.93
N VAL A 301 -6.09 6.03 -7.53
CA VAL A 301 -6.27 4.78 -6.79
C VAL A 301 -5.03 4.56 -5.91
N THR A 302 -5.21 3.82 -4.83
CA THR A 302 -4.11 3.50 -3.94
C THR A 302 -4.03 2.00 -3.72
N ASP A 303 -2.84 1.54 -3.35
CA ASP A 303 -2.64 0.12 -3.05
C ASP A 303 -3.52 -0.32 -1.88
N HIS A 304 -3.72 0.56 -0.89
CA HIS A 304 -4.62 0.25 0.21
C HIS A 304 -6.07 0.08 -0.24
N GLY A 305 -6.40 0.50 -1.48
CA GLY A 305 -7.77 0.44 -1.94
C GLY A 305 -8.59 1.62 -1.47
N SER A 306 -8.17 2.83 -1.83
CA SER A 306 -8.85 4.04 -1.35
C SER A 306 -8.68 5.12 -2.41
N CYS A 307 -9.79 5.53 -3.03
CA CYS A 307 -9.76 6.64 -3.96
C CYS A 307 -9.35 7.91 -3.23
N VAL A 308 -8.32 8.59 -3.71
CA VAL A 308 -7.79 9.79 -3.07
C VAL A 308 -7.63 10.89 -4.12
N ARG A 309 -7.28 12.09 -3.65
CA ARG A 309 -7.05 13.23 -4.51
C ARG A 309 -5.58 13.51 -4.76
N ALA A 310 -4.69 13.02 -3.89
CA ALA A 310 -3.27 13.15 -4.08
C ALA A 310 -2.60 12.11 -3.17
N CYS A 311 -1.26 12.09 -3.19
CA CYS A 311 -0.52 11.20 -2.31
C CYS A 311 0.75 11.91 -1.84
N GLY A 312 1.51 11.22 -0.99
CA GLY A 312 2.64 11.84 -0.34
C GLY A 312 3.65 12.42 -1.30
N ALA A 313 4.43 13.37 -0.78
CA ALA A 313 5.44 14.04 -1.60
C ALA A 313 6.50 13.06 -2.10
N ASP A 314 6.60 11.88 -1.50
CA ASP A 314 7.56 10.87 -1.94
C ASP A 314 6.93 9.95 -2.99
N SER A 315 6.33 10.58 -3.99
CA SER A 315 5.64 9.87 -5.05
C SER A 315 5.19 10.87 -6.11
N TYR A 316 4.65 10.33 -7.20
CA TYR A 316 3.97 11.13 -8.21
C TYR A 316 3.07 10.20 -9.01
N GLU A 317 2.04 10.77 -9.61
CA GLU A 317 0.99 10.01 -10.27
C GLU A 317 1.52 9.40 -11.56
N MET A 318 1.89 8.13 -11.52
CA MET A 318 2.34 7.42 -12.70
C MET A 318 1.14 6.78 -13.39
N GLU A 319 0.86 7.22 -14.63
CA GLU A 319 -0.30 6.72 -15.35
C GLU A 319 -0.17 5.22 -15.58
N GLU A 320 -1.24 4.49 -15.32
CA GLU A 320 -1.25 3.04 -15.46
C GLU A 320 -2.51 2.58 -16.18
N ASP A 321 -2.82 3.24 -17.30
CA ASP A 321 -3.97 2.93 -18.14
C ASP A 321 -5.28 3.11 -17.35
N GLY A 322 -5.53 4.35 -16.95
CA GLY A 322 -6.76 4.70 -16.27
C GLY A 322 -6.89 4.17 -14.86
N VAL A 323 -5.90 3.46 -14.35
CA VAL A 323 -5.89 2.96 -12.99
C VAL A 323 -4.70 3.66 -12.32
N ARG A 324 -4.50 4.92 -12.68
CA ARG A 324 -3.24 5.63 -12.46
C ARG A 324 -3.04 5.93 -10.98
N LYS A 325 -2.41 4.98 -10.30
CA LYS A 325 -1.98 5.19 -8.92
C LYS A 325 -0.65 5.93 -8.92
N CYS A 326 0.00 6.01 -7.76
CA CYS A 326 1.26 6.74 -7.64
C CYS A 326 2.26 5.90 -6.86
N LYS A 327 3.40 5.63 -7.46
CA LYS A 327 4.46 4.86 -6.82
C LYS A 327 5.53 5.80 -6.28
N LYS A 328 6.46 5.23 -5.50
CA LYS A 328 7.51 6.02 -4.90
C LYS A 328 8.42 6.61 -5.97
N CYS A 329 8.80 7.87 -5.79
CA CYS A 329 9.68 8.55 -6.73
C CYS A 329 11.13 8.31 -6.36
N GLU A 330 11.89 7.74 -7.29
CA GLU A 330 13.29 7.37 -7.07
C GLU A 330 14.18 8.58 -7.32
N GLY A 331 15.08 8.86 -6.39
CA GLY A 331 15.99 9.97 -6.51
C GLY A 331 15.26 11.29 -6.51
N PRO A 332 15.46 12.09 -7.56
CA PRO A 332 14.67 13.32 -7.71
C PRO A 332 13.19 12.98 -7.84
N CYS A 333 12.36 13.91 -7.38
CA CYS A 333 10.92 13.67 -7.31
C CYS A 333 10.20 14.82 -7.98
N ARG A 334 9.10 14.51 -8.67
CA ARG A 334 8.37 15.52 -9.42
C ARG A 334 7.84 16.61 -8.49
N LYS A 335 7.89 17.85 -8.97
CA LYS A 335 7.54 19.00 -8.13
C LYS A 335 6.03 19.20 -8.08
N VAL A 336 5.36 18.46 -7.20
CA VAL A 336 3.95 18.74 -6.95
C VAL A 336 3.82 20.02 -6.14
N CYS A 337 2.72 20.73 -6.35
CA CYS A 337 2.60 22.09 -5.84
C CYS A 337 1.18 22.30 -5.33
N ASN A 338 1.04 22.64 -4.05
CA ASN A 338 -0.26 22.75 -3.42
C ASN A 338 -0.98 24.02 -3.88
N GLY A 339 -2.20 23.85 -4.36
CA GLY A 339 -2.99 24.95 -4.88
C GLY A 339 -3.51 25.86 -3.78
N ILE A 340 -4.44 26.73 -4.16
CA ILE A 340 -5.00 27.71 -3.24
C ILE A 340 -6.23 27.12 -2.56
N GLY A 341 -6.29 27.27 -1.25
CA GLY A 341 -7.35 26.69 -0.45
C GLY A 341 -6.92 25.51 0.38
N ILE A 342 -5.70 25.01 0.20
CA ILE A 342 -5.20 23.85 0.90
C ILE A 342 -3.92 24.23 1.62
N GLY A 343 -3.68 23.57 2.76
CA GLY A 343 -2.45 23.80 3.51
C GLY A 343 -2.33 25.23 3.99
N GLU A 344 -1.11 25.77 3.90
CA GLU A 344 -0.85 27.13 4.32
C GLU A 344 -1.68 28.16 3.57
N PHE A 345 -2.20 27.81 2.39
CA PHE A 345 -3.09 28.69 1.64
C PHE A 345 -4.52 28.56 2.15
N LYS A 346 -4.75 29.09 3.35
CA LYS A 346 -6.08 29.02 3.95
C LYS A 346 -6.64 30.42 4.17
N ASP A 347 -5.85 31.31 4.78
CA ASP A 347 -6.34 32.67 5.01
C ASP A 347 -6.35 33.47 3.72
N SER A 348 -5.72 32.96 2.66
CA SER A 348 -5.72 33.60 1.36
C SER A 348 -6.84 33.04 0.49
N LEU A 349 -7.35 33.89 -0.40
CA LEU A 349 -8.49 33.55 -1.25
C LEU A 349 -8.19 33.66 -2.73
N SER A 350 -7.12 34.36 -3.12
CA SER A 350 -6.69 34.42 -4.52
C SER A 350 -5.16 34.45 -4.53
N ILE A 351 -4.59 34.75 -5.69
CA ILE A 351 -3.12 34.81 -5.82
C ILE A 351 -2.72 36.23 -5.43
N ASN A 352 -2.55 36.43 -4.13
CA ASN A 352 -2.07 37.70 -3.62
C ASN A 352 -0.68 37.99 -4.18
N ALA A 353 -0.24 39.24 -4.05
CA ALA A 353 1.14 39.53 -4.42
C ALA A 353 2.05 39.25 -3.23
N THR A 354 1.82 38.10 -2.58
CA THR A 354 2.74 37.54 -1.60
C THR A 354 2.91 36.04 -1.74
N ASN A 355 1.98 35.34 -2.40
CA ASN A 355 2.05 33.89 -2.60
C ASN A 355 2.16 33.54 -4.08
N ILE A 356 2.65 34.48 -4.89
CA ILE A 356 2.90 34.19 -6.30
C ILE A 356 4.25 33.52 -6.50
N LYS A 357 5.24 33.84 -5.64
CA LYS A 357 6.56 33.24 -5.76
C LYS A 357 6.55 31.74 -5.45
N HIS A 358 5.45 31.23 -4.89
CA HIS A 358 5.34 29.82 -4.54
C HIS A 358 4.78 28.98 -5.67
N PHE A 359 4.92 29.45 -6.91
CA PHE A 359 4.46 28.71 -8.09
C PHE A 359 5.53 28.72 -9.18
N LYS A 360 6.80 28.88 -8.78
CA LYS A 360 7.89 29.08 -9.71
C LYS A 360 8.07 27.91 -10.68
N ASN A 361 8.40 26.75 -10.16
CA ASN A 361 8.69 25.58 -10.99
C ASN A 361 7.64 24.50 -10.80
N CYS A 362 6.45 24.87 -10.35
CA CYS A 362 5.39 23.89 -10.15
C CYS A 362 4.85 23.40 -11.49
N THR A 363 5.39 22.30 -12.00
CA THR A 363 4.89 21.72 -13.23
C THR A 363 3.46 21.22 -13.10
N SER A 364 3.02 20.89 -11.89
CA SER A 364 1.64 20.49 -11.65
C SER A 364 1.13 21.28 -10.45
N ILE A 365 -0.19 21.24 -10.27
CA ILE A 365 -0.83 21.97 -9.17
C ILE A 365 -1.79 21.01 -8.47
N SER A 366 -1.42 20.55 -7.28
CA SER A 366 -2.30 19.76 -6.44
C SER A 366 -3.24 20.72 -5.74
N GLY A 367 -4.49 20.77 -6.21
CA GLY A 367 -5.47 21.74 -5.74
C GLY A 367 -6.11 22.46 -6.91
N ASP A 368 -6.22 23.78 -6.78
CA ASP A 368 -6.95 24.60 -7.73
C ASP A 368 -6.39 26.02 -7.71
N LEU A 369 -6.74 26.79 -8.74
CA LEU A 369 -6.18 28.12 -8.94
C LEU A 369 -7.29 29.15 -8.97
N HIS A 370 -7.13 30.23 -8.20
CA HIS A 370 -8.06 31.35 -8.18
C HIS A 370 -7.33 32.60 -8.64
N ILE A 371 -7.96 33.36 -9.54
CA ILE A 371 -7.51 34.70 -9.90
C ILE A 371 -8.70 35.63 -9.84
N LEU A 372 -8.64 36.59 -8.93
CA LEU A 372 -9.73 37.53 -8.69
C LEU A 372 -9.19 38.96 -8.74
N PRO A 373 -10.05 39.94 -9.06
CA PRO A 373 -9.56 41.32 -9.19
C PRO A 373 -8.98 41.89 -7.91
N VAL A 374 -9.23 41.26 -6.75
CA VAL A 374 -8.65 41.76 -5.52
C VAL A 374 -7.13 41.72 -5.57
N ALA A 375 -6.58 40.75 -6.30
CA ALA A 375 -5.13 40.63 -6.42
C ALA A 375 -4.55 41.82 -7.17
N PHE A 376 -5.16 42.19 -8.30
CA PHE A 376 -4.70 43.33 -9.06
C PHE A 376 -5.09 44.66 -8.43
N ARG A 377 -6.10 44.66 -7.56
CA ARG A 377 -6.56 45.89 -6.94
C ARG A 377 -5.93 46.14 -5.58
N GLY A 378 -5.56 45.08 -4.86
CA GLY A 378 -4.95 45.24 -3.56
C GLY A 378 -5.96 45.20 -2.43
N ASP A 379 -5.71 44.37 -1.43
CA ASP A 379 -6.62 44.19 -0.30
C ASP A 379 -6.00 44.83 0.94
N SER A 380 -6.57 45.94 1.38
CA SER A 380 -6.12 46.56 2.62
C SER A 380 -6.51 45.70 3.82
N PHE A 381 -7.66 45.03 3.77
CA PHE A 381 -8.08 44.18 4.87
C PHE A 381 -7.12 43.02 5.09
N THR A 382 -6.53 42.51 4.01
CA THR A 382 -5.57 41.42 4.09
C THR A 382 -4.13 41.92 4.16
N HIS A 383 -3.89 43.18 3.82
CA HIS A 383 -2.57 43.81 3.87
C HIS A 383 -1.61 43.15 2.87
N THR A 384 -2.06 43.07 1.62
CA THR A 384 -1.25 42.55 0.52
C THR A 384 -1.22 43.58 -0.60
N PRO A 385 -0.05 43.99 -1.07
CA PRO A 385 0.01 44.99 -2.15
C PRO A 385 -0.53 44.43 -3.45
N PRO A 386 -0.83 45.28 -4.43
CA PRO A 386 -1.34 44.78 -5.71
C PRO A 386 -0.30 43.90 -6.41
N LEU A 387 -0.78 43.09 -7.34
CA LEU A 387 0.06 42.15 -8.06
C LEU A 387 0.64 42.80 -9.31
N ASP A 388 1.90 42.51 -9.58
CA ASP A 388 2.54 42.94 -10.82
C ASP A 388 1.83 42.28 -11.99
N PRO A 389 1.18 43.06 -12.85
CA PRO A 389 0.35 42.45 -13.90
C PRO A 389 1.11 41.52 -14.84
N GLN A 390 2.43 41.65 -14.91
CA GLN A 390 3.25 40.79 -15.75
C GLN A 390 3.81 39.59 -15.00
N GLU A 391 3.59 39.51 -13.68
CA GLU A 391 4.13 38.40 -12.90
C GLU A 391 3.41 37.09 -13.20
N LEU A 392 2.27 37.14 -13.88
CA LEU A 392 1.51 35.92 -14.15
C LEU A 392 2.28 34.94 -15.02
N ASP A 393 3.29 35.40 -15.76
CA ASP A 393 4.06 34.50 -16.62
C ASP A 393 4.84 33.45 -15.84
N ILE A 394 4.94 33.59 -14.51
CA ILE A 394 5.53 32.54 -13.70
C ILE A 394 4.74 31.24 -13.84
N LEU A 395 3.43 31.36 -14.02
CA LEU A 395 2.54 30.22 -14.13
C LEU A 395 2.64 29.51 -15.48
N LYS A 396 3.61 29.89 -16.31
CA LYS A 396 3.74 29.25 -17.62
C LYS A 396 4.07 27.77 -17.49
N THR A 397 4.92 27.42 -16.53
CA THR A 397 5.36 26.03 -16.40
C THR A 397 4.24 25.09 -15.95
N VAL A 398 3.11 25.63 -15.49
CA VAL A 398 2.01 24.78 -15.04
C VAL A 398 1.50 23.94 -16.21
N LYS A 399 1.31 22.64 -15.95
CA LYS A 399 0.95 21.72 -17.01
C LYS A 399 -0.33 20.95 -16.69
N GLU A 400 -0.62 20.74 -15.41
CA GLU A 400 -1.79 19.97 -15.02
C GLU A 400 -2.42 20.58 -13.77
N ILE A 401 -3.73 20.79 -13.82
CA ILE A 401 -4.50 21.32 -12.71
C ILE A 401 -5.38 20.21 -12.16
N THR A 402 -5.27 19.94 -10.86
CA THR A 402 -6.04 18.87 -10.25
C THR A 402 -7.50 19.28 -10.03
N GLY A 403 -7.73 20.48 -9.51
CA GLY A 403 -9.08 20.93 -9.24
C GLY A 403 -9.69 21.69 -10.40
N PHE A 404 -9.95 22.97 -10.20
CA PHE A 404 -10.57 23.79 -11.23
C PHE A 404 -9.74 25.04 -11.47
N LEU A 405 -10.08 25.75 -12.54
CA LEU A 405 -9.47 27.03 -12.88
C LEU A 405 -10.55 28.09 -12.91
N LEU A 406 -10.42 29.08 -12.03
CA LEU A 406 -11.38 30.18 -11.93
C LEU A 406 -10.65 31.49 -12.19
N ILE A 407 -11.02 32.16 -13.28
CA ILE A 407 -10.44 33.44 -13.64
C ILE A 407 -11.56 34.46 -13.73
N GLN A 408 -11.43 35.54 -12.98
CA GLN A 408 -12.40 36.63 -13.02
C GLN A 408 -11.75 37.98 -13.25
N ALA A 409 -10.47 38.01 -13.58
CA ALA A 409 -9.78 39.26 -13.88
C ALA A 409 -8.45 39.02 -14.58
N TRP A 410 -8.23 39.69 -15.71
CA TRP A 410 -6.97 39.69 -16.41
C TRP A 410 -6.73 41.11 -16.89
N PRO A 411 -5.49 41.60 -16.81
CA PRO A 411 -5.22 42.99 -17.20
C PRO A 411 -5.74 43.31 -18.60
N GLU A 412 -6.21 44.55 -18.77
CA GLU A 412 -6.83 44.94 -20.03
C GLU A 412 -5.81 45.05 -21.16
N ASN A 413 -4.54 45.27 -20.85
CA ASN A 413 -3.52 45.36 -21.89
C ASN A 413 -3.41 44.05 -22.65
N ARG A 414 -3.17 42.95 -21.94
CA ARG A 414 -3.07 41.66 -22.59
C ARG A 414 -4.39 41.28 -23.26
N THR A 415 -4.28 40.54 -24.37
CA THR A 415 -5.45 40.16 -25.15
C THR A 415 -5.67 38.65 -25.15
N ASP A 416 -4.92 37.90 -24.33
CA ASP A 416 -5.12 36.46 -24.22
C ASP A 416 -4.45 36.00 -22.93
N LEU A 417 -4.78 34.77 -22.53
CA LEU A 417 -4.21 34.18 -21.33
C LEU A 417 -2.76 33.79 -21.62
N HIS A 418 -1.89 34.80 -21.56
CA HIS A 418 -0.48 34.64 -21.90
C HIS A 418 0.30 33.90 -20.84
N ALA A 419 -0.34 33.30 -19.84
CA ALA A 419 0.36 32.58 -18.80
C ALA A 419 0.00 31.11 -18.74
N PHE A 420 -1.09 30.69 -19.38
CA PHE A 420 -1.51 29.30 -19.37
C PHE A 420 -1.43 28.69 -20.77
N GLU A 421 -0.49 29.16 -21.58
CA GLU A 421 -0.30 28.62 -22.91
C GLU A 421 0.30 27.22 -22.91
N ASN A 422 0.82 26.76 -21.77
CA ASN A 422 1.38 25.42 -21.67
C ASN A 422 0.47 24.46 -20.91
N LEU A 423 -0.68 24.92 -20.44
CA LEU A 423 -1.57 24.07 -19.66
C LEU A 423 -2.12 22.93 -20.54
N GLU A 424 -2.06 21.72 -20.02
CA GLU A 424 -2.38 20.52 -20.79
C GLU A 424 -3.72 19.90 -20.41
N ILE A 425 -3.94 19.65 -19.11
CA ILE A 425 -5.10 18.91 -18.67
C ILE A 425 -5.57 19.48 -17.33
N ILE A 426 -6.89 19.54 -17.17
CA ILE A 426 -7.52 19.95 -15.92
C ILE A 426 -8.27 18.73 -15.39
N ARG A 427 -7.78 18.16 -14.30
CA ARG A 427 -8.38 16.93 -13.78
C ARG A 427 -9.82 17.16 -13.34
N GLY A 428 -10.02 18.02 -12.34
CA GLY A 428 -11.35 18.25 -11.83
C GLY A 428 -11.62 17.51 -10.55
N ARG A 429 -10.66 17.53 -9.63
CA ARG A 429 -10.83 16.84 -8.36
C ARG A 429 -11.74 17.63 -7.43
N THR A 430 -11.30 18.82 -7.02
CA THR A 430 -12.05 19.71 -6.15
C THR A 430 -12.63 20.83 -7.01
N LYS A 431 -13.78 20.57 -7.63
CA LYS A 431 -14.36 21.49 -8.60
C LYS A 431 -15.16 22.58 -7.91
N GLN A 432 -15.14 23.77 -8.51
CA GLN A 432 -15.88 24.91 -7.99
C GLN A 432 -17.38 24.63 -7.97
N HIS A 433 -18.04 25.09 -6.91
CA HIS A 433 -19.51 25.06 -6.81
C HIS A 433 -20.07 23.64 -6.88
N GLY A 434 -19.25 22.62 -6.68
CA GLY A 434 -19.66 21.29 -7.06
C GLY A 434 -20.04 21.21 -8.53
N GLN A 435 -19.43 22.06 -9.34
CA GLN A 435 -19.85 22.39 -10.69
C GLN A 435 -18.64 22.77 -11.52
N PHE A 436 -18.88 23.62 -12.52
CA PHE A 436 -17.95 23.97 -13.59
C PHE A 436 -16.49 23.96 -13.16
N SER A 437 -15.66 23.24 -13.93
CA SER A 437 -14.25 23.10 -13.65
C SER A 437 -13.39 24.16 -14.32
N LEU A 438 -13.89 24.80 -15.37
CA LEU A 438 -13.22 25.93 -16.00
C LEU A 438 -14.21 27.08 -16.07
N ALA A 439 -13.85 28.22 -15.50
CA ALA A 439 -14.73 29.39 -15.46
C ALA A 439 -13.92 30.62 -15.84
N VAL A 440 -14.26 31.22 -16.96
CA VAL A 440 -13.63 32.45 -17.45
C VAL A 440 -14.75 33.44 -17.71
N VAL A 441 -15.06 34.28 -16.72
CA VAL A 441 -16.20 35.18 -16.78
C VAL A 441 -15.75 36.59 -16.45
N SER A 442 -16.36 37.57 -17.13
CA SER A 442 -16.07 38.99 -16.95
C SER A 442 -14.61 39.30 -17.27
N LEU A 443 -14.24 39.05 -18.52
CA LEU A 443 -12.90 39.31 -19.01
C LEU A 443 -12.96 40.30 -20.18
N ASN A 444 -11.80 40.86 -20.53
CA ASN A 444 -11.63 41.66 -21.74
C ASN A 444 -10.39 41.11 -22.45
N ILE A 445 -10.60 40.05 -23.25
CA ILE A 445 -9.53 39.38 -23.97
C ILE A 445 -10.10 38.88 -25.29
N THR A 446 -9.44 39.23 -26.39
CA THR A 446 -9.96 38.88 -27.71
C THR A 446 -9.83 37.38 -27.99
N SER A 447 -8.61 36.86 -27.89
CA SER A 447 -8.37 35.44 -28.09
C SER A 447 -8.20 34.75 -26.75
N LEU A 448 -8.68 33.51 -26.65
CA LEU A 448 -8.68 32.80 -25.38
C LEU A 448 -7.24 32.55 -24.91
N GLY A 449 -6.48 31.75 -25.66
CA GLY A 449 -5.07 31.59 -25.40
C GLY A 449 -4.64 30.25 -24.83
N LEU A 450 -5.54 29.27 -24.73
CA LEU A 450 -5.19 27.96 -24.22
C LEU A 450 -4.93 27.03 -25.40
N ARG A 451 -3.72 27.12 -25.94
CA ARG A 451 -3.36 26.37 -27.13
C ARG A 451 -3.11 24.90 -26.86
N SER A 452 -2.97 24.50 -25.59
CA SER A 452 -2.52 23.17 -25.25
C SER A 452 -3.54 22.39 -24.43
N LEU A 453 -4.78 22.87 -24.35
CA LEU A 453 -5.83 22.08 -23.71
C LEU A 453 -6.12 20.85 -24.55
N LYS A 454 -6.11 19.69 -23.90
CA LYS A 454 -6.33 18.44 -24.63
C LYS A 454 -7.44 17.61 -24.00
N GLU A 455 -7.63 17.76 -22.69
CA GLU A 455 -8.70 17.03 -22.01
C GLU A 455 -9.02 17.70 -20.68
N ILE A 456 -10.31 17.83 -20.40
CA ILE A 456 -10.82 18.23 -19.10
C ILE A 456 -11.67 17.05 -18.61
N SER A 457 -11.13 16.27 -17.67
CA SER A 457 -11.70 14.95 -17.38
C SER A 457 -13.13 15.05 -16.87
N ASP A 458 -13.32 15.69 -15.72
CA ASP A 458 -14.65 15.78 -15.11
C ASP A 458 -14.92 17.20 -14.66
N GLY A 459 -16.15 17.64 -14.86
CA GLY A 459 -16.57 18.96 -14.46
C GLY A 459 -17.48 19.60 -15.48
N ASP A 460 -17.51 20.93 -15.52
CA ASP A 460 -18.18 21.67 -16.57
C ASP A 460 -17.33 22.90 -16.89
N VAL A 461 -17.79 23.69 -17.84
CA VAL A 461 -17.06 24.88 -18.26
C VAL A 461 -18.05 25.95 -18.67
N ILE A 462 -17.87 27.16 -18.15
CA ILE A 462 -18.60 28.33 -18.60
C ILE A 462 -17.58 29.40 -18.98
N ILE A 463 -17.73 29.94 -20.19
CA ILE A 463 -17.00 31.10 -20.64
C ILE A 463 -18.05 32.07 -21.13
N SER A 464 -18.28 33.14 -20.38
CA SER A 464 -19.37 34.06 -20.70
C SER A 464 -19.05 35.41 -20.09
N GLY A 465 -19.87 36.40 -20.44
CA GLY A 465 -19.63 37.75 -19.97
C GLY A 465 -18.33 38.35 -20.49
N ASN A 466 -17.97 38.04 -21.73
CA ASN A 466 -16.78 38.59 -22.37
C ASN A 466 -17.22 39.31 -23.64
N LYS A 467 -17.19 40.64 -23.60
CA LYS A 467 -17.65 41.45 -24.72
C LYS A 467 -16.82 41.17 -25.97
N ASN A 468 -15.53 41.48 -25.90
CA ASN A 468 -14.62 41.31 -27.04
C ASN A 468 -13.83 40.02 -26.84
N LEU A 469 -14.47 38.90 -27.19
CA LEU A 469 -13.84 37.58 -27.14
C LEU A 469 -14.52 36.71 -28.17
N CYS A 470 -13.75 35.96 -28.94
CA CYS A 470 -14.31 35.13 -29.99
C CYS A 470 -13.55 33.81 -30.03
N TYR A 471 -13.84 33.01 -31.06
CA TYR A 471 -13.19 31.72 -31.31
C TYR A 471 -13.56 30.68 -30.26
N ALA A 472 -14.38 31.06 -29.28
CA ALA A 472 -14.74 30.14 -28.21
C ALA A 472 -15.89 29.22 -28.60
N ASN A 473 -16.61 29.53 -29.66
CA ASN A 473 -17.68 28.66 -30.15
C ASN A 473 -17.21 27.70 -31.23
N THR A 474 -16.00 27.91 -31.76
CA THR A 474 -15.50 27.04 -32.82
C THR A 474 -14.98 25.72 -32.26
N ILE A 475 -14.34 25.75 -31.09
CA ILE A 475 -13.79 24.53 -30.51
C ILE A 475 -14.91 23.54 -30.24
N ASN A 476 -14.59 22.25 -30.36
CA ASN A 476 -15.52 21.17 -30.06
C ASN A 476 -15.18 20.68 -28.66
N TRP A 477 -15.81 21.29 -27.65
CA TRP A 477 -15.55 20.92 -26.28
C TRP A 477 -15.96 19.48 -26.00
N LYS A 478 -16.87 18.92 -26.81
CA LYS A 478 -17.33 17.56 -26.60
C LYS A 478 -16.19 16.56 -26.59
N LYS A 479 -15.09 16.87 -27.28
CA LYS A 479 -13.92 16.01 -27.28
C LYS A 479 -13.03 16.19 -26.05
N LEU A 480 -12.95 17.42 -25.53
CA LEU A 480 -12.08 17.70 -24.39
C LEU A 480 -12.62 17.14 -23.08
N PHE A 481 -13.87 16.69 -23.05
CA PHE A 481 -14.50 16.24 -21.83
C PHE A 481 -14.24 14.75 -21.64
N GLY A 482 -13.59 14.41 -20.53
CA GLY A 482 -13.24 13.03 -20.25
C GLY A 482 -14.45 12.13 -20.05
N THR A 483 -15.20 12.36 -18.97
CA THR A 483 -16.35 11.53 -18.67
C THR A 483 -17.56 11.99 -19.48
N SER A 484 -18.67 11.26 -19.31
CA SER A 484 -19.92 11.59 -19.98
C SER A 484 -20.90 12.18 -18.98
N GLY A 485 -21.67 13.16 -19.44
CA GLY A 485 -22.57 13.92 -18.60
C GLY A 485 -22.20 15.37 -18.46
N GLN A 486 -20.94 15.72 -18.71
CA GLN A 486 -20.52 17.11 -18.67
C GLN A 486 -21.24 17.91 -19.76
N LYS A 487 -21.26 19.23 -19.57
CA LYS A 487 -21.91 20.12 -20.51
C LYS A 487 -21.35 21.52 -20.31
N THR A 488 -21.42 22.31 -21.37
CA THR A 488 -20.90 23.67 -21.35
C THR A 488 -22.02 24.69 -21.39
N LYS A 489 -21.69 25.91 -20.96
CA LYS A 489 -22.61 27.05 -21.02
C LYS A 489 -21.79 28.24 -21.49
N ILE A 490 -21.92 28.57 -22.77
CA ILE A 490 -21.18 29.65 -23.40
C ILE A 490 -22.20 30.60 -24.02
N ILE A 491 -22.42 31.74 -23.37
CA ILE A 491 -23.34 32.77 -23.83
C ILE A 491 -22.69 34.13 -23.59
N SER A 492 -23.37 35.18 -24.02
CA SER A 492 -22.97 36.56 -23.76
C SER A 492 -21.63 36.93 -24.39
N ASN A 493 -21.01 35.98 -25.08
CA ASN A 493 -19.77 36.26 -25.80
C ASN A 493 -20.08 37.05 -27.06
N ARG A 494 -19.05 37.63 -27.66
CA ARG A 494 -19.20 38.40 -28.88
C ARG A 494 -19.99 37.60 -29.90
N GLY A 495 -20.95 38.27 -30.54
CA GLY A 495 -21.92 37.58 -31.38
C GLY A 495 -21.28 36.83 -32.53
N GLU A 496 -22.09 36.00 -33.17
CA GLU A 496 -21.62 35.20 -34.30
C GLU A 496 -21.25 36.10 -35.48
N ASN A 497 -22.14 37.00 -35.85
CA ASN A 497 -21.91 37.83 -37.03
C ASN A 497 -20.98 39.00 -36.75
N SER A 498 -20.87 39.44 -35.50
CA SER A 498 -19.90 40.48 -35.17
C SER A 498 -18.48 39.96 -35.35
N CYS A 499 -18.30 38.64 -35.29
CA CYS A 499 -17.04 38.00 -35.64
C CYS A 499 -16.97 37.56 -37.08
N LYS A 500 -18.06 37.00 -37.61
CA LYS A 500 -18.04 36.47 -38.97
C LYS A 500 -17.80 37.58 -39.98
N ALA A 501 -18.65 38.62 -39.95
CA ALA A 501 -18.47 39.74 -40.87
C ALA A 501 -17.54 40.81 -40.28
N THR A 502 -16.37 40.39 -39.81
CA THR A 502 -15.30 41.34 -39.50
C THR A 502 -13.92 40.78 -39.81
N GLY A 503 -13.81 39.55 -40.34
CA GLY A 503 -12.55 38.95 -40.68
C GLY A 503 -11.95 38.06 -39.60
N GLN A 504 -12.23 38.35 -38.34
CA GLN A 504 -11.66 37.59 -37.23
C GLN A 504 -12.38 36.25 -37.07
N VAL A 505 -12.17 35.37 -38.05
CA VAL A 505 -12.74 34.04 -38.05
C VAL A 505 -11.61 33.03 -37.99
N CYS A 506 -11.99 31.75 -37.99
CA CYS A 506 -11.03 30.68 -37.92
C CYS A 506 -10.11 30.71 -39.13
N HIS A 507 -8.84 30.35 -38.91
CA HIS A 507 -7.85 30.45 -39.97
C HIS A 507 -8.13 29.44 -41.09
N ALA A 508 -7.71 29.81 -42.29
CA ALA A 508 -7.92 28.93 -43.44
C ALA A 508 -6.89 27.81 -43.49
N LEU A 509 -5.68 28.06 -43.01
CA LEU A 509 -4.65 27.02 -42.95
C LEU A 509 -4.78 26.22 -41.67
N CYS A 510 -6.00 25.77 -41.36
CA CYS A 510 -6.26 25.02 -40.14
C CYS A 510 -7.39 24.05 -40.39
N SER A 511 -7.64 23.21 -39.39
CA SER A 511 -8.72 22.25 -39.48
C SER A 511 -10.06 22.96 -39.67
N PRO A 512 -11.06 22.29 -40.25
CA PRO A 512 -12.39 22.93 -40.39
C PRO A 512 -13.01 23.32 -39.06
N GLU A 513 -12.41 22.88 -37.96
CA GLU A 513 -12.90 23.20 -36.63
C GLU A 513 -11.70 23.15 -35.67
N GLY A 514 -11.95 23.46 -34.42
CA GLY A 514 -10.91 23.41 -33.40
C GLY A 514 -9.80 24.42 -33.61
N CYS A 515 -10.10 25.70 -33.43
CA CYS A 515 -9.09 26.75 -33.50
C CYS A 515 -9.27 27.69 -32.31
N TRP A 516 -8.16 28.25 -31.83
CA TRP A 516 -8.17 29.11 -30.67
C TRP A 516 -7.86 30.57 -31.00
N GLY A 517 -7.57 30.89 -32.26
CA GLY A 517 -7.31 32.26 -32.63
C GLY A 517 -6.75 32.44 -34.02
N PRO A 518 -6.42 33.69 -34.37
CA PRO A 518 -5.93 33.99 -35.71
C PRO A 518 -4.54 33.45 -36.00
N GLU A 519 -3.59 33.70 -35.09
CA GLU A 519 -2.19 33.37 -35.30
C GLU A 519 -2.04 31.88 -35.63
N PRO A 520 -1.01 31.53 -36.41
CA PRO A 520 -0.88 30.13 -36.85
C PRO A 520 -0.46 29.18 -35.75
N ARG A 521 0.07 29.68 -34.63
CA ARG A 521 0.58 28.83 -33.57
C ARG A 521 -0.46 27.85 -33.03
N ASP A 522 -1.72 28.29 -32.95
CA ASP A 522 -2.74 27.57 -32.20
C ASP A 522 -4.03 27.41 -33.00
N CYS A 523 -4.23 26.21 -33.55
CA CYS A 523 -5.54 25.89 -34.16
C CYS A 523 -5.66 24.36 -34.10
N VAL A 524 -5.38 23.75 -32.95
CA VAL A 524 -5.41 22.25 -32.76
C VAL A 524 -4.99 21.48 -34.01
N SER A 525 -5.93 20.86 -34.73
CA SER A 525 -5.59 19.95 -35.87
C SER A 525 -5.19 20.68 -37.15
N CYS A 526 -4.47 19.99 -38.04
CA CYS A 526 -4.03 20.59 -39.33
C CYS A 526 -4.54 19.74 -40.49
N ARG A 527 -4.80 20.36 -41.64
CA ARG A 527 -5.17 19.57 -42.80
C ARG A 527 -3.98 19.20 -43.68
N ASN A 528 -2.81 19.76 -43.39
CA ASN A 528 -1.60 19.52 -44.17
C ASN A 528 -0.43 19.40 -43.20
N VAL A 529 0.78 19.53 -43.72
CA VAL A 529 2.01 19.37 -42.93
C VAL A 529 2.09 20.45 -41.86
N SER A 530 2.92 20.23 -40.84
CA SER A 530 2.99 21.14 -39.71
C SER A 530 4.41 21.09 -39.15
N ARG A 531 5.02 22.26 -38.95
CA ARG A 531 6.37 22.31 -38.40
C ARG A 531 6.34 22.08 -36.89
N GLY A 532 5.87 20.91 -36.47
CA GLY A 532 5.81 20.59 -35.06
C GLY A 532 4.58 21.14 -34.37
N ARG A 533 4.27 22.41 -34.60
CA ARG A 533 3.14 23.06 -33.94
C ARG A 533 2.24 23.82 -34.90
N GLU A 534 2.80 24.33 -35.99
CA GLU A 534 2.11 25.32 -36.82
C GLU A 534 1.52 24.63 -38.05
N CYS A 535 0.20 24.73 -38.21
CA CYS A 535 -0.45 24.19 -39.39
C CYS A 535 -0.08 25.01 -40.62
N VAL A 536 0.61 24.38 -41.57
CA VAL A 536 1.01 25.01 -42.82
C VAL A 536 0.56 24.10 -43.98
N ASP A 537 0.65 24.62 -45.20
CA ASP A 537 0.19 23.89 -46.38
C ASP A 537 1.26 22.98 -46.98
N LYS A 538 2.49 23.47 -47.11
CA LYS A 538 3.56 22.72 -47.75
C LYS A 538 4.89 23.04 -47.09
N CYS A 539 5.57 22.01 -46.59
CA CYS A 539 6.90 22.24 -46.04
C CYS A 539 7.98 21.91 -47.06
N ASN A 540 9.23 22.03 -46.56
CA ASN A 540 10.44 21.91 -47.40
C ASN A 540 10.72 20.50 -47.87
N LEU A 541 9.97 20.03 -48.86
CA LEU A 541 10.28 18.75 -49.47
C LEU A 541 11.13 18.90 -50.72
N LEU A 542 10.85 19.90 -51.55
CA LEU A 542 11.58 20.11 -52.79
C LEU A 542 12.57 21.27 -52.74
N GLU A 543 12.27 22.33 -52.01
CA GLU A 543 13.17 23.48 -51.89
C GLU A 543 13.27 23.86 -50.42
N GLY A 544 13.85 25.03 -50.15
CA GLY A 544 14.12 25.42 -48.78
C GLY A 544 15.43 24.84 -48.30
N GLU A 545 16.18 25.61 -47.50
CA GLU A 545 17.52 25.17 -47.10
C GLU A 545 17.43 24.05 -46.06
N PRO A 546 16.73 24.23 -44.92
CA PRO A 546 16.53 23.06 -44.04
C PRO A 546 15.39 22.19 -44.55
N ARG A 547 15.73 21.07 -45.17
CA ARG A 547 14.71 20.21 -45.76
C ARG A 547 14.08 19.33 -44.71
N GLU A 548 12.91 18.78 -45.04
CA GLU A 548 12.16 17.95 -44.12
C GLU A 548 11.61 16.75 -44.87
N PHE A 549 10.87 15.90 -44.17
CA PHE A 549 10.20 14.76 -44.77
C PHE A 549 8.95 14.44 -43.95
N VAL A 550 7.91 13.98 -44.63
CA VAL A 550 6.58 13.84 -44.06
C VAL A 550 6.40 12.41 -43.57
N GLU A 551 5.90 12.28 -42.35
CA GLU A 551 5.52 10.98 -41.79
C GLU A 551 4.26 11.17 -40.96
N ASN A 552 3.17 10.51 -41.38
CA ASN A 552 1.87 10.62 -40.72
C ASN A 552 1.35 12.06 -40.75
N SER A 553 1.70 12.79 -41.81
CA SER A 553 1.26 14.17 -42.02
C SER A 553 1.85 15.12 -40.96
N GLU A 554 3.07 14.80 -40.51
CA GLU A 554 3.83 15.69 -39.65
C GLU A 554 5.28 15.66 -40.14
N CYS A 555 5.65 16.65 -40.96
CA CYS A 555 6.95 16.60 -41.60
C CYS A 555 8.02 17.19 -40.68
N ILE A 556 9.14 16.47 -40.58
CA ILE A 556 10.18 16.74 -39.59
C ILE A 556 11.49 16.98 -40.33
N GLN A 557 12.30 17.90 -39.83
CA GLN A 557 13.56 18.28 -40.46
C GLN A 557 14.54 17.10 -40.45
N CYS A 558 15.54 17.17 -41.33
CA CYS A 558 16.54 16.13 -41.48
C CYS A 558 17.91 16.77 -41.68
N HIS A 559 18.93 15.91 -41.77
CA HIS A 559 20.31 16.38 -41.71
C HIS A 559 20.62 17.34 -42.85
N PRO A 560 21.44 18.38 -42.61
CA PRO A 560 21.93 19.22 -43.71
C PRO A 560 23.08 18.56 -44.44
N GLU A 561 23.73 17.60 -43.78
CA GLU A 561 24.88 16.92 -44.36
C GLU A 561 24.51 16.05 -45.54
N CYS A 562 23.25 15.70 -45.71
CA CYS A 562 22.81 14.99 -46.90
C CYS A 562 22.84 15.95 -48.09
N LEU A 563 22.64 15.42 -49.30
CA LEU A 563 22.72 16.32 -50.42
C LEU A 563 21.33 16.86 -50.77
N PRO A 564 21.22 18.13 -51.13
CA PRO A 564 19.92 18.67 -51.55
C PRO A 564 19.51 18.13 -52.91
N GLN A 565 18.56 17.19 -52.93
CA GLN A 565 18.09 16.56 -54.16
C GLN A 565 17.06 17.49 -54.79
N ALA A 566 17.47 18.21 -55.83
CA ALA A 566 16.59 19.14 -56.52
C ALA A 566 15.51 18.45 -57.33
N MET A 567 15.55 17.13 -57.47
CA MET A 567 14.56 16.39 -58.25
C MET A 567 13.54 15.70 -57.35
N ASN A 568 13.99 14.84 -56.45
CA ASN A 568 13.12 14.06 -55.58
C ASN A 568 13.41 14.39 -54.12
N ILE A 569 12.84 13.60 -53.22
CA ILE A 569 13.08 13.77 -51.79
C ILE A 569 14.58 13.66 -51.52
N THR A 570 15.07 14.48 -50.58
CA THR A 570 16.49 14.60 -50.31
C THR A 570 16.92 13.92 -49.02
N CYS A 571 16.00 13.22 -48.36
CA CYS A 571 16.34 12.42 -47.19
C CYS A 571 15.18 11.49 -46.89
N THR A 572 15.50 10.36 -46.26
CA THR A 572 14.51 9.32 -46.04
C THR A 572 14.28 9.06 -44.56
N GLY A 573 14.43 10.10 -43.73
CA GLY A 573 14.24 9.95 -42.31
C GLY A 573 14.97 10.99 -41.50
N ARG A 574 15.60 10.55 -40.41
CA ARG A 574 16.32 11.45 -39.51
C ARG A 574 17.79 11.11 -39.40
N GLY A 575 18.13 9.83 -39.28
CA GLY A 575 19.50 9.43 -39.03
C GLY A 575 20.41 9.65 -40.21
N PRO A 576 21.68 9.26 -40.06
CA PRO A 576 22.67 9.56 -41.11
C PRO A 576 22.54 8.66 -42.32
N ASP A 577 22.14 7.41 -42.10
CA ASP A 577 21.92 6.49 -43.20
C ASP A 577 20.64 6.80 -43.99
N ASN A 578 19.99 7.93 -43.71
CA ASN A 578 18.79 8.29 -44.44
C ASN A 578 19.05 9.51 -45.31
N CYS A 579 20.20 9.54 -45.97
CA CYS A 579 20.48 10.50 -47.04
C CYS A 579 20.40 9.78 -48.37
N ILE A 580 19.55 10.28 -49.27
CA ILE A 580 19.43 9.69 -50.60
C ILE A 580 20.80 9.56 -51.25
N GLN A 581 21.62 10.61 -51.15
CA GLN A 581 23.01 10.57 -51.60
C GLN A 581 23.79 11.49 -50.68
N CYS A 582 24.42 10.92 -49.65
CA CYS A 582 25.10 11.74 -48.65
C CYS A 582 26.31 12.43 -49.26
N ALA A 583 26.27 13.77 -49.31
CA ALA A 583 27.32 14.54 -49.97
C ALA A 583 28.68 14.37 -49.31
N HIS A 584 28.72 13.86 -48.08
CA HIS A 584 29.96 13.67 -47.36
C HIS A 584 30.30 12.18 -47.29
N TYR A 585 31.38 11.87 -46.58
CA TYR A 585 31.92 10.52 -46.59
C TYR A 585 31.00 9.58 -45.81
N ILE A 586 30.80 8.38 -46.35
CA ILE A 586 29.83 7.42 -45.85
C ILE A 586 30.60 6.26 -45.22
N ASP A 587 30.36 6.01 -43.94
CA ASP A 587 30.95 4.86 -43.25
C ASP A 587 29.83 3.90 -42.87
N GLY A 588 29.47 3.03 -43.79
CA GLY A 588 28.44 2.04 -43.56
C GLY A 588 27.09 2.65 -43.24
N PRO A 589 26.60 2.40 -42.03
CA PRO A 589 25.30 2.95 -41.62
C PRO A 589 25.39 4.39 -41.15
N HIS A 590 26.57 5.01 -41.27
CA HIS A 590 26.81 6.37 -40.79
C HIS A 590 27.53 7.17 -41.87
N CYS A 591 27.04 8.37 -42.14
CA CYS A 591 27.78 9.36 -42.92
C CYS A 591 27.82 10.66 -42.12
N VAL A 592 29.02 11.21 -41.95
CA VAL A 592 29.23 12.43 -41.17
C VAL A 592 29.99 13.42 -42.03
N LYS A 593 30.01 14.69 -41.58
CA LYS A 593 30.71 15.74 -42.30
C LYS A 593 32.13 15.34 -42.65
N THR A 594 32.84 14.75 -41.69
CA THR A 594 34.19 14.26 -41.93
C THR A 594 34.38 12.98 -41.12
N CYS A 595 34.63 11.86 -41.80
CA CYS A 595 34.77 10.55 -41.19
C CYS A 595 35.79 10.59 -40.04
N PRO A 596 35.62 9.77 -39.01
CA PRO A 596 36.45 9.90 -37.81
C PRO A 596 37.94 9.82 -38.12
N ALA A 597 38.71 10.65 -37.42
CA ALA A 597 40.14 10.82 -37.65
C ALA A 597 40.91 10.71 -36.34
N GLY A 598 40.63 9.65 -35.58
CA GLY A 598 41.36 9.40 -34.35
C GLY A 598 40.50 9.43 -33.11
N VAL A 599 39.23 9.04 -33.26
CA VAL A 599 38.28 9.05 -32.16
C VAL A 599 38.52 7.85 -31.26
N MET A 600 38.58 8.09 -29.96
CA MET A 600 38.65 7.00 -28.99
C MET A 600 37.38 6.18 -29.04
N GLY A 601 37.53 4.86 -28.92
CA GLY A 601 36.39 3.98 -29.06
C GLY A 601 36.27 2.92 -27.98
N GLU A 602 35.66 1.79 -28.34
CA GLU A 602 35.44 0.69 -27.41
C GLU A 602 36.61 -0.29 -27.45
N ASN A 603 36.68 -1.13 -26.42
CA ASN A 603 37.72 -2.15 -26.27
C ASN A 603 39.12 -1.55 -26.15
N ASN A 604 39.21 -0.27 -25.82
CA ASN A 604 40.48 0.43 -25.64
C ASN A 604 41.34 0.37 -26.90
N THR A 605 40.76 0.81 -28.02
CA THR A 605 41.51 0.91 -29.27
C THR A 605 41.13 2.19 -30.00
N LEU A 606 41.90 2.57 -31.01
CA LEU A 606 41.71 3.83 -31.71
C LEU A 606 41.22 3.56 -33.13
N VAL A 607 40.23 4.36 -33.54
CA VAL A 607 39.65 4.29 -34.87
C VAL A 607 40.31 5.37 -35.73
N TRP A 608 40.98 4.94 -36.79
CA TRP A 608 41.76 5.86 -37.63
C TRP A 608 41.38 5.63 -39.09
N LYS A 609 40.86 6.67 -39.73
CA LYS A 609 40.48 6.64 -41.14
C LYS A 609 41.33 7.65 -41.90
N TYR A 610 41.03 7.80 -43.18
CA TYR A 610 41.77 8.74 -44.02
C TYR A 610 40.88 9.21 -45.16
N ALA A 611 41.43 10.04 -46.03
CA ALA A 611 40.71 10.61 -47.15
C ALA A 611 41.33 10.18 -48.48
N ASP A 612 40.51 10.17 -49.52
CA ASP A 612 40.96 9.80 -50.87
C ASP A 612 40.11 10.55 -51.88
N ALA A 613 40.24 10.17 -53.15
CA ALA A 613 39.48 10.82 -54.21
C ALA A 613 38.04 10.32 -54.25
N GLY A 614 37.86 9.01 -54.21
CA GLY A 614 36.54 8.40 -54.27
C GLY A 614 35.65 8.72 -53.09
N HIS A 615 36.22 9.38 -52.08
CA HIS A 615 35.48 9.86 -50.91
C HIS A 615 34.87 8.70 -50.12
N VAL A 616 35.73 7.75 -49.76
CA VAL A 616 35.37 6.66 -48.87
C VAL A 616 36.46 6.54 -47.82
N CYS A 617 36.07 6.17 -46.61
CA CYS A 617 36.99 6.08 -45.48
C CYS A 617 37.04 4.65 -44.95
N HIS A 618 38.26 4.14 -44.76
CA HIS A 618 38.49 2.81 -44.21
C HIS A 618 39.49 2.91 -43.06
N LEU A 619 39.63 1.81 -42.34
CA LEU A 619 40.55 1.79 -41.19
C LEU A 619 41.99 1.93 -41.66
N CYS A 620 42.78 2.68 -40.90
CA CYS A 620 44.17 2.90 -41.26
C CYS A 620 45.06 1.78 -40.74
N HIS A 621 46.27 1.72 -41.28
CA HIS A 621 47.26 0.77 -40.82
C HIS A 621 47.64 1.07 -39.37
N PRO A 622 47.47 0.13 -38.46
CA PRO A 622 47.69 0.41 -37.03
C PRO A 622 49.15 0.73 -36.68
N ASN A 623 50.05 0.82 -37.66
CA ASN A 623 51.46 1.05 -37.37
C ASN A 623 51.69 2.41 -36.75
N CYS A 624 51.21 3.47 -37.40
CA CYS A 624 51.44 4.83 -36.92
C CYS A 624 50.22 5.29 -36.12
N THR A 625 50.47 5.80 -34.91
CA THR A 625 49.38 6.34 -34.10
C THR A 625 48.76 7.58 -34.75
N TYR A 626 49.56 8.33 -35.52
CA TYR A 626 49.11 9.59 -36.10
C TYR A 626 48.09 9.41 -37.22
N GLY A 627 47.78 8.18 -37.63
CA GLY A 627 46.80 7.95 -38.66
C GLY A 627 47.35 7.99 -40.06
N CYS A 628 46.99 6.99 -40.87
CA CYS A 628 47.52 6.87 -42.23
C CYS A 628 46.75 7.77 -43.18
N THR A 629 47.23 7.88 -44.42
CA THR A 629 46.50 8.49 -45.50
C THR A 629 46.36 7.57 -46.70
N GLY A 630 46.94 6.37 -46.64
CA GLY A 630 46.93 5.44 -47.74
C GLY A 630 47.29 4.03 -47.32
N PRO A 631 47.93 3.29 -48.21
CA PRO A 631 48.25 1.89 -47.91
C PRO A 631 49.49 1.77 -47.04
N GLY A 632 49.30 1.35 -45.80
CA GLY A 632 50.40 1.02 -44.92
C GLY A 632 51.05 2.18 -44.20
N LEU A 633 52.39 2.26 -44.29
CA LEU A 633 53.17 3.22 -43.53
C LEU A 633 53.77 4.34 -44.36
N GLU A 634 53.64 4.28 -45.69
CA GLU A 634 54.29 5.28 -46.55
C GLU A 634 53.65 6.66 -46.43
N GLY A 635 52.35 6.78 -46.16
CA GLY A 635 51.74 8.08 -46.04
C GLY A 635 52.09 8.80 -44.75
N CYS A 636 51.76 8.18 -43.63
CA CYS A 636 52.02 8.73 -42.30
C CYS A 636 53.47 8.49 -41.90
N PRO A 637 54.15 9.49 -41.34
CA PRO A 637 55.56 9.29 -40.94
C PRO A 637 55.67 8.29 -39.80
N THR A 638 56.76 7.51 -39.82
CA THR A 638 56.96 6.47 -38.79
C THR A 638 58.35 6.64 -38.16
N GLU B 5 -23.28 51.51 10.17
CA GLU B 5 -22.30 51.28 9.11
C GLU B 5 -21.05 50.62 9.67
N CYS B 6 -20.11 50.32 8.78
CA CYS B 6 -18.85 49.74 9.22
C CYS B 6 -17.81 50.84 9.42
N PRO B 7 -16.89 50.76 10.42
CA PRO B 7 -15.97 51.88 10.70
C PRO B 7 -14.80 52.01 9.72
N LEU B 8 -13.82 52.85 10.06
CA LEU B 8 -12.62 53.03 9.19
C LEU B 8 -11.63 51.90 9.45
N SER B 9 -12.07 50.65 9.25
CA SER B 9 -11.19 49.46 9.46
C SER B 9 -11.53 48.39 8.42
N HIS B 10 -12.81 48.31 8.02
CA HIS B 10 -13.22 47.32 7.03
C HIS B 10 -13.34 47.92 5.64
N ASP B 11 -12.58 48.98 5.37
CA ASP B 11 -12.58 49.54 4.03
C ASP B 11 -11.99 48.55 3.04
N GLY B 12 -12.75 48.25 1.99
CA GLY B 12 -12.34 47.22 1.06
C GLY B 12 -12.51 45.81 1.56
N TYR B 13 -13.06 45.62 2.78
CA TYR B 13 -13.37 44.28 3.25
C TYR B 13 -14.42 43.60 2.37
N CYS B 14 -15.27 44.38 1.73
CA CYS B 14 -16.36 43.86 0.92
C CYS B 14 -16.01 44.07 -0.54
N LEU B 15 -15.66 42.98 -1.22
CA LEU B 15 -15.22 43.09 -2.60
C LEU B 15 -16.42 43.22 -3.54
N HIS B 16 -16.12 43.61 -4.77
CA HIS B 16 -17.08 43.60 -5.87
C HIS B 16 -18.26 44.56 -5.59
N ASP B 17 -17.93 45.77 -5.14
CA ASP B 17 -18.91 46.84 -4.95
C ASP B 17 -20.02 46.40 -3.99
N GLY B 18 -19.60 46.03 -2.79
CA GLY B 18 -20.51 45.53 -1.78
C GLY B 18 -20.55 46.45 -0.58
N VAL B 19 -21.76 46.79 -0.16
CA VAL B 19 -21.95 47.66 0.99
C VAL B 19 -21.79 46.86 2.27
N CYS B 20 -21.14 47.48 3.27
CA CYS B 20 -20.81 46.83 4.53
C CYS B 20 -21.88 47.20 5.55
N MET B 21 -22.64 46.20 6.01
CA MET B 21 -23.62 46.39 7.05
C MET B 21 -23.08 45.92 8.40
N TYR B 22 -23.63 46.48 9.47
CA TYR B 22 -23.16 46.19 10.83
C TYR B 22 -24.28 45.49 11.60
N ILE B 23 -23.96 44.31 12.14
CA ILE B 23 -24.88 43.58 13.00
C ILE B 23 -24.55 43.89 14.45
N GLU B 24 -25.30 44.81 15.06
CA GLU B 24 -24.98 45.24 16.42
C GLU B 24 -25.32 44.20 17.47
N ALA B 25 -26.25 43.29 17.18
CA ALA B 25 -26.64 42.29 18.16
C ALA B 25 -25.50 41.31 18.42
N LEU B 26 -25.07 40.60 17.38
CA LEU B 26 -23.97 39.66 17.51
C LEU B 26 -22.62 40.34 17.60
N ASP B 27 -22.55 41.66 17.39
CA ASP B 27 -21.29 42.39 17.29
C ASP B 27 -20.40 41.78 16.20
N LYS B 28 -21.03 41.50 15.06
CA LYS B 28 -20.36 40.88 13.95
C LYS B 28 -20.58 41.71 12.70
N TYR B 29 -19.65 41.60 11.76
CA TYR B 29 -19.67 42.38 10.54
C TYR B 29 -20.01 41.48 9.36
N ALA B 30 -20.78 42.03 8.42
CA ALA B 30 -21.32 41.23 7.33
C ALA B 30 -21.56 42.13 6.12
N CYS B 31 -21.44 41.55 4.94
CA CYS B 31 -21.67 42.27 3.71
C CYS B 31 -23.14 42.21 3.31
N ASN B 32 -23.53 43.13 2.45
CA ASN B 32 -24.78 43.03 1.70
C ASN B 32 -24.35 42.92 0.24
N CYS B 33 -24.12 41.69 -0.21
CA CYS B 33 -23.62 41.45 -1.56
C CYS B 33 -24.62 41.96 -2.58
N VAL B 34 -24.14 42.74 -3.54
CA VAL B 34 -24.97 43.06 -4.69
C VAL B 34 -25.36 41.76 -5.38
N VAL B 35 -26.52 41.78 -6.04
CA VAL B 35 -27.06 40.56 -6.61
C VAL B 35 -26.08 39.98 -7.63
N GLY B 36 -25.82 38.69 -7.52
CA GLY B 36 -24.91 38.02 -8.42
C GLY B 36 -23.72 37.41 -7.73
N TYR B 37 -23.17 38.12 -6.74
CA TYR B 37 -21.98 37.67 -6.04
C TYR B 37 -22.37 36.96 -4.74
N ILE B 38 -21.60 35.94 -4.38
CA ILE B 38 -21.81 35.19 -3.14
C ILE B 38 -20.48 35.14 -2.40
N GLY B 39 -20.44 34.41 -1.29
CA GLY B 39 -19.25 34.34 -0.48
C GLY B 39 -19.31 35.30 0.69
N GLU B 40 -18.45 35.05 1.68
CA GLU B 40 -18.47 35.86 2.88
C GLU B 40 -18.10 37.31 2.59
N ARG B 41 -17.15 37.52 1.67
CA ARG B 41 -16.72 38.85 1.28
C ARG B 41 -17.19 39.21 -0.12
N CYS B 42 -18.26 38.59 -0.58
CA CYS B 42 -18.78 38.75 -1.93
C CYS B 42 -17.72 38.49 -2.99
N GLN B 43 -16.74 37.62 -2.70
CA GLN B 43 -15.62 37.45 -3.62
C GLN B 43 -16.00 36.59 -4.82
N TYR B 44 -16.82 35.57 -4.60
CA TYR B 44 -17.17 34.66 -5.68
C TYR B 44 -18.18 35.31 -6.62
N ARG B 45 -18.62 34.53 -7.60
CA ARG B 45 -19.61 34.94 -8.57
C ARG B 45 -20.52 33.76 -8.84
N ASP B 46 -21.82 33.94 -8.64
CA ASP B 46 -22.77 32.85 -8.76
C ASP B 46 -22.87 32.37 -10.20
N LEU B 47 -22.27 31.23 -10.50
CA LEU B 47 -22.26 30.70 -11.86
C LEU B 47 -23.46 29.81 -12.15
N LYS B 48 -23.99 29.12 -11.13
CA LYS B 48 -25.02 28.12 -11.38
C LYS B 48 -26.32 28.72 -11.87
N TRP B 49 -26.49 30.05 -11.78
CA TRP B 49 -27.72 30.69 -12.25
C TRP B 49 -27.48 31.80 -13.27
N TRP B 50 -26.32 32.44 -13.28
CA TRP B 50 -26.03 33.47 -14.25
C TRP B 50 -24.58 33.32 -14.70
N GLU B 51 -24.06 34.33 -15.39
CA GLU B 51 -22.67 34.25 -15.92
C GLU B 51 -21.68 34.78 -14.85
N LEU C 25 6.59 -10.07 31.46
CA LEU C 25 6.48 -11.17 30.51
C LEU C 25 5.12 -11.20 29.84
N GLU C 26 5.12 -11.40 28.52
CA GLU C 26 3.87 -11.51 27.78
C GLU C 26 3.83 -12.69 26.82
N GLU C 27 4.90 -13.47 26.73
CA GLU C 27 4.94 -14.63 25.86
C GLU C 27 4.93 -15.93 26.67
N LYS C 28 4.47 -16.98 26.03
CA LYS C 28 4.39 -18.30 26.64
C LYS C 28 5.57 -19.14 26.18
N LYS C 29 5.57 -20.42 26.55
CA LYS C 29 6.60 -21.37 26.17
C LYS C 29 6.00 -22.32 25.14
N VAL C 30 6.39 -22.14 23.88
CA VAL C 30 5.77 -22.86 22.77
C VAL C 30 6.55 -24.15 22.50
N CYS C 31 5.89 -25.07 21.80
CA CYS C 31 6.51 -26.29 21.32
C CYS C 31 5.95 -26.62 19.95
N GLN C 32 6.66 -27.46 19.21
CA GLN C 32 6.39 -27.66 17.80
C GLN C 32 5.39 -28.77 17.51
N GLY C 33 5.23 -29.74 18.40
CA GLY C 33 4.26 -30.79 18.18
C GLY C 33 4.68 -31.84 17.18
N THR C 34 4.18 -33.06 17.33
CA THR C 34 4.57 -34.15 16.46
C THR C 34 3.88 -34.01 15.10
N SER C 35 4.27 -34.88 14.18
CA SER C 35 3.59 -35.04 12.91
C SER C 35 3.50 -36.49 12.47
N ASN C 36 4.02 -37.40 13.31
CA ASN C 36 4.00 -38.85 12.98
C ASN C 36 2.58 -39.36 13.23
N LYS C 37 1.77 -39.46 12.18
CA LYS C 37 0.33 -39.86 12.34
C LYS C 37 0.19 -41.02 13.33
N LEU C 38 0.84 -42.16 13.09
CA LEU C 38 0.60 -43.31 13.98
C LEU C 38 1.85 -44.19 14.05
N THR C 39 3.05 -43.62 13.91
CA THR C 39 4.25 -44.44 13.90
C THR C 39 4.60 -44.86 15.32
N GLN C 40 5.81 -45.39 15.50
CA GLN C 40 6.30 -45.75 16.82
C GLN C 40 7.83 -45.57 16.78
N LEU C 41 8.30 -44.50 17.39
CA LEU C 41 9.70 -44.12 17.27
C LEU C 41 10.61 -45.00 18.14
N GLY C 42 10.58 -46.31 17.91
CA GLY C 42 11.42 -47.25 18.63
C GLY C 42 10.57 -48.26 19.39
N THR C 43 10.99 -48.55 20.61
CA THR C 43 10.20 -49.40 21.50
C THR C 43 9.33 -48.53 22.39
N PHE C 44 8.65 -49.14 23.36
CA PHE C 44 7.74 -48.38 24.20
C PHE C 44 8.50 -47.45 25.13
N GLU C 45 9.76 -47.77 25.43
CA GLU C 45 10.50 -47.00 26.41
C GLU C 45 11.16 -45.77 25.80
N ASP C 46 11.75 -45.94 24.61
CA ASP C 46 12.39 -44.83 23.91
C ASP C 46 11.42 -44.05 23.04
N HIS C 47 10.16 -44.44 22.99
CA HIS C 47 9.10 -43.59 22.44
C HIS C 47 8.67 -42.56 23.46
N PHE C 48 8.49 -42.98 24.71
CA PHE C 48 8.10 -42.06 25.77
C PHE C 48 9.10 -40.91 25.90
N LEU C 49 10.39 -41.19 25.70
CA LEU C 49 11.40 -40.14 25.76
C LEU C 49 11.20 -39.12 24.64
N SER C 50 10.54 -39.53 23.56
CA SER C 50 10.21 -38.56 22.51
C SER C 50 8.98 -37.75 22.89
N LEU C 51 8.10 -38.31 23.71
CA LEU C 51 6.97 -37.53 24.21
C LEU C 51 7.45 -36.44 25.18
N GLN C 52 8.24 -36.83 26.18
CA GLN C 52 8.57 -35.90 27.25
C GLN C 52 9.71 -34.95 26.90
N ARG C 53 10.46 -35.21 25.84
CA ARG C 53 11.51 -34.26 25.46
C ARG C 53 10.96 -33.04 24.75
N MET C 54 9.74 -33.09 24.23
CA MET C 54 9.18 -31.99 23.46
C MET C 54 7.92 -31.40 24.08
N PHE C 55 7.16 -32.19 24.85
CA PHE C 55 5.96 -31.71 25.50
C PHE C 55 6.20 -31.34 26.96
N ASN C 56 7.45 -31.15 27.36
CA ASN C 56 7.79 -30.77 28.73
C ASN C 56 7.79 -29.26 28.84
N ASN C 57 7.02 -28.74 29.79
CA ASN C 57 6.87 -27.30 30.01
C ASN C 57 6.29 -26.59 28.81
N CYS C 58 5.47 -27.28 28.02
CA CYS C 58 4.75 -26.60 26.95
C CYS C 58 3.73 -25.63 27.53
N GLU C 59 3.38 -24.65 26.74
CA GLU C 59 2.25 -23.79 27.04
C GLU C 59 1.23 -23.79 25.90
N VAL C 60 1.69 -23.82 24.66
CA VAL C 60 0.83 -23.85 23.49
C VAL C 60 1.49 -24.68 22.40
N VAL C 61 0.82 -25.74 21.97
CA VAL C 61 1.36 -26.61 20.92
C VAL C 61 1.19 -25.93 19.57
N LEU C 62 2.30 -25.63 18.91
CA LEU C 62 2.23 -24.95 17.62
C LEU C 62 1.85 -25.89 16.49
N GLY C 63 2.01 -27.20 16.68
CA GLY C 63 1.70 -28.16 15.64
C GLY C 63 0.51 -29.02 16.00
N ASN C 64 0.78 -30.26 16.39
CA ASN C 64 -0.26 -31.19 16.81
C ASN C 64 0.15 -31.84 18.12
N LEU C 65 -0.80 -32.56 18.72
CA LEU C 65 -0.54 -33.31 19.94
C LEU C 65 -0.98 -34.74 19.70
N GLU C 66 -0.07 -35.69 19.84
CA GLU C 66 -0.34 -37.09 19.55
C GLU C 66 0.23 -37.94 20.67
N ILE C 67 -0.65 -38.54 21.45
CA ILE C 67 -0.26 -39.43 22.54
C ILE C 67 -0.59 -40.86 22.10
N THR C 68 0.43 -41.61 21.69
CA THR C 68 0.25 -42.97 21.22
C THR C 68 1.30 -43.87 21.86
N TYR C 69 0.93 -45.14 22.05
CA TYR C 69 1.84 -46.18 22.51
C TYR C 69 2.53 -45.80 23.81
N VAL C 70 1.76 -45.27 24.76
CA VAL C 70 2.21 -45.04 26.12
C VAL C 70 1.68 -46.18 26.97
N GLN C 71 2.59 -46.97 27.54
CA GLN C 71 2.23 -48.21 28.20
C GLN C 71 1.83 -47.97 29.65
N ARG C 72 1.31 -49.03 30.27
CA ARG C 72 0.76 -48.93 31.61
C ARG C 72 1.80 -48.41 32.60
N ASN C 73 1.31 -47.80 33.68
CA ASN C 73 2.13 -47.34 34.79
C ASN C 73 3.11 -46.25 34.40
N TYR C 74 2.97 -45.70 33.20
CA TYR C 74 3.84 -44.62 32.78
C TYR C 74 3.31 -43.28 33.26
N ASP C 75 4.21 -42.40 33.68
CA ASP C 75 3.85 -41.17 34.39
C ASP C 75 3.70 -40.05 33.37
N LEU C 76 2.47 -39.59 33.18
CA LEU C 76 2.18 -38.43 32.34
C LEU C 76 1.85 -37.28 33.27
N SER C 77 2.82 -36.40 33.51
CA SER C 77 2.64 -35.28 34.43
C SER C 77 3.06 -33.94 33.85
N PHE C 78 3.67 -33.92 32.68
CA PHE C 78 4.00 -32.68 31.99
C PHE C 78 2.87 -32.17 31.12
N LEU C 79 1.81 -32.95 30.94
CA LEU C 79 0.62 -32.54 30.20
C LEU C 79 -0.28 -31.61 30.98
N LYS C 80 0.21 -31.05 32.08
CA LYS C 80 -0.57 -30.15 32.92
C LYS C 80 -0.56 -28.71 32.41
N THR C 81 0.52 -28.30 31.74
CA THR C 81 0.68 -26.90 31.34
C THR C 81 0.28 -26.65 29.90
N ILE C 82 -0.37 -27.61 29.25
CA ILE C 82 -0.80 -27.46 27.86
C ILE C 82 -2.16 -26.75 27.85
N GLN C 83 -2.18 -25.54 27.31
CA GLN C 83 -3.37 -24.70 27.35
C GLN C 83 -4.02 -24.47 25.99
N GLU C 84 -3.35 -24.80 24.90
CA GLU C 84 -3.88 -24.51 23.57
C GLU C 84 -3.11 -25.33 22.55
N VAL C 85 -3.83 -25.91 21.59
CA VAL C 85 -3.25 -26.73 20.54
C VAL C 85 -3.65 -26.14 19.20
N ALA C 86 -2.67 -25.84 18.37
CA ALA C 86 -2.91 -25.19 17.09
C ALA C 86 -3.20 -26.17 15.97
N GLY C 87 -3.41 -27.44 16.28
CA GLY C 87 -3.72 -28.43 15.27
C GLY C 87 -4.83 -29.37 15.68
N TYR C 88 -4.60 -30.67 15.57
CA TYR C 88 -5.53 -31.66 16.06
C TYR C 88 -4.94 -32.35 17.28
N VAL C 89 -5.65 -33.35 17.77
CA VAL C 89 -5.25 -34.10 18.96
C VAL C 89 -5.59 -35.56 18.74
N LEU C 90 -4.61 -36.45 18.96
CA LEU C 90 -4.76 -37.87 18.73
C LEU C 90 -4.34 -38.62 19.99
N ILE C 91 -5.28 -39.30 20.62
CA ILE C 91 -5.04 -39.94 21.91
C ILE C 91 -5.20 -41.45 21.72
N ALA C 92 -4.90 -41.93 20.53
CA ALA C 92 -5.23 -43.30 20.15
C ALA C 92 -4.09 -44.27 20.45
N LEU C 93 -4.47 -45.54 20.62
CA LEU C 93 -3.55 -46.67 20.73
C LEU C 93 -2.55 -46.48 21.88
N ASN C 94 -3.10 -46.43 23.09
CA ASN C 94 -2.27 -46.45 24.28
C ASN C 94 -3.02 -47.16 25.39
N THR C 95 -2.26 -47.63 26.38
CA THR C 95 -2.82 -48.39 27.50
C THR C 95 -2.31 -47.81 28.82
N VAL C 96 -2.27 -46.49 28.87
CA VAL C 96 -2.10 -45.78 30.12
C VAL C 96 -3.48 -45.68 30.77
N GLU C 97 -3.53 -45.32 32.05
CA GLU C 97 -4.80 -45.22 32.74
C GLU C 97 -5.31 -43.78 32.89
N ARG C 98 -4.42 -42.81 33.01
CA ARG C 98 -4.81 -41.44 33.26
C ARG C 98 -3.95 -40.48 32.46
N ILE C 99 -4.59 -39.62 31.67
CA ILE C 99 -3.91 -38.61 30.87
C ILE C 99 -4.40 -37.24 31.31
N PRO C 100 -3.62 -36.53 32.11
CA PRO C 100 -4.10 -35.28 32.73
C PRO C 100 -3.98 -34.05 31.83
N LEU C 101 -4.90 -33.93 30.88
CA LEU C 101 -5.01 -32.72 30.06
C LEU C 101 -5.96 -31.73 30.74
N GLU C 102 -5.65 -31.44 32.00
CA GLU C 102 -6.50 -30.64 32.86
C GLU C 102 -6.33 -29.14 32.64
N ASN C 103 -5.70 -28.74 31.54
CA ASN C 103 -5.60 -27.32 31.21
C ASN C 103 -5.87 -27.05 29.74
N LEU C 104 -6.25 -28.06 28.96
CA LEU C 104 -6.59 -27.83 27.56
C LEU C 104 -7.86 -27.01 27.47
N GLN C 105 -7.78 -25.88 26.78
CA GLN C 105 -8.92 -24.99 26.62
C GLN C 105 -9.52 -25.03 25.22
N ILE C 106 -8.71 -24.81 24.20
CA ILE C 106 -9.19 -24.65 22.84
C ILE C 106 -8.36 -25.51 21.89
N ILE C 107 -9.02 -26.09 20.89
CA ILE C 107 -8.36 -26.82 19.82
C ILE C 107 -8.66 -26.06 18.53
N ARG C 108 -7.80 -25.10 18.19
CA ARG C 108 -7.95 -24.37 16.93
C ARG C 108 -7.47 -25.29 15.81
N GLY C 109 -8.39 -26.13 15.34
CA GLY C 109 -8.04 -27.23 14.47
C GLY C 109 -7.64 -26.84 13.07
N ASN C 110 -6.47 -26.22 12.92
CA ASN C 110 -5.96 -25.90 11.59
C ASN C 110 -5.82 -27.17 10.74
N MET C 111 -4.99 -28.10 11.18
CA MET C 111 -4.83 -29.38 10.50
C MET C 111 -5.92 -30.34 10.94
N TYR C 112 -6.23 -31.30 10.07
CA TYR C 112 -7.24 -32.31 10.34
C TYR C 112 -6.62 -33.69 10.29
N TYR C 113 -6.88 -34.49 11.31
CA TYR C 113 -6.57 -35.91 11.25
C TYR C 113 -7.71 -36.62 10.54
N GLU C 114 -7.37 -37.49 9.59
CA GLU C 114 -8.35 -38.14 8.71
C GLU C 114 -9.16 -37.13 7.91
N ASN C 115 -8.65 -35.90 7.77
CA ASN C 115 -9.22 -34.85 6.93
C ASN C 115 -10.63 -34.47 7.37
N SER C 116 -11.11 -35.02 8.48
CA SER C 116 -12.44 -34.72 8.98
C SER C 116 -12.49 -34.45 10.47
N TYR C 117 -11.52 -34.91 11.26
CA TYR C 117 -11.57 -34.83 12.71
C TYR C 117 -10.45 -33.95 13.23
N ALA C 118 -10.75 -33.24 14.32
CA ALA C 118 -9.78 -32.43 15.02
C ALA C 118 -9.48 -32.96 16.42
N LEU C 119 -10.12 -34.05 16.83
CA LEU C 119 -9.80 -34.70 18.10
C LEU C 119 -10.30 -36.13 17.99
N ALA C 120 -9.39 -37.09 17.97
CA ALA C 120 -9.73 -38.48 17.75
C ALA C 120 -9.16 -39.33 18.89
N VAL C 121 -9.97 -40.26 19.39
CA VAL C 121 -9.59 -41.14 20.48
C VAL C 121 -10.06 -42.54 20.09
N LEU C 122 -9.13 -43.40 19.69
CA LEU C 122 -9.49 -44.71 19.18
C LEU C 122 -8.60 -45.79 19.79
N SER C 123 -9.19 -46.95 20.05
CA SER C 123 -8.46 -48.17 20.38
C SER C 123 -7.46 -47.96 21.51
N ASN C 124 -7.93 -47.42 22.62
CA ASN C 124 -7.09 -47.22 23.80
C ASN C 124 -7.23 -48.40 24.76
N TYR C 125 -6.95 -49.59 24.24
CA TYR C 125 -7.13 -50.81 25.02
C TYR C 125 -6.18 -51.89 24.51
N ASP C 126 -5.59 -52.62 25.45
CA ASP C 126 -4.75 -53.76 25.11
C ASP C 126 -5.63 -54.99 24.89
N ALA C 127 -5.01 -56.17 24.85
CA ALA C 127 -5.72 -57.36 24.38
C ALA C 127 -6.84 -57.80 25.34
N ASN C 128 -6.65 -57.64 26.65
CA ASN C 128 -7.57 -58.20 27.63
C ASN C 128 -8.63 -57.20 28.10
N LYS C 129 -9.05 -56.31 27.21
CA LYS C 129 -10.20 -55.43 27.44
C LYS C 129 -10.00 -54.55 28.67
N THR C 130 -8.94 -53.75 28.63
CA THR C 130 -8.67 -52.75 29.64
C THR C 130 -7.72 -51.72 29.04
N GLY C 131 -7.59 -50.58 29.71
CA GLY C 131 -6.77 -49.50 29.16
C GLY C 131 -7.03 -48.15 29.78
N LEU C 132 -7.28 -47.15 28.94
CA LEU C 132 -7.50 -45.79 29.38
C LEU C 132 -8.84 -45.66 30.11
N LYS C 133 -8.79 -45.06 31.30
CA LYS C 133 -9.97 -44.91 32.13
C LYS C 133 -10.43 -43.47 32.30
N GLU C 134 -9.52 -42.57 32.65
CA GLU C 134 -9.86 -41.17 32.90
C GLU C 134 -9.35 -40.28 31.77
N LEU C 135 -9.90 -39.08 31.71
CA LEU C 135 -9.48 -38.06 30.77
C LEU C 135 -9.94 -36.70 31.28
N PRO C 136 -9.21 -36.10 32.22
CA PRO C 136 -9.67 -34.84 32.82
C PRO C 136 -9.57 -33.65 31.88
N MET C 137 -10.17 -33.74 30.70
CA MET C 137 -10.27 -32.61 29.79
C MET C 137 -11.48 -31.76 30.15
N ARG C 138 -11.51 -31.34 31.42
CA ARG C 138 -12.64 -30.56 31.92
C ARG C 138 -12.66 -29.17 31.33
N ASN C 139 -11.49 -28.54 31.21
CA ASN C 139 -11.38 -27.17 30.72
C ASN C 139 -11.55 -27.05 29.22
N LEU C 140 -11.70 -28.16 28.49
CA LEU C 140 -11.91 -28.08 27.05
C LEU C 140 -13.22 -27.38 26.76
N GLN C 141 -13.14 -26.22 26.11
CA GLN C 141 -14.30 -25.37 25.88
C GLN C 141 -14.74 -25.33 24.42
N GLU C 142 -13.85 -24.99 23.50
CA GLU C 142 -14.22 -24.81 22.11
C GLU C 142 -13.23 -25.50 21.19
N ILE C 143 -13.75 -26.01 20.07
CA ILE C 143 -12.95 -26.59 19.00
C ILE C 143 -13.32 -25.79 17.75
N LEU C 144 -12.48 -24.81 17.39
CA LEU C 144 -12.83 -23.86 16.34
C LEU C 144 -13.16 -24.56 15.04
N HIS C 145 -12.26 -25.42 14.56
CA HIS C 145 -12.46 -26.11 13.30
C HIS C 145 -12.26 -27.60 13.49
N GLY C 146 -13.17 -28.41 12.98
CA GLY C 146 -13.01 -29.84 13.01
C GLY C 146 -14.15 -30.58 13.68
N ALA C 147 -13.89 -31.81 14.11
CA ALA C 147 -14.90 -32.66 14.71
C ALA C 147 -14.24 -33.48 15.81
N VAL C 148 -15.00 -34.42 16.38
CA VAL C 148 -14.51 -35.29 17.43
C VAL C 148 -14.93 -36.72 17.10
N ARG C 149 -14.06 -37.68 17.42
CA ARG C 149 -14.31 -39.08 17.10
C ARG C 149 -13.91 -39.96 18.29
N PHE C 150 -14.83 -40.84 18.70
CA PHE C 150 -14.62 -41.76 19.80
C PHE C 150 -15.08 -43.14 19.36
N SER C 151 -14.18 -44.12 19.37
CA SER C 151 -14.57 -45.45 18.93
C SER C 151 -13.68 -46.51 19.54
N ASN C 152 -14.31 -47.58 20.02
CA ASN C 152 -13.64 -48.83 20.41
C ASN C 152 -12.54 -48.59 21.44
N ASN C 153 -12.95 -48.16 22.63
CA ASN C 153 -12.05 -48.04 23.77
C ASN C 153 -12.83 -48.36 25.04
N PRO C 154 -13.23 -49.62 25.21
CA PRO C 154 -14.18 -49.96 26.28
C PRO C 154 -13.56 -49.93 27.67
N ALA C 155 -12.87 -48.84 28.00
CA ALA C 155 -12.45 -48.59 29.38
C ALA C 155 -12.61 -47.14 29.80
N LEU C 156 -12.84 -46.21 28.87
CA LEU C 156 -13.01 -44.81 29.21
C LEU C 156 -14.40 -44.59 29.79
N CYS C 157 -14.49 -43.86 30.90
CA CYS C 157 -15.74 -43.73 31.64
C CYS C 157 -16.07 -42.27 31.89
N ASN C 158 -17.37 -42.03 32.02
CA ASN C 158 -17.97 -40.75 32.40
C ASN C 158 -17.93 -39.71 31.29
N VAL C 159 -17.23 -39.99 30.20
CA VAL C 159 -17.16 -39.06 29.09
C VAL C 159 -18.22 -39.36 28.04
N GLU C 160 -19.16 -40.24 28.34
CA GLU C 160 -20.22 -40.56 27.39
C GLU C 160 -21.39 -39.60 27.45
N SER C 161 -21.70 -39.09 28.65
CA SER C 161 -22.86 -38.22 28.82
C SER C 161 -22.56 -36.76 28.47
N ILE C 162 -21.32 -36.44 28.11
CA ILE C 162 -20.95 -35.06 27.80
C ILE C 162 -21.74 -34.60 26.58
N GLN C 163 -22.58 -33.58 26.78
CA GLN C 163 -23.25 -32.96 25.65
C GLN C 163 -22.25 -32.18 24.81
N TRP C 164 -22.13 -32.55 23.54
CA TRP C 164 -21.06 -32.03 22.70
C TRP C 164 -21.43 -30.77 21.94
N ARG C 165 -22.72 -30.43 21.85
CA ARG C 165 -23.13 -29.24 21.12
C ARG C 165 -22.50 -27.96 21.66
N ASP C 166 -21.97 -27.98 22.88
CA ASP C 166 -21.40 -26.78 23.48
C ASP C 166 -19.97 -26.53 23.03
N ILE C 167 -19.21 -27.59 22.77
CA ILE C 167 -17.78 -27.46 22.48
C ILE C 167 -17.52 -27.28 20.99
N VAL C 168 -18.09 -28.17 20.16
CA VAL C 168 -17.83 -28.12 18.73
C VAL C 168 -18.49 -26.87 18.14
N SER C 169 -18.08 -26.52 16.92
CA SER C 169 -18.65 -25.38 16.24
C SER C 169 -20.08 -25.69 15.79
N SER C 170 -20.69 -24.73 15.10
CA SER C 170 -22.10 -24.85 14.74
C SER C 170 -22.31 -25.91 13.66
N ASP C 171 -21.68 -25.73 12.51
CA ASP C 171 -21.94 -26.61 11.37
C ASP C 171 -21.42 -28.03 11.62
N PHE C 172 -20.35 -28.14 12.42
CA PHE C 172 -19.68 -29.42 12.61
C PHE C 172 -20.48 -30.28 13.59
N LEU C 173 -21.67 -30.67 13.14
CA LEU C 173 -22.54 -31.55 13.93
C LEU C 173 -22.97 -32.81 13.20
N SER C 174 -22.54 -33.01 11.96
CA SER C 174 -22.81 -34.23 11.22
C SER C 174 -21.56 -35.03 10.93
N ASN C 175 -20.38 -34.45 11.09
CA ASN C 175 -19.11 -35.13 10.85
C ASN C 175 -18.34 -35.41 12.12
N MET C 176 -18.91 -35.16 13.29
CA MET C 176 -18.29 -35.53 14.55
C MET C 176 -18.91 -36.83 15.07
N SER C 177 -18.64 -37.91 14.34
CA SER C 177 -19.15 -39.21 14.70
C SER C 177 -18.54 -39.65 16.04
N MET C 178 -19.33 -40.38 16.83
CA MET C 178 -18.90 -40.75 18.16
C MET C 178 -19.75 -41.92 18.66
N ASP C 179 -19.13 -42.78 19.46
CA ASP C 179 -19.84 -43.89 20.09
C ASP C 179 -19.08 -44.27 21.35
N PHE C 180 -19.83 -44.69 22.37
CA PHE C 180 -19.26 -44.94 23.70
C PHE C 180 -19.72 -46.31 24.18
N GLN C 181 -18.77 -47.24 24.26
CA GLN C 181 -19.03 -48.58 24.80
C GLN C 181 -18.61 -48.69 26.25
N ASN C 182 -19.17 -47.83 27.10
CA ASN C 182 -18.86 -47.83 28.53
C ASN C 182 -20.03 -48.47 29.26
N HIS C 183 -19.93 -49.77 29.49
CA HIS C 183 -20.97 -50.52 30.19
C HIS C 183 -20.44 -51.26 31.41
N LEU C 184 -19.16 -51.11 31.74
CA LEU C 184 -18.58 -51.85 32.86
C LEU C 184 -19.09 -51.38 34.20
N GLY C 185 -19.42 -50.09 34.32
CA GLY C 185 -19.88 -49.53 35.59
C GLY C 185 -18.82 -49.55 36.65
N SER C 186 -17.56 -49.77 36.25
CA SER C 186 -16.44 -49.84 37.17
C SER C 186 -15.93 -48.47 37.60
N CYS C 187 -16.58 -47.40 37.18
CA CYS C 187 -16.22 -46.04 37.56
C CYS C 187 -17.32 -45.46 38.43
N GLN C 188 -16.93 -44.71 39.45
CA GLN C 188 -17.91 -44.04 40.30
C GLN C 188 -18.82 -43.14 39.46
N LYS C 189 -20.12 -43.20 39.76
CA LYS C 189 -21.08 -42.44 38.97
C LYS C 189 -20.89 -40.95 39.15
N CYS C 190 -21.55 -40.18 38.29
CA CYS C 190 -21.36 -38.74 38.25
C CYS C 190 -21.93 -38.09 39.50
N ASP C 191 -21.38 -36.92 39.83
CA ASP C 191 -21.90 -36.15 40.95
C ASP C 191 -23.17 -35.43 40.53
N PRO C 192 -24.27 -35.55 41.31
CA PRO C 192 -25.53 -34.88 40.98
C PRO C 192 -25.57 -33.41 41.39
N SER C 193 -24.48 -32.69 41.08
CA SER C 193 -24.36 -31.27 41.36
C SER C 193 -23.82 -30.54 40.14
N CYS C 194 -24.08 -31.07 38.95
CA CYS C 194 -23.52 -30.60 37.71
C CYS C 194 -24.62 -30.43 36.67
N PRO C 195 -24.36 -29.67 35.60
CA PRO C 195 -25.45 -29.34 34.66
C PRO C 195 -25.90 -30.53 33.84
N ASN C 196 -26.84 -31.31 34.40
CA ASN C 196 -27.49 -32.42 33.70
C ASN C 196 -26.55 -33.61 33.56
N GLY C 197 -25.73 -33.85 34.57
CA GLY C 197 -24.88 -35.02 34.58
C GLY C 197 -23.85 -35.06 33.49
N SER C 198 -23.21 -33.92 33.19
CA SER C 198 -22.16 -33.83 32.20
C SER C 198 -20.85 -33.57 32.93
N CYS C 199 -20.13 -34.65 33.22
CA CYS C 199 -18.88 -34.59 33.97
C CYS C 199 -17.79 -35.30 33.18
N TRP C 200 -16.62 -34.67 33.07
CA TRP C 200 -15.52 -35.28 32.34
C TRP C 200 -14.83 -36.36 33.17
N GLY C 201 -14.84 -36.21 34.49
CA GLY C 201 -14.17 -37.16 35.35
C GLY C 201 -14.99 -37.59 36.53
N ALA C 202 -14.44 -37.38 37.73
CA ALA C 202 -15.12 -37.67 38.98
C ALA C 202 -14.87 -36.53 39.96
N GLY C 203 -15.92 -36.11 40.64
CA GLY C 203 -15.85 -34.98 41.54
C GLY C 203 -16.73 -33.83 41.06
N GLU C 204 -16.82 -32.81 41.92
CA GLU C 204 -17.65 -31.66 41.59
C GLU C 204 -16.97 -30.77 40.57
N GLU C 205 -15.63 -30.73 40.58
CA GLU C 205 -14.90 -29.85 39.68
C GLU C 205 -14.92 -30.36 38.25
N ASN C 206 -14.69 -31.66 38.07
CA ASN C 206 -14.64 -32.24 36.74
C ASN C 206 -16.05 -32.36 36.14
N CYS C 207 -16.64 -31.25 35.75
CA CYS C 207 -17.96 -31.25 35.12
C CYS C 207 -17.98 -30.23 33.99
N GLN C 208 -18.61 -30.60 32.88
CA GLN C 208 -18.67 -29.72 31.71
C GLN C 208 -19.42 -28.45 32.04
N LYS C 209 -18.75 -27.32 31.88
CA LYS C 209 -19.33 -26.00 32.18
C LYS C 209 -19.76 -25.38 30.86
N LEU C 210 -21.04 -25.50 30.54
CA LEU C 210 -21.53 -25.00 29.27
C LEU C 210 -21.44 -23.48 29.22
N THR C 211 -20.91 -22.96 28.10
CA THR C 211 -20.89 -21.53 27.88
C THR C 211 -21.32 -21.17 26.46
N LYS C 212 -22.12 -22.02 25.81
CA LYS C 212 -22.56 -21.76 24.46
C LYS C 212 -24.06 -21.95 24.23
N ILE C 213 -24.73 -22.79 25.01
CA ILE C 213 -26.14 -23.08 24.80
C ILE C 213 -26.98 -22.85 26.04
N ILE C 214 -26.48 -22.12 27.03
CA ILE C 214 -27.24 -21.86 28.25
C ILE C 214 -27.62 -20.39 28.39
N CYS C 215 -26.89 -19.49 27.73
CA CYS C 215 -27.08 -18.08 28.01
C CYS C 215 -28.20 -17.48 27.16
N ALA C 216 -28.42 -16.19 27.34
CA ALA C 216 -29.58 -15.49 26.82
C ALA C 216 -29.58 -15.50 25.29
N GLN C 217 -30.78 -15.42 24.72
CA GLN C 217 -30.97 -15.43 23.27
C GLN C 217 -30.13 -14.37 22.58
N GLN C 218 -30.03 -13.19 23.19
CA GLN C 218 -29.31 -12.07 22.58
C GLN C 218 -27.85 -12.02 23.04
N CYS C 219 -27.16 -13.16 22.95
CA CYS C 219 -25.73 -13.22 23.20
C CYS C 219 -25.01 -13.44 21.88
N SER C 220 -23.78 -12.93 21.80
CA SER C 220 -22.97 -13.00 20.58
C SER C 220 -21.99 -14.17 20.61
N GLY C 221 -22.29 -15.21 21.39
CA GLY C 221 -21.40 -16.35 21.46
C GLY C 221 -21.10 -16.77 22.89
N ARG C 222 -19.84 -16.71 23.27
CA ARG C 222 -19.43 -17.13 24.61
C ARG C 222 -20.07 -16.22 25.66
N CYS C 223 -20.29 -16.78 26.84
CA CYS C 223 -21.11 -16.12 27.87
C CYS C 223 -20.88 -16.81 29.21
N ARG C 224 -20.31 -16.08 30.17
CA ARG C 224 -19.95 -16.67 31.44
C ARG C 224 -21.15 -16.72 32.40
N GLY C 225 -22.28 -17.21 31.91
CA GLY C 225 -23.48 -17.25 32.73
C GLY C 225 -24.75 -17.13 31.91
N LYS C 226 -25.77 -16.47 32.46
CA LYS C 226 -27.05 -16.34 31.78
C LYS C 226 -27.61 -14.93 31.76
N SER C 227 -27.14 -14.02 32.62
CA SER C 227 -27.69 -12.67 32.63
C SER C 227 -27.45 -11.99 31.29
N PRO C 228 -28.38 -11.16 30.82
CA PRO C 228 -28.20 -10.51 29.51
C PRO C 228 -26.94 -9.67 29.41
N SER C 229 -26.29 -9.35 30.52
CA SER C 229 -25.02 -8.64 30.51
C SER C 229 -23.82 -9.57 30.59
N ASP C 230 -24.05 -10.89 30.54
CA ASP C 230 -22.95 -11.84 30.66
C ASP C 230 -22.35 -12.20 29.31
N CYS C 231 -23.05 -11.87 28.22
CA CYS C 231 -22.54 -12.16 26.88
C CYS C 231 -21.14 -11.60 26.70
N CYS C 232 -20.28 -12.38 26.06
CA CYS C 232 -18.89 -12.01 25.86
C CYS C 232 -18.70 -11.43 24.47
N HIS C 233 -17.60 -10.68 24.32
CA HIS C 233 -17.15 -10.22 23.02
C HIS C 233 -17.07 -11.40 22.06
N ASN C 234 -17.41 -11.16 20.80
CA ASN C 234 -17.35 -12.22 19.79
C ASN C 234 -15.92 -12.52 19.34
N GLN C 235 -14.92 -12.06 20.10
CA GLN C 235 -13.53 -12.38 19.84
C GLN C 235 -12.90 -13.14 21.00
N CYS C 236 -13.72 -13.64 21.93
CA CYS C 236 -13.27 -14.63 22.90
C CYS C 236 -13.71 -16.00 22.40
N ALA C 237 -12.85 -17.00 22.54
CA ALA C 237 -13.10 -18.30 21.94
C ALA C 237 -13.50 -19.38 22.93
N ALA C 238 -13.10 -19.25 24.20
CA ALA C 238 -13.38 -20.29 25.20
C ALA C 238 -13.93 -19.66 26.46
N GLY C 239 -14.90 -18.77 26.31
CA GLY C 239 -15.45 -18.07 27.45
C GLY C 239 -14.61 -16.86 27.84
N CYS C 240 -15.19 -16.03 28.69
CA CYS C 240 -14.57 -14.76 29.03
C CYS C 240 -14.76 -14.50 30.52
N THR C 241 -14.25 -13.34 30.95
CA THR C 241 -14.48 -12.83 32.29
C THR C 241 -15.51 -11.70 32.29
N GLY C 242 -15.31 -10.70 31.44
CA GLY C 242 -16.25 -9.62 31.30
C GLY C 242 -16.60 -9.36 29.86
N PRO C 243 -17.51 -8.40 29.61
CA PRO C 243 -17.97 -8.14 28.25
C PRO C 243 -16.96 -7.36 27.40
N ARG C 244 -15.78 -7.07 27.92
CA ARG C 244 -14.77 -6.32 27.19
C ARG C 244 -14.08 -7.25 26.18
N GLU C 245 -13.05 -6.72 25.50
CA GLU C 245 -12.24 -7.55 24.61
C GLU C 245 -10.95 -7.99 25.28
N SER C 246 -10.39 -7.16 26.14
CA SER C 246 -9.15 -7.47 26.85
C SER C 246 -9.35 -8.50 27.94
N ASP C 247 -10.54 -9.09 28.06
CA ASP C 247 -10.83 -10.08 29.09
C ASP C 247 -11.14 -11.46 28.51
N CYS C 248 -10.80 -11.70 27.24
CA CYS C 248 -10.99 -13.01 26.66
C CYS C 248 -10.05 -14.03 27.30
N LEU C 249 -10.50 -15.28 27.38
CA LEU C 249 -9.64 -16.35 27.85
C LEU C 249 -8.64 -16.77 26.77
N VAL C 250 -9.15 -17.26 25.64
CA VAL C 250 -8.37 -17.44 24.42
C VAL C 250 -9.21 -16.87 23.29
N CYS C 251 -8.53 -16.31 22.29
CA CYS C 251 -9.20 -15.55 21.26
C CYS C 251 -9.05 -16.20 19.89
N ARG C 252 -9.97 -15.83 19.01
CA ARG C 252 -10.13 -16.43 17.70
C ARG C 252 -9.25 -15.82 16.64
N LYS C 253 -8.60 -14.69 16.92
CA LYS C 253 -7.88 -13.94 15.89
C LYS C 253 -6.67 -13.28 16.54
N PHE C 254 -6.15 -12.24 15.89
CA PHE C 254 -4.88 -11.61 16.25
C PHE C 254 -4.90 -11.13 17.71
N ARG C 255 -3.70 -10.88 18.23
CA ARG C 255 -3.51 -10.45 19.61
C ARG C 255 -2.65 -9.19 19.62
N ASN C 256 -3.25 -8.04 19.95
CA ASN C 256 -2.46 -6.82 20.05
C ASN C 256 -1.85 -6.71 21.45
N GLU C 257 -1.27 -7.81 21.93
CA GLU C 257 -0.42 -7.92 23.11
C GLU C 257 -1.15 -7.59 24.40
N ALA C 258 -2.35 -7.06 24.31
CA ALA C 258 -3.22 -6.89 25.46
C ALA C 258 -4.64 -7.33 25.19
N THR C 259 -5.11 -7.19 23.95
CA THR C 259 -6.47 -7.50 23.55
C THR C 259 -6.45 -8.62 22.52
N CYS C 260 -7.62 -8.87 21.93
CA CYS C 260 -7.74 -9.90 20.90
C CYS C 260 -8.69 -9.38 19.82
N LYS C 261 -8.11 -8.75 18.80
CA LYS C 261 -8.86 -8.07 17.74
C LYS C 261 -9.39 -9.05 16.70
N ASP C 262 -9.87 -8.51 15.59
CA ASP C 262 -10.21 -9.29 14.40
C ASP C 262 -9.18 -9.13 13.29
N THR C 263 -8.80 -7.88 13.00
CA THR C 263 -7.70 -7.59 12.08
C THR C 263 -6.83 -6.54 12.75
N CYS C 264 -5.52 -6.63 12.52
CA CYS C 264 -4.59 -5.70 13.15
C CYS C 264 -4.95 -4.26 12.78
N PRO C 265 -4.71 -3.32 13.68
CA PRO C 265 -4.98 -1.91 13.37
C PRO C 265 -4.09 -1.42 12.24
N PRO C 266 -4.68 -0.97 11.13
CA PRO C 266 -3.86 -0.61 9.96
C PRO C 266 -2.90 0.53 10.27
N LEU C 267 -1.85 0.62 9.43
CA LEU C 267 -0.84 1.63 9.63
C LEU C 267 -1.36 3.03 9.31
N MET C 268 -2.17 3.14 8.26
CA MET C 268 -2.71 4.43 7.83
C MET C 268 -4.21 4.29 7.62
N LEU C 269 -4.94 5.34 8.02
CA LEU C 269 -6.39 5.34 7.97
C LEU C 269 -6.89 6.40 7.00
N TYR C 270 -8.07 6.15 6.45
CA TYR C 270 -8.68 7.06 5.50
C TYR C 270 -9.15 8.33 6.22
N ASN C 271 -9.68 9.27 5.45
CA ASN C 271 -10.19 10.53 5.98
C ASN C 271 -11.35 10.97 5.10
N PRO C 272 -12.60 10.80 5.56
CA PRO C 272 -13.76 11.08 4.71
C PRO C 272 -13.94 12.55 4.36
N THR C 273 -13.09 13.45 4.83
CA THR C 273 -13.23 14.88 4.55
C THR C 273 -12.20 15.40 3.56
N THR C 274 -10.95 14.97 3.67
CA THR C 274 -9.88 15.43 2.80
C THR C 274 -9.47 14.40 1.76
N TYR C 275 -10.11 13.24 1.74
CA TYR C 275 -9.81 12.18 0.77
C TYR C 275 -8.33 11.82 0.78
N GLN C 276 -7.77 11.70 1.98
CA GLN C 276 -6.36 11.38 2.13
C GLN C 276 -6.17 10.15 3.03
N MET C 277 -4.92 9.83 3.34
CA MET C 277 -4.60 8.77 4.29
C MET C 277 -3.83 9.38 5.44
N ASP C 278 -4.23 9.07 6.66
CA ASP C 278 -3.64 9.64 7.86
C ASP C 278 -2.88 8.56 8.63
N VAL C 279 -1.67 8.91 9.06
CA VAL C 279 -0.85 7.96 9.79
C VAL C 279 -1.52 7.62 11.12
N ASN C 280 -1.61 6.32 11.41
CA ASN C 280 -2.21 5.85 12.64
C ASN C 280 -1.11 5.60 13.66
N PRO C 281 -1.09 6.30 14.79
CA PRO C 281 -0.09 6.00 15.83
C PRO C 281 -0.23 4.59 16.38
N GLU C 282 -1.40 3.97 16.27
CA GLU C 282 -1.59 2.58 16.70
C GLU C 282 -1.38 1.65 15.51
N GLY C 283 -0.13 1.64 15.03
CA GLY C 283 0.24 0.89 13.85
C GLY C 283 0.86 -0.45 14.24
N LYS C 284 0.32 -1.52 13.66
CA LYS C 284 0.75 -2.87 13.97
C LYS C 284 0.82 -3.70 12.70
N TYR C 285 1.91 -4.45 12.55
CA TYR C 285 2.12 -5.32 11.41
C TYR C 285 1.51 -6.69 11.70
N SER C 286 0.73 -7.21 10.74
CA SER C 286 0.00 -8.46 10.93
C SER C 286 0.91 -9.67 10.74
N PHE C 287 1.78 -9.89 11.72
CA PHE C 287 2.81 -10.92 11.65
C PHE C 287 2.24 -12.26 12.12
N GLY C 288 1.50 -12.91 11.22
CA GLY C 288 1.12 -14.30 11.42
C GLY C 288 0.37 -14.61 12.69
N ALA C 289 -0.89 -14.17 12.77
CA ALA C 289 -1.79 -14.42 13.89
C ALA C 289 -1.39 -13.66 15.16
N THR C 290 -0.64 -12.56 15.01
CA THR C 290 -0.34 -11.67 16.10
C THR C 290 0.17 -10.36 15.53
N CYS C 291 -0.29 -9.24 16.09
CA CYS C 291 0.18 -7.94 15.64
C CYS C 291 1.49 -7.59 16.33
N VAL C 292 2.43 -7.03 15.57
CA VAL C 292 3.74 -6.67 16.07
C VAL C 292 4.06 -5.25 15.61
N LYS C 293 4.92 -4.58 16.37
CA LYS C 293 5.35 -3.23 16.05
C LYS C 293 6.33 -3.16 14.90
N LYS C 294 6.93 -4.28 14.50
CA LYS C 294 7.92 -4.28 13.41
C LYS C 294 8.16 -5.68 12.88
N CYS C 295 8.19 -5.81 11.54
CA CYS C 295 8.47 -7.11 10.94
C CYS C 295 9.87 -7.59 11.31
N PRO C 296 10.10 -8.89 11.30
CA PRO C 296 11.45 -9.40 11.55
C PRO C 296 12.42 -8.96 10.46
N ARG C 297 13.70 -8.87 10.83
CA ARG C 297 14.72 -8.32 9.95
C ARG C 297 14.97 -9.18 8.72
N ASN C 298 14.29 -10.32 8.57
CA ASN C 298 14.49 -11.20 7.43
C ASN C 298 13.20 -11.48 6.67
N TYR C 299 12.12 -10.77 6.97
CA TYR C 299 10.84 -10.98 6.31
C TYR C 299 10.57 -9.86 5.32
N VAL C 300 9.78 -10.20 4.29
CA VAL C 300 9.42 -9.26 3.23
C VAL C 300 8.18 -8.51 3.68
N VAL C 301 8.35 -7.19 3.91
CA VAL C 301 7.24 -6.37 4.35
C VAL C 301 6.35 -6.05 3.17
N THR C 302 5.06 -6.29 3.32
CA THR C 302 4.09 -5.96 2.29
C THR C 302 3.91 -4.44 2.27
N ASP C 303 3.23 -3.93 1.23
CA ASP C 303 3.03 -2.50 1.10
C ASP C 303 2.30 -1.93 2.31
N HIS C 304 1.21 -2.57 2.72
CA HIS C 304 0.48 -2.13 3.91
C HIS C 304 0.98 -2.83 5.16
N GLY C 305 2.30 -2.80 5.37
CA GLY C 305 2.93 -3.27 6.59
C GLY C 305 2.44 -4.58 7.18
N SER C 306 2.58 -5.68 6.45
CA SER C 306 2.20 -7.00 6.93
C SER C 306 3.31 -7.98 6.56
N CYS C 307 3.96 -8.54 7.58
CA CYS C 307 5.01 -9.52 7.34
C CYS C 307 4.45 -10.73 6.61
N VAL C 308 5.07 -11.06 5.48
CA VAL C 308 4.70 -12.24 4.69
C VAL C 308 5.96 -13.01 4.34
N ARG C 309 5.77 -14.24 3.86
CA ARG C 309 6.90 -15.10 3.56
C ARG C 309 7.58 -14.70 2.25
N ALA C 310 6.80 -14.53 1.18
CA ALA C 310 7.34 -14.08 -0.09
C ALA C 310 6.19 -13.63 -0.97
N CYS C 311 6.27 -12.40 -1.48
CA CYS C 311 5.25 -11.92 -2.42
C CYS C 311 5.38 -12.67 -3.75
N GLY C 312 4.24 -13.03 -4.33
CA GLY C 312 4.19 -14.09 -5.32
C GLY C 312 4.08 -13.69 -6.77
N ALA C 313 2.85 -13.67 -7.28
CA ALA C 313 2.55 -13.74 -8.72
C ALA C 313 3.52 -12.96 -9.60
N ASP C 314 3.74 -11.68 -9.30
CA ASP C 314 4.62 -10.86 -10.13
C ASP C 314 5.19 -9.74 -9.24
N SER C 315 6.44 -9.92 -8.81
CA SER C 315 7.10 -8.94 -7.95
C SER C 315 8.59 -9.24 -7.95
N TYR C 316 9.31 -8.58 -7.05
CA TYR C 316 10.77 -8.61 -6.94
C TYR C 316 11.12 -8.71 -5.46
N GLU C 317 12.35 -8.32 -5.12
CA GLU C 317 12.73 -8.00 -3.76
C GLU C 317 13.54 -6.72 -3.78
N MET C 318 13.69 -6.11 -2.61
CA MET C 318 14.35 -4.80 -2.54
C MET C 318 14.95 -4.64 -1.15
N GLU C 319 16.29 -4.67 -1.07
CA GLU C 319 16.99 -4.48 0.19
C GLU C 319 17.23 -2.99 0.44
N GLU C 320 16.18 -2.26 0.80
CA GLU C 320 16.32 -0.83 1.11
C GLU C 320 16.39 -0.67 2.62
N ASP C 321 17.52 -0.16 3.11
CA ASP C 321 17.78 0.08 4.54
C ASP C 321 17.23 -1.04 5.42
N GLY C 322 17.51 -2.27 5.00
CA GLY C 322 17.09 -3.46 5.73
C GLY C 322 15.67 -3.93 5.49
N VAL C 323 14.74 -2.99 5.31
CA VAL C 323 13.34 -3.35 5.11
C VAL C 323 13.20 -3.98 3.73
N ARG C 324 13.08 -5.30 3.69
CA ARG C 324 13.07 -6.03 2.42
C ARG C 324 11.73 -5.92 1.71
N LYS C 325 11.35 -4.71 1.29
CA LYS C 325 10.13 -4.55 0.53
C LYS C 325 10.26 -5.26 -0.82
N CYS C 326 9.13 -5.41 -1.51
CA CYS C 326 9.14 -5.93 -2.87
C CYS C 326 8.21 -5.07 -3.72
N LYS C 327 8.78 -4.44 -4.76
CA LYS C 327 8.07 -3.37 -5.45
C LYS C 327 7.09 -3.88 -6.51
N LYS C 328 7.60 -4.52 -7.58
CA LYS C 328 6.76 -4.90 -8.70
C LYS C 328 7.53 -5.64 -9.79
N CYS C 329 6.82 -6.43 -10.58
CA CYS C 329 7.36 -7.00 -11.82
C CYS C 329 7.16 -6.04 -12.99
N GLU C 330 8.22 -5.85 -13.76
CA GLU C 330 8.13 -5.15 -15.03
C GLU C 330 9.14 -5.79 -15.98
N GLY C 331 8.68 -6.12 -17.19
CA GLY C 331 9.53 -6.75 -18.17
C GLY C 331 9.71 -8.23 -17.95
N PRO C 332 10.95 -8.71 -18.06
CA PRO C 332 11.23 -10.15 -17.97
C PRO C 332 11.52 -10.63 -16.54
N CYS C 333 10.55 -10.44 -15.65
CA CYS C 333 10.72 -10.91 -14.29
C CYS C 333 10.68 -12.43 -14.26
N ARG C 334 11.83 -13.05 -13.97
CA ARG C 334 11.96 -14.49 -14.04
C ARG C 334 11.06 -15.15 -13.00
N LYS C 335 10.76 -16.43 -13.25
CA LYS C 335 9.89 -17.20 -12.38
C LYS C 335 10.60 -17.56 -11.09
N VAL C 336 9.84 -17.58 -9.99
CA VAL C 336 10.35 -17.98 -8.69
C VAL C 336 9.95 -19.43 -8.47
N CYS C 337 10.73 -20.15 -7.68
CA CYS C 337 10.60 -21.59 -7.56
C CYS C 337 10.21 -21.95 -6.13
N ASN C 338 9.14 -22.73 -5.98
CA ASN C 338 8.63 -23.06 -4.66
C ASN C 338 9.31 -24.32 -4.11
N GLY C 339 9.63 -24.29 -2.83
CA GLY C 339 10.33 -25.40 -2.20
C GLY C 339 9.46 -26.63 -2.04
N ILE C 340 10.06 -27.66 -1.45
CA ILE C 340 9.38 -28.94 -1.30
C ILE C 340 8.23 -28.81 -0.31
N GLY C 341 7.17 -29.58 -0.56
CA GLY C 341 6.00 -29.57 0.29
C GLY C 341 4.89 -28.67 -0.19
N ILE C 342 5.18 -27.36 -0.23
CA ILE C 342 4.19 -26.36 -0.61
C ILE C 342 3.85 -26.49 -2.09
N GLY C 343 2.75 -25.87 -2.51
CA GLY C 343 2.39 -25.89 -3.91
C GLY C 343 2.05 -27.29 -4.38
N GLU C 344 2.61 -27.66 -5.52
CA GLU C 344 2.39 -28.98 -6.12
C GLU C 344 3.39 -30.02 -5.64
N PHE C 345 4.04 -29.77 -4.50
CA PHE C 345 5.03 -30.69 -3.95
C PHE C 345 4.54 -31.38 -2.69
N LYS C 346 3.22 -31.53 -2.52
CA LYS C 346 2.66 -32.11 -1.31
C LYS C 346 2.87 -33.62 -1.26
N ASP C 347 2.77 -34.30 -2.40
CA ASP C 347 2.96 -35.75 -2.42
C ASP C 347 4.42 -36.12 -2.12
N SER C 348 5.34 -35.66 -2.96
CA SER C 348 6.74 -36.01 -2.80
C SER C 348 7.34 -35.31 -1.59
N LEU C 349 8.38 -35.93 -1.03
CA LEU C 349 9.02 -35.44 0.19
C LEU C 349 10.48 -35.03 -0.01
N SER C 350 10.94 -34.97 -1.26
CA SER C 350 12.30 -34.58 -1.58
C SER C 350 12.34 -34.23 -3.06
N ILE C 351 13.53 -33.94 -3.57
CA ILE C 351 13.69 -33.67 -5.02
C ILE C 351 13.94 -35.03 -5.67
N ASN C 352 12.87 -35.78 -5.86
CA ASN C 352 12.96 -37.10 -6.43
C ASN C 352 13.06 -37.02 -7.95
N ALA C 353 13.32 -38.16 -8.59
CA ALA C 353 13.51 -38.17 -10.04
C ALA C 353 12.18 -38.17 -10.77
N THR C 354 11.29 -37.28 -10.38
CA THR C 354 10.12 -36.96 -11.18
C THR C 354 9.76 -35.48 -11.09
N ASN C 355 10.54 -34.67 -10.36
CA ASN C 355 10.27 -33.26 -10.23
C ASN C 355 11.50 -32.37 -10.31
N ILE C 356 12.70 -32.94 -10.48
CA ILE C 356 13.89 -32.12 -10.57
C ILE C 356 13.90 -31.31 -11.86
N LYS C 357 13.10 -31.71 -12.85
CA LYS C 357 13.03 -30.96 -14.09
C LYS C 357 12.35 -29.61 -13.89
N HIS C 358 11.37 -29.54 -12.98
CA HIS C 358 10.73 -28.27 -12.68
C HIS C 358 11.69 -27.27 -12.06
N PHE C 359 12.86 -27.72 -11.60
CA PHE C 359 13.93 -26.83 -11.16
C PHE C 359 14.90 -26.51 -12.30
N LYS C 360 14.43 -26.58 -13.54
CA LYS C 360 15.28 -26.39 -14.71
C LYS C 360 16.14 -25.13 -14.59
N ASN C 361 15.50 -23.99 -14.33
CA ASN C 361 16.27 -22.75 -14.20
C ASN C 361 15.83 -21.90 -13.01
N CYS C 362 15.28 -22.50 -11.97
CA CYS C 362 14.98 -21.75 -10.76
C CYS C 362 16.26 -21.18 -10.17
N THR C 363 16.28 -19.87 -9.97
CA THR C 363 17.46 -19.17 -9.47
C THR C 363 17.26 -18.63 -8.06
N SER C 364 16.07 -18.79 -7.48
CA SER C 364 15.85 -18.39 -6.09
C SER C 364 14.68 -19.24 -5.58
N ILE C 365 14.99 -20.29 -4.82
CA ILE C 365 13.98 -21.24 -4.39
C ILE C 365 13.30 -20.67 -3.14
N SER C 366 12.12 -20.08 -3.33
CA SER C 366 11.33 -19.56 -2.23
C SER C 366 10.66 -20.73 -1.54
N GLY C 367 11.39 -21.33 -0.59
CA GLY C 367 10.90 -22.51 0.10
C GLY C 367 12.01 -23.27 0.78
N ASP C 368 12.03 -24.59 0.59
CA ASP C 368 13.00 -25.44 1.25
C ASP C 368 13.39 -26.60 0.35
N LEU C 369 14.58 -27.15 0.58
CA LEU C 369 15.12 -28.22 -0.24
C LEU C 369 15.36 -29.44 0.64
N HIS C 370 14.92 -30.60 0.19
CA HIS C 370 15.08 -31.85 0.90
C HIS C 370 15.83 -32.83 0.01
N ILE C 371 16.98 -33.31 0.49
CA ILE C 371 17.73 -34.33 -0.22
C ILE C 371 17.67 -35.63 0.57
N LEU C 372 16.76 -36.51 0.18
CA LEU C 372 16.57 -37.73 0.95
C LEU C 372 17.16 -38.93 0.24
N PRO C 373 17.79 -39.84 0.98
CA PRO C 373 18.35 -41.05 0.37
C PRO C 373 17.34 -41.90 -0.39
N VAL C 374 16.07 -41.55 -0.35
CA VAL C 374 15.11 -42.23 -1.21
C VAL C 374 15.23 -41.74 -2.64
N ALA C 375 15.83 -40.56 -2.84
CA ALA C 375 15.99 -40.02 -4.18
C ALA C 375 16.87 -40.92 -5.03
N PHE C 376 18.13 -41.08 -4.64
CA PHE C 376 19.06 -41.90 -5.40
C PHE C 376 18.68 -43.37 -5.41
N ARG C 377 17.81 -43.81 -4.50
CA ARG C 377 17.40 -45.19 -4.42
C ARG C 377 16.19 -45.48 -5.31
N GLY C 378 15.12 -44.70 -5.15
CA GLY C 378 13.91 -44.92 -5.90
C GLY C 378 13.01 -45.92 -5.22
N ASP C 379 11.76 -45.53 -4.97
CA ASP C 379 10.82 -46.37 -4.25
C ASP C 379 9.70 -46.83 -5.18
N SER C 380 9.26 -48.08 -4.98
CA SER C 380 8.10 -48.60 -5.69
C SER C 380 6.79 -48.11 -5.11
N PHE C 381 6.83 -47.28 -4.07
CA PHE C 381 5.61 -46.76 -3.46
C PHE C 381 5.06 -45.59 -4.26
N THR C 382 5.85 -44.53 -4.40
CA THR C 382 5.47 -43.37 -5.19
C THR C 382 5.85 -43.52 -6.67
N HIS C 383 6.37 -44.68 -7.06
CA HIS C 383 6.68 -45.00 -8.45
C HIS C 383 7.69 -44.05 -9.08
N THR C 384 8.48 -43.36 -8.26
CA THR C 384 9.48 -42.45 -8.78
C THR C 384 10.77 -43.22 -9.09
N PRO C 385 11.28 -43.14 -10.31
CA PRO C 385 12.49 -43.91 -10.65
C PRO C 385 13.70 -43.36 -9.92
N PRO C 386 14.80 -44.11 -9.86
CA PRO C 386 16.00 -43.61 -9.22
C PRO C 386 16.54 -42.36 -9.93
N LEU C 387 17.19 -41.50 -9.15
CA LEU C 387 17.74 -40.26 -9.68
C LEU C 387 19.16 -40.48 -10.16
N ASP C 388 19.46 -39.95 -11.34
CA ASP C 388 20.82 -39.98 -11.86
C ASP C 388 21.66 -38.94 -11.12
N PRO C 389 22.81 -39.31 -10.57
CA PRO C 389 23.57 -38.35 -9.75
C PRO C 389 23.95 -37.08 -10.48
N GLN C 390 24.29 -37.16 -11.77
CA GLN C 390 24.66 -35.97 -12.53
C GLN C 390 23.49 -35.04 -12.79
N GLU C 391 22.26 -35.47 -12.51
CA GLU C 391 21.12 -34.56 -12.61
C GLU C 391 21.27 -33.39 -11.65
N LEU C 392 21.99 -33.58 -10.54
CA LEU C 392 22.15 -32.55 -9.53
C LEU C 392 22.96 -31.36 -10.00
N ASP C 393 23.55 -31.40 -11.19
CA ASP C 393 24.18 -30.22 -11.74
C ASP C 393 23.15 -29.18 -12.20
N ILE C 394 21.87 -29.54 -12.21
CA ILE C 394 20.82 -28.57 -12.54
C ILE C 394 20.80 -27.45 -11.50
N LEU C 395 20.97 -27.80 -10.23
CA LEU C 395 20.95 -26.83 -9.15
C LEU C 395 22.16 -25.90 -9.13
N LYS C 396 23.05 -25.99 -10.12
CA LYS C 396 24.23 -25.13 -10.16
C LYS C 396 23.89 -23.66 -10.32
N THR C 397 22.62 -23.33 -10.59
CA THR C 397 22.19 -21.94 -10.78
C THR C 397 21.19 -21.51 -9.71
N VAL C 398 21.15 -22.19 -8.57
CA VAL C 398 20.27 -21.82 -7.48
C VAL C 398 21.01 -20.78 -6.65
N LYS C 399 20.68 -19.51 -6.89
CA LYS C 399 21.36 -18.40 -6.21
C LYS C 399 20.77 -18.09 -4.85
N GLU C 400 19.60 -18.64 -4.51
CA GLU C 400 18.94 -18.21 -3.30
C GLU C 400 18.02 -19.30 -2.77
N ILE C 401 18.13 -19.56 -1.48
CA ILE C 401 17.18 -20.41 -0.76
C ILE C 401 16.72 -19.64 0.47
N THR C 402 15.44 -19.26 0.48
CA THR C 402 14.94 -18.40 1.54
C THR C 402 14.72 -19.18 2.84
N GLY C 403 14.27 -20.43 2.74
CA GLY C 403 13.94 -21.21 3.91
C GLY C 403 15.13 -21.95 4.50
N PHE C 404 15.04 -23.27 4.58
CA PHE C 404 16.11 -24.08 5.15
C PHE C 404 16.66 -25.06 4.11
N LEU C 405 17.82 -25.62 4.44
CA LEU C 405 18.54 -26.53 3.56
C LEU C 405 18.89 -27.80 4.34
N LEU C 406 18.20 -28.89 4.05
CA LEU C 406 18.43 -30.18 4.70
C LEU C 406 19.20 -31.06 3.72
N ILE C 407 20.49 -31.23 3.98
CA ILE C 407 21.36 -32.06 3.15
C ILE C 407 21.56 -33.38 3.89
N GLN C 408 20.98 -34.45 3.34
CA GLN C 408 20.94 -35.74 4.03
C GLN C 408 21.41 -36.90 3.15
N ALA C 409 21.90 -36.61 1.95
CA ALA C 409 22.34 -37.65 1.03
C ALA C 409 23.14 -37.01 -0.07
N TRP C 410 24.19 -37.70 -0.52
CA TRP C 410 25.08 -37.15 -1.52
C TRP C 410 25.92 -38.30 -2.09
N PRO C 411 25.99 -38.43 -3.43
CA PRO C 411 26.67 -39.59 -4.01
C PRO C 411 28.11 -39.74 -3.52
N GLU C 412 28.54 -41.00 -3.40
CA GLU C 412 29.83 -41.28 -2.77
C GLU C 412 30.99 -40.78 -3.63
N ASN C 413 30.94 -41.02 -4.94
CA ASN C 413 32.07 -40.66 -5.80
C ASN C 413 32.34 -39.17 -5.79
N ARG C 414 31.33 -38.35 -5.55
CA ARG C 414 31.53 -36.91 -5.48
C ARG C 414 32.30 -36.54 -4.23
N THR C 415 33.19 -35.57 -4.37
CA THR C 415 34.06 -35.19 -3.26
C THR C 415 33.48 -34.07 -2.41
N ASP C 416 32.50 -33.34 -2.92
CA ASP C 416 31.85 -32.30 -2.12
C ASP C 416 30.55 -31.90 -2.81
N LEU C 417 29.84 -30.97 -2.18
CA LEU C 417 28.62 -30.42 -2.75
C LEU C 417 28.98 -29.58 -3.97
N HIS C 418 28.83 -30.15 -5.17
CA HIS C 418 29.22 -29.45 -6.37
C HIS C 418 28.14 -28.50 -6.86
N ALA C 419 26.86 -28.85 -6.66
CA ALA C 419 25.77 -28.05 -7.19
C ALA C 419 25.77 -26.66 -6.57
N PHE C 420 25.58 -26.59 -5.26
CA PHE C 420 25.41 -25.31 -4.55
C PHE C 420 26.76 -24.63 -4.47
N GLU C 421 27.10 -23.86 -5.50
CA GLU C 421 28.42 -23.26 -5.56
C GLU C 421 28.64 -22.29 -4.41
N ASN C 422 27.92 -21.17 -4.42
CA ASN C 422 28.17 -20.13 -3.39
C ASN C 422 26.96 -20.00 -2.47
N LEU C 423 25.73 -20.03 -3.03
CA LEU C 423 24.47 -19.82 -2.27
C LEU C 423 24.40 -18.37 -1.78
N GLU C 424 25.54 -17.78 -1.39
CA GLU C 424 25.63 -16.35 -0.95
C GLU C 424 24.88 -16.12 0.37
N ILE C 425 23.72 -16.74 0.57
CA ILE C 425 22.92 -16.51 1.78
C ILE C 425 21.85 -17.58 1.88
N ILE C 426 21.47 -17.93 3.11
CA ILE C 426 20.23 -18.63 3.41
C ILE C 426 19.50 -17.82 4.46
N ARG C 427 18.29 -17.36 4.13
CA ARG C 427 17.59 -16.43 5.01
C ARG C 427 16.98 -17.16 6.20
N GLY C 428 16.18 -18.19 5.94
CA GLY C 428 15.56 -18.93 7.01
C GLY C 428 14.15 -18.50 7.36
N ARG C 429 13.29 -18.30 6.38
CA ARG C 429 11.89 -17.98 6.67
C ARG C 429 11.25 -19.10 7.45
N THR C 430 11.16 -20.28 6.85
CA THR C 430 10.82 -21.49 7.59
C THR C 430 12.12 -22.24 7.93
N LYS C 431 12.00 -23.18 8.85
CA LYS C 431 13.16 -23.92 9.31
C LYS C 431 12.79 -25.39 9.48
N GLN C 432 13.80 -26.21 9.74
CA GLN C 432 13.60 -27.64 9.99
C GLN C 432 13.52 -27.85 11.49
N HIS C 433 12.45 -28.52 11.93
CA HIS C 433 12.16 -28.71 13.35
C HIS C 433 12.04 -27.37 14.08
N GLY C 434 11.81 -26.30 13.34
CA GLY C 434 11.68 -24.98 13.92
C GLY C 434 12.96 -24.38 14.47
N GLN C 435 14.11 -25.02 14.29
CA GLN C 435 15.33 -24.49 14.86
C GLN C 435 16.47 -24.39 13.85
N PHE C 436 16.53 -25.32 12.90
CA PHE C 436 17.67 -25.47 12.03
C PHE C 436 17.35 -25.05 10.59
N SER C 437 18.27 -24.31 10.00
CA SER C 437 18.22 -23.94 8.59
C SER C 437 19.17 -24.73 7.72
N LEU C 438 20.42 -24.89 8.15
CA LEU C 438 21.43 -25.67 7.43
C LEU C 438 21.60 -27.00 8.13
N ALA C 439 21.64 -28.09 7.36
CA ALA C 439 21.72 -29.43 7.92
C ALA C 439 22.65 -30.29 7.07
N VAL C 440 23.80 -30.64 7.63
CA VAL C 440 24.78 -31.49 6.96
C VAL C 440 24.99 -32.70 7.87
N VAL C 441 24.29 -33.79 7.59
CA VAL C 441 24.26 -34.95 8.48
C VAL C 441 24.63 -36.20 7.69
N SER C 442 25.59 -36.96 8.20
CA SER C 442 25.97 -38.29 7.69
C SER C 442 26.29 -38.23 6.20
N LEU C 443 27.36 -37.51 5.87
CA LEU C 443 27.84 -37.40 4.51
C LEU C 443 29.28 -37.88 4.43
N ASN C 444 29.53 -38.84 3.54
CA ASN C 444 30.88 -39.34 3.29
C ASN C 444 31.74 -38.37 2.49
N ILE C 445 31.22 -37.19 2.15
CA ILE C 445 31.96 -36.24 1.35
C ILE C 445 33.24 -35.82 2.07
N THR C 446 34.18 -35.28 1.30
CA THR C 446 35.46 -34.84 1.83
C THR C 446 35.53 -33.34 2.04
N SER C 447 34.78 -32.55 1.27
CA SER C 447 34.84 -31.10 1.37
C SER C 447 33.43 -30.54 1.50
N LEU C 448 33.37 -29.24 1.78
CA LEU C 448 32.07 -28.58 1.92
C LEU C 448 31.43 -28.34 0.56
N GLY C 449 32.07 -27.55 -0.29
CA GLY C 449 31.47 -27.18 -1.56
C GLY C 449 30.53 -26.00 -1.46
N LEU C 450 30.79 -25.08 -0.54
CA LEU C 450 29.94 -23.90 -0.33
C LEU C 450 30.89 -22.76 0.01
N ARG C 451 31.28 -21.98 -1.01
CA ARG C 451 32.47 -21.15 -0.89
C ARG C 451 32.22 -19.66 -0.71
N SER C 452 30.97 -19.21 -0.64
CA SER C 452 30.71 -17.85 -0.17
C SER C 452 29.86 -17.83 1.10
N LEU C 453 28.64 -18.36 1.05
CA LEU C 453 27.73 -18.46 2.20
C LEU C 453 27.82 -17.22 3.09
N LYS C 454 27.72 -16.05 2.45
CA LYS C 454 28.20 -14.82 3.09
C LYS C 454 27.33 -14.38 4.25
N GLU C 455 26.01 -14.56 4.17
CA GLU C 455 25.15 -13.92 5.16
C GLU C 455 24.05 -14.81 5.72
N ILE C 456 24.40 -16.03 6.17
CA ILE C 456 23.41 -16.85 6.86
C ILE C 456 22.86 -16.08 8.05
N SER C 457 21.53 -15.98 8.13
CA SER C 457 20.90 -14.98 8.99
C SER C 457 20.07 -15.58 10.12
N ASP C 458 19.26 -16.59 9.85
CA ASP C 458 18.36 -17.14 10.85
C ASP C 458 18.57 -18.64 10.99
N GLY C 459 18.52 -19.12 12.22
CA GLY C 459 18.63 -20.55 12.46
C GLY C 459 20.03 -20.95 12.88
N ASP C 460 20.14 -22.20 13.33
CA ASP C 460 21.43 -22.76 13.69
C ASP C 460 21.89 -23.71 12.59
N VAL C 461 23.14 -24.16 12.70
CA VAL C 461 23.73 -25.08 11.73
C VAL C 461 24.08 -26.38 12.43
N ILE C 462 23.67 -27.50 11.85
CA ILE C 462 24.03 -28.82 12.34
C ILE C 462 24.96 -29.43 11.30
N ILE C 463 26.26 -29.37 11.56
CA ILE C 463 27.28 -29.91 10.68
C ILE C 463 27.97 -31.03 11.44
N SER C 464 27.47 -32.25 11.29
CA SER C 464 27.98 -33.35 12.09
C SER C 464 27.53 -34.67 11.47
N GLY C 465 28.33 -35.70 11.68
CA GLY C 465 28.09 -37.01 11.12
C GLY C 465 28.97 -37.35 9.94
N ASN C 466 29.74 -36.39 9.44
CA ASN C 466 30.63 -36.62 8.31
C ASN C 466 31.96 -37.15 8.82
N LYS C 467 32.27 -38.41 8.51
CA LYS C 467 33.42 -39.06 9.12
C LYS C 467 34.74 -38.52 8.57
N ASN C 468 34.74 -38.00 7.35
CA ASN C 468 35.97 -37.51 6.71
C ASN C 468 35.72 -36.10 6.16
N LEU C 469 35.86 -35.10 7.02
CA LEU C 469 35.58 -33.72 6.60
C LEU C 469 36.39 -32.79 7.51
N CYS C 470 37.51 -32.29 6.99
CA CYS C 470 38.35 -31.37 7.74
C CYS C 470 37.99 -29.94 7.36
N TYR C 471 38.83 -28.99 7.75
CA TYR C 471 38.66 -27.54 7.51
C TYR C 471 37.23 -27.07 7.73
N ALA C 472 36.58 -27.59 8.77
CA ALA C 472 35.28 -27.08 9.18
C ALA C 472 35.37 -26.19 10.41
N ASN C 473 36.31 -26.45 11.31
CA ASN C 473 36.47 -25.68 12.54
C ASN C 473 37.43 -24.51 12.34
N THR C 474 37.22 -23.75 11.27
CA THR C 474 37.92 -22.48 11.04
C THR C 474 37.00 -21.36 10.61
N ILE C 475 35.81 -21.65 10.09
CA ILE C 475 34.89 -20.60 9.66
C ILE C 475 34.30 -19.93 10.88
N ASN C 476 34.44 -18.61 10.95
CA ASN C 476 33.92 -17.84 12.08
C ASN C 476 32.48 -17.44 11.75
N TRP C 477 31.54 -18.29 12.17
CA TRP C 477 30.14 -18.07 11.83
C TRP C 477 29.57 -16.81 12.48
N LYS C 478 30.22 -16.28 13.52
CA LYS C 478 29.79 -15.01 14.08
C LYS C 478 29.95 -13.88 13.08
N LYS C 479 30.92 -14.00 12.17
CA LYS C 479 31.05 -13.06 11.06
C LYS C 479 29.96 -13.25 10.01
N LEU C 480 29.22 -14.36 10.07
CA LEU C 480 28.18 -14.65 9.09
C LEU C 480 26.77 -14.52 9.65
N PHE C 481 26.53 -14.96 10.89
CA PHE C 481 25.20 -14.94 11.47
C PHE C 481 24.75 -13.49 11.70
N GLY C 482 23.64 -13.12 11.08
CA GLY C 482 23.09 -11.79 11.25
C GLY C 482 22.39 -11.63 12.59
N THR C 483 21.38 -12.45 12.82
CA THR C 483 20.65 -12.41 14.08
C THR C 483 21.55 -12.82 15.23
N SER C 484 21.34 -12.18 16.38
CA SER C 484 22.12 -12.47 17.58
C SER C 484 21.51 -13.64 18.33
N GLY C 485 22.33 -14.61 18.70
CA GLY C 485 21.90 -15.75 19.47
C GLY C 485 22.09 -17.09 18.77
N GLN C 486 22.27 -17.12 17.46
CA GLN C 486 22.46 -18.39 16.77
C GLN C 486 23.79 -19.03 17.17
N LYS C 487 23.86 -20.35 17.07
CA LYS C 487 25.03 -21.10 17.49
C LYS C 487 25.31 -22.21 16.48
N THR C 488 26.49 -22.79 16.60
CA THR C 488 26.95 -23.86 15.74
C THR C 488 26.94 -25.19 16.49
N LYS C 489 26.93 -26.28 15.73
CA LYS C 489 26.94 -27.63 16.28
C LYS C 489 27.98 -28.47 15.56
N ILE C 490 29.20 -27.93 15.43
CA ILE C 490 30.29 -28.61 14.73
C ILE C 490 30.90 -29.62 15.70
N ILE C 491 30.42 -30.86 15.65
CA ILE C 491 30.94 -31.93 16.50
C ILE C 491 31.10 -33.20 15.68
N SER C 492 32.12 -33.98 16.01
CA SER C 492 32.36 -35.31 15.45
C SER C 492 32.41 -35.27 13.92
N ASN C 493 33.29 -34.42 13.40
CA ASN C 493 33.52 -34.31 11.96
C ASN C 493 35.03 -34.38 11.72
N ARG C 494 35.56 -35.61 11.70
CA ARG C 494 36.98 -35.87 11.44
C ARG C 494 37.86 -34.93 12.25
N GLY C 495 37.82 -35.14 13.57
CA GLY C 495 38.39 -34.24 14.55
C GLY C 495 39.68 -33.55 14.15
N GLU C 496 39.74 -32.24 14.43
CA GLU C 496 40.78 -31.37 13.90
C GLU C 496 42.19 -31.91 14.14
N ASN C 497 42.37 -32.76 15.14
CA ASN C 497 43.67 -33.39 15.35
C ASN C 497 44.04 -34.20 14.12
N SER C 498 45.23 -33.92 13.58
CA SER C 498 45.88 -34.59 12.46
C SER C 498 45.32 -34.19 11.10
N CYS C 499 44.29 -33.34 11.03
CA CYS C 499 43.90 -32.79 9.72
C CYS C 499 45.07 -32.07 9.06
N LYS C 500 45.89 -31.38 9.85
CA LYS C 500 47.11 -30.79 9.32
C LYS C 500 48.10 -31.85 8.90
N ALA C 501 48.19 -32.93 9.69
CA ALA C 501 49.15 -33.99 9.40
C ALA C 501 48.85 -34.65 8.06
N THR C 502 47.58 -34.98 7.80
CA THR C 502 47.22 -35.62 6.54
C THR C 502 47.18 -34.64 5.37
N GLY C 503 47.59 -33.40 5.57
CA GLY C 503 47.63 -32.43 4.50
C GLY C 503 46.31 -31.76 4.17
N GLN C 504 45.22 -32.17 4.83
CA GLN C 504 43.90 -31.62 4.53
C GLN C 504 43.72 -30.18 5.00
N VAL C 505 44.74 -29.59 5.64
CA VAL C 505 44.63 -28.19 6.03
C VAL C 505 44.49 -27.33 4.78
N CYS C 506 43.68 -26.28 4.88
CA CYS C 506 43.42 -25.42 3.72
C CYS C 506 44.66 -24.62 3.36
N HIS C 507 44.53 -23.77 2.34
CA HIS C 507 45.67 -23.05 1.79
C HIS C 507 46.31 -22.16 2.85
N ALA C 508 47.63 -22.24 2.95
CA ALA C 508 48.40 -21.63 4.02
C ALA C 508 48.70 -20.15 3.79
N LEU C 509 48.08 -19.53 2.80
CA LEU C 509 48.43 -18.11 2.52
C LEU C 509 47.24 -17.24 2.89
N CYS C 510 46.03 -17.61 2.46
CA CYS C 510 44.86 -16.73 2.69
C CYS C 510 44.60 -16.54 4.18
N SER C 511 44.19 -15.34 4.58
CA SER C 511 43.97 -14.96 5.97
C SER C 511 43.00 -15.92 6.65
N PRO C 512 43.43 -16.65 7.68
CA PRO C 512 42.60 -17.76 8.17
C PRO C 512 41.37 -17.30 8.93
N GLU C 513 40.24 -17.31 8.23
CA GLU C 513 38.92 -17.23 8.83
C GLU C 513 37.91 -18.14 8.12
N GLY C 514 38.27 -18.70 6.96
CA GLY C 514 37.36 -19.34 6.04
C GLY C 514 37.85 -20.67 5.53
N CYS C 515 38.16 -20.67 4.22
CA CYS C 515 38.71 -21.87 3.53
C CYS C 515 37.77 -23.08 3.65
N TRP C 516 36.60 -23.01 3.00
CA TRP C 516 35.68 -24.18 2.95
C TRP C 516 36.37 -25.28 2.14
N GLY C 517 37.44 -24.93 1.43
CA GLY C 517 38.19 -25.90 0.66
C GLY C 517 39.69 -25.73 0.85
N PRO C 518 40.47 -26.61 0.24
CA PRO C 518 41.94 -26.55 0.41
C PRO C 518 42.67 -25.68 -0.60
N GLU C 519 41.96 -24.96 -1.45
CA GLU C 519 42.57 -24.10 -2.45
C GLU C 519 42.44 -22.63 -2.04
N PRO C 520 43.33 -21.77 -2.54
CA PRO C 520 43.15 -20.32 -2.32
C PRO C 520 41.99 -19.74 -3.11
N ARG C 521 41.40 -20.54 -4.01
CA ARG C 521 40.23 -20.09 -4.76
C ARG C 521 39.08 -19.69 -3.85
N ASP C 522 38.95 -20.32 -2.69
CA ASP C 522 37.82 -20.11 -1.80
C ASP C 522 38.30 -19.87 -0.37
N CYS C 523 38.36 -18.60 0.03
CA CYS C 523 38.71 -18.25 1.43
C CYS C 523 37.76 -17.16 1.91
N VAL C 524 37.40 -17.13 3.21
CA VAL C 524 36.46 -16.12 3.80
C VAL C 524 36.33 -14.88 2.91
N SER C 525 37.37 -14.04 2.85
CA SER C 525 37.38 -12.85 1.96
C SER C 525 38.64 -12.98 1.11
N CYS C 526 39.81 -12.68 1.70
CA CYS C 526 41.11 -12.81 0.97
C CYS C 526 42.30 -12.52 1.90
N ARG C 527 43.46 -13.12 1.64
CA ARG C 527 44.73 -12.86 2.38
C ARG C 527 44.71 -11.44 2.96
N ASN C 528 44.67 -10.43 2.10
CA ASN C 528 44.58 -9.02 2.56
C ASN C 528 43.55 -8.33 1.67
N VAL C 529 43.77 -8.34 0.36
CA VAL C 529 42.82 -7.74 -0.61
C VAL C 529 42.70 -8.70 -1.81
N SER C 530 42.08 -8.25 -2.90
CA SER C 530 41.88 -9.14 -4.04
C SER C 530 41.83 -8.41 -5.37
N ARG C 531 42.30 -9.07 -6.42
CA ARG C 531 42.25 -8.52 -7.78
C ARG C 531 41.25 -9.30 -8.62
N GLY C 532 39.98 -9.21 -8.26
CA GLY C 532 38.93 -9.92 -8.97
C GLY C 532 38.68 -11.31 -8.40
N ARG C 533 39.22 -12.32 -9.07
CA ARG C 533 39.03 -13.70 -8.65
C ARG C 533 40.26 -14.25 -7.93
N GLU C 534 41.21 -13.38 -7.64
CA GLU C 534 42.47 -13.77 -7.03
C GLU C 534 42.82 -12.89 -5.83
N CYS C 535 43.45 -13.48 -4.82
CA CYS C 535 43.86 -12.75 -3.64
C CYS C 535 45.26 -12.18 -3.81
N VAL C 536 45.52 -11.04 -3.18
CA VAL C 536 46.83 -10.40 -3.25
C VAL C 536 47.25 -9.83 -1.90
N ASP C 537 48.51 -9.41 -1.80
CA ASP C 537 49.06 -8.92 -0.54
C ASP C 537 48.74 -7.45 -0.28
N LYS C 538 48.60 -6.68 -1.35
CA LYS C 538 48.24 -5.27 -1.23
C LYS C 538 47.84 -4.66 -2.58
N CYS C 539 46.92 -3.68 -2.52
CA CYS C 539 46.47 -2.98 -3.75
C CYS C 539 47.64 -2.21 -4.39
N ASN C 540 47.46 -1.75 -5.63
CA ASN C 540 48.52 -0.97 -6.33
C ASN C 540 48.37 0.51 -5.99
N LEU C 541 48.40 0.86 -4.70
CA LEU C 541 48.38 2.27 -4.32
C LEU C 541 49.80 2.82 -4.39
N LEU C 542 49.92 4.10 -4.70
CA LEU C 542 51.22 4.75 -4.81
C LEU C 542 51.99 4.30 -6.06
N GLU C 543 52.38 3.03 -6.08
CA GLU C 543 53.15 2.48 -7.20
C GLU C 543 52.32 1.52 -8.05
N GLY C 544 53.00 0.60 -8.73
CA GLY C 544 52.34 -0.37 -9.60
C GLY C 544 52.21 0.15 -11.02
N GLU C 545 51.69 -0.69 -11.90
CA GLU C 545 51.47 -0.28 -13.29
C GLU C 545 50.09 0.36 -13.45
N PRO C 546 49.03 -0.34 -13.00
CA PRO C 546 47.71 0.29 -12.95
C PRO C 546 47.42 0.86 -11.57
N ARG C 547 47.01 2.12 -11.51
CA ARG C 547 46.64 2.75 -10.25
C ARG C 547 45.33 2.15 -9.76
N GLU C 548 45.21 1.97 -8.44
CA GLU C 548 44.02 1.34 -7.87
C GLU C 548 43.56 2.01 -6.58
N PHE C 549 42.38 1.62 -6.11
CA PHE C 549 41.85 2.10 -4.83
C PHE C 549 41.20 0.95 -4.07
N VAL C 550 40.91 1.17 -2.79
CA VAL C 550 40.43 0.09 -1.93
C VAL C 550 39.03 0.32 -1.36
N GLU C 551 38.13 -0.61 -1.65
CA GLU C 551 36.79 -0.62 -1.06
C GLU C 551 36.30 -2.05 -0.92
N ASN C 552 35.94 -2.42 0.31
CA ASN C 552 35.52 -3.79 0.61
C ASN C 552 36.62 -4.81 0.30
N SER C 553 37.87 -4.38 0.46
CA SER C 553 39.02 -5.24 0.26
C SER C 553 39.19 -5.68 -1.20
N GLU C 554 38.76 -4.83 -2.13
CA GLU C 554 38.91 -5.11 -3.55
C GLU C 554 39.73 -4.04 -4.25
N CYS C 555 40.55 -4.46 -5.21
CA CYS C 555 41.41 -3.54 -5.95
C CYS C 555 40.83 -3.22 -7.32
N ILE C 556 40.35 -1.99 -7.48
CA ILE C 556 39.79 -1.55 -8.76
C ILE C 556 40.70 -0.52 -9.41
N GLN C 557 40.91 -0.66 -10.73
CA GLN C 557 41.85 0.26 -11.44
C GLN C 557 41.25 1.67 -11.55
N CYS C 558 42.09 2.71 -11.41
CA CYS C 558 41.62 4.11 -11.58
C CYS C 558 41.24 4.35 -13.04
N HIS C 559 40.49 5.42 -13.32
CA HIS C 559 40.18 5.76 -14.74
C HIS C 559 41.51 6.05 -15.46
N PRO C 560 41.74 5.55 -16.69
CA PRO C 560 42.97 5.79 -17.43
C PRO C 560 43.42 7.25 -17.41
N GLU C 561 42.47 8.16 -17.21
CA GLU C 561 42.78 9.62 -17.26
C GLU C 561 43.25 10.19 -15.92
N CYS C 562 43.45 9.36 -14.88
CA CYS C 562 44.03 9.91 -13.63
C CYS C 562 45.55 9.85 -13.74
N LEU C 563 46.26 10.90 -13.33
CA LEU C 563 47.74 10.97 -13.48
C LEU C 563 48.44 10.06 -12.46
N PRO C 564 49.41 9.21 -12.88
CA PRO C 564 50.16 8.36 -11.95
C PRO C 564 50.82 9.18 -10.85
N GLN C 565 50.29 9.08 -9.63
CA GLN C 565 50.84 9.80 -8.49
C GLN C 565 51.93 8.99 -7.80
N ALA C 566 53.17 9.48 -7.90
CA ALA C 566 54.31 8.80 -7.30
C ALA C 566 54.43 9.15 -5.81
N MET C 567 53.64 10.13 -5.38
CA MET C 567 53.66 10.57 -3.98
C MET C 567 52.55 9.87 -3.19
N ASN C 568 51.37 10.47 -3.19
CA ASN C 568 50.22 9.92 -2.47
C ASN C 568 49.44 8.93 -3.33
N ILE C 569 48.15 8.79 -3.03
CA ILE C 569 47.27 7.92 -3.80
C ILE C 569 47.00 8.53 -5.17
N THR C 570 46.19 7.83 -5.98
CA THR C 570 45.91 8.30 -7.34
C THR C 570 44.45 8.71 -7.52
N CYS C 571 43.53 7.87 -7.04
CA CYS C 571 42.11 8.16 -7.16
C CYS C 571 41.32 7.64 -5.97
N THR C 572 40.03 8.01 -5.91
CA THR C 572 39.16 7.56 -4.82
C THR C 572 37.90 6.90 -5.37
N GLY C 573 37.97 6.45 -6.62
CA GLY C 573 36.85 5.79 -7.26
C GLY C 573 37.18 5.33 -8.67
N ARG C 574 36.21 4.69 -9.31
CA ARG C 574 36.40 4.17 -10.67
C ARG C 574 36.37 5.29 -11.71
N GLY C 575 35.37 6.15 -11.60
CA GLY C 575 35.17 7.23 -12.56
C GLY C 575 36.26 8.29 -12.53
N PRO C 576 36.42 9.00 -13.66
CA PRO C 576 37.40 10.08 -13.81
C PRO C 576 37.10 11.27 -12.90
N ASP C 577 36.02 11.18 -12.13
CA ASP C 577 35.59 12.25 -11.26
C ASP C 577 36.38 12.28 -9.96
N ASN C 578 37.00 11.15 -9.63
CA ASN C 578 37.69 11.00 -8.36
C ASN C 578 39.21 11.07 -8.46
N CYS C 579 39.70 11.49 -9.63
CA CYS C 579 41.13 11.62 -9.85
C CYS C 579 41.70 12.80 -9.07
N ILE C 580 42.98 12.70 -8.72
CA ILE C 580 43.67 13.79 -8.03
C ILE C 580 44.25 14.77 -9.05
N GLN C 581 44.47 14.28 -10.26
CA GLN C 581 44.96 15.11 -11.36
C GLN C 581 44.81 14.40 -12.70
N CYS C 582 44.14 15.04 -13.65
CA CYS C 582 43.87 14.37 -14.95
C CYS C 582 45.16 14.30 -15.78
N ALA C 583 45.32 13.24 -16.58
CA ALA C 583 46.55 13.06 -17.39
C ALA C 583 46.57 14.05 -18.56
N HIS C 584 45.42 14.29 -19.19
CA HIS C 584 45.39 15.18 -20.35
C HIS C 584 44.59 16.45 -20.06
N TYR C 585 43.38 16.52 -20.59
CA TYR C 585 42.54 17.70 -20.41
C TYR C 585 41.47 17.44 -19.36
N ILE C 586 40.77 18.50 -18.95
CA ILE C 586 39.73 18.40 -17.94
C ILE C 586 38.45 19.12 -18.36
N ASP C 587 37.44 18.35 -18.76
CA ASP C 587 36.15 18.92 -19.14
C ASP C 587 35.23 18.94 -17.92
N GLY C 588 35.33 20.00 -17.13
CA GLY C 588 34.53 20.12 -15.93
C GLY C 588 34.88 19.08 -14.90
N PRO C 589 33.86 18.50 -14.26
CA PRO C 589 34.02 17.48 -13.21
C PRO C 589 34.76 16.24 -13.71
N HIS C 590 34.61 15.91 -14.98
CA HIS C 590 35.20 14.70 -15.54
C HIS C 590 36.61 14.93 -16.08
N CYS C 591 37.40 13.85 -16.12
CA CYS C 591 38.72 13.89 -16.73
C CYS C 591 38.68 13.23 -18.11
N VAL C 592 38.83 14.05 -19.14
CA VAL C 592 38.70 13.57 -20.52
C VAL C 592 40.05 13.46 -21.22
N LYS C 593 40.13 12.58 -22.21
CA LYS C 593 41.34 12.41 -23.00
C LYS C 593 41.48 13.55 -24.00
N THR C 594 40.38 13.90 -24.65
CA THR C 594 40.34 15.02 -25.58
C THR C 594 38.99 15.72 -25.49
N CYS C 595 39.02 17.07 -25.33
CA CYS C 595 37.75 17.83 -25.14
C CYS C 595 36.74 17.49 -26.25
N PRO C 596 35.43 17.35 -25.95
CA PRO C 596 34.41 16.98 -26.94
C PRO C 596 34.44 17.79 -28.25
N ALA C 597 34.16 17.11 -29.38
CA ALA C 597 34.16 17.78 -30.67
C ALA C 597 33.19 17.11 -31.64
N GLY C 598 31.92 17.08 -31.27
CA GLY C 598 30.89 16.48 -32.11
C GLY C 598 29.82 15.78 -31.30
N VAL C 599 29.78 16.05 -30.00
CA VAL C 599 28.80 15.44 -29.11
C VAL C 599 27.43 16.07 -29.26
N MET C 600 26.39 15.25 -29.30
CA MET C 600 25.02 15.73 -29.42
C MET C 600 24.63 16.60 -28.22
N GLY C 601 23.89 17.66 -28.49
CA GLY C 601 23.44 18.55 -27.44
C GLY C 601 21.95 18.85 -27.52
N GLU C 602 21.54 19.98 -26.96
CA GLU C 602 20.14 20.38 -26.99
C GLU C 602 19.78 21.04 -28.32
N ASN C 603 18.51 20.93 -28.71
CA ASN C 603 18.03 21.51 -29.96
C ASN C 603 18.83 21.04 -31.17
N ASN C 604 19.35 19.82 -31.08
CA ASN C 604 20.11 19.21 -32.18
C ASN C 604 21.38 20.00 -32.53
N THR C 605 21.81 20.86 -31.62
CA THR C 605 23.02 21.64 -31.83
C THR C 605 24.26 20.87 -31.38
N LEU C 606 25.24 20.77 -32.26
CA LEU C 606 26.48 20.05 -31.96
C LEU C 606 27.25 20.75 -30.83
N VAL C 607 28.34 20.12 -30.40
CA VAL C 607 29.14 20.67 -29.31
C VAL C 607 30.63 20.61 -29.61
N TRP C 608 31.29 21.76 -29.57
CA TRP C 608 32.72 21.85 -29.79
C TRP C 608 33.38 22.62 -28.65
N LYS C 609 34.49 22.09 -28.12
CA LYS C 609 35.19 22.73 -27.02
C LYS C 609 36.68 22.90 -27.29
N TYR C 610 37.36 23.63 -26.43
CA TYR C 610 38.78 23.89 -26.59
C TYR C 610 39.51 23.84 -25.25
N ALA C 611 40.80 23.56 -25.29
CA ALA C 611 41.63 23.50 -24.09
C ALA C 611 42.39 24.82 -23.89
N ASP C 612 42.16 25.47 -22.76
CA ASP C 612 42.80 26.76 -22.50
C ASP C 612 44.14 26.59 -21.79
N ALA C 613 44.36 27.38 -20.75
CA ALA C 613 45.63 27.37 -20.02
C ALA C 613 45.79 26.12 -19.16
N GLY C 614 44.91 25.97 -18.18
CA GLY C 614 44.95 24.84 -17.28
C GLY C 614 44.31 23.59 -17.87
N HIS C 615 44.41 23.47 -19.19
CA HIS C 615 43.84 22.32 -19.91
C HIS C 615 42.35 22.15 -19.61
N VAL C 616 41.66 23.25 -19.32
CA VAL C 616 40.23 23.21 -19.03
C VAL C 616 39.42 23.30 -20.32
N CYS C 617 38.35 22.51 -20.42
CA CYS C 617 37.56 22.49 -21.69
C CYS C 617 36.42 23.53 -21.63
N HIS C 618 36.44 24.53 -22.52
CA HIS C 618 35.34 25.53 -22.58
C HIS C 618 34.65 25.42 -23.95
N LEU C 619 33.38 25.79 -24.06
CA LEU C 619 32.62 25.59 -25.34
C LEU C 619 33.05 26.57 -26.43
N CYS C 620 32.76 26.24 -27.70
CA CYS C 620 33.10 27.10 -28.86
C CYS C 620 32.09 28.24 -28.98
N HIS C 621 32.24 29.08 -30.02
CA HIS C 621 31.21 30.12 -30.27
C HIS C 621 30.02 29.43 -30.95
N PRO C 622 28.75 29.75 -30.61
CA PRO C 622 27.61 29.15 -31.32
C PRO C 622 27.80 29.12 -32.85
N ASN C 623 28.59 30.06 -33.39
CA ASN C 623 28.83 30.12 -34.83
C ASN C 623 29.78 29.03 -35.33
N CYS C 624 30.97 28.95 -34.73
CA CYS C 624 32.01 28.00 -35.20
C CYS C 624 31.38 26.63 -35.48
N THR C 625 31.33 26.23 -36.75
CA THR C 625 30.67 24.94 -37.14
C THR C 625 31.69 23.80 -37.08
N TYR C 626 32.84 23.95 -37.72
CA TYR C 626 33.85 22.86 -37.78
C TYR C 626 34.69 22.87 -36.50
N GLY C 627 34.26 23.61 -35.47
CA GLY C 627 34.99 23.65 -34.21
C GLY C 627 35.80 24.92 -34.10
N CYS C 628 36.59 25.03 -33.03
CA CYS C 628 37.43 26.19 -32.82
C CYS C 628 38.62 25.87 -31.92
N THR C 629 39.75 26.50 -32.20
CA THR C 629 40.97 26.30 -31.43
C THR C 629 41.17 27.42 -30.41
N GLY C 630 40.14 28.26 -30.27
CA GLY C 630 40.20 29.38 -29.33
C GLY C 630 38.83 29.96 -29.06
N PRO C 631 38.74 30.84 -28.05
CA PRO C 631 37.49 31.47 -27.63
C PRO C 631 36.87 32.34 -28.72
N GLY C 632 35.59 32.13 -29.01
CA GLY C 632 34.88 32.94 -29.97
C GLY C 632 35.42 32.86 -31.38
N LEU C 633 35.03 33.82 -32.22
CA LEU C 633 35.47 33.87 -33.61
C LEU C 633 36.98 34.11 -33.71
N GLU C 634 37.52 34.83 -32.73
CA GLU C 634 38.95 35.10 -32.68
C GLU C 634 39.74 33.82 -32.40
N GLY C 635 39.05 32.70 -32.35
CA GLY C 635 39.68 31.42 -32.07
C GLY C 635 39.59 30.46 -33.25
N CYS C 636 38.46 30.52 -33.96
CA CYS C 636 38.27 29.66 -35.18
C CYS C 636 38.49 30.54 -36.41
N PRO C 637 39.72 30.60 -36.98
CA PRO C 637 40.02 31.50 -38.10
C PRO C 637 39.56 30.94 -39.46
N THR C 638 39.89 31.63 -40.54
CA THR C 638 39.50 31.17 -41.90
C THR C 638 40.51 30.14 -42.40
N GLU D 5 2.83 -58.71 9.72
CA GLU D 5 3.54 -57.86 8.79
C GLU D 5 2.66 -57.51 7.59
N CYS D 6 2.84 -56.30 7.07
CA CYS D 6 2.02 -55.85 5.96
C CYS D 6 2.31 -56.68 4.71
N PRO D 7 1.34 -56.82 3.81
CA PRO D 7 1.49 -57.74 2.68
C PRO D 7 2.52 -57.29 1.66
N LEU D 8 2.64 -58.04 0.56
CA LEU D 8 3.57 -57.72 -0.51
C LEU D 8 3.02 -56.60 -1.37
N SER D 9 2.62 -55.50 -0.75
CA SER D 9 2.16 -54.31 -1.46
C SER D 9 2.76 -53.01 -0.94
N HIS D 10 3.23 -52.97 0.31
CA HIS D 10 3.84 -51.77 0.87
C HIS D 10 5.34 -51.96 1.14
N ASP D 11 6.01 -52.77 0.33
CA ASP D 11 7.45 -52.89 0.44
C ASP D 11 8.11 -51.57 0.08
N GLY D 12 9.20 -51.26 0.76
CA GLY D 12 9.87 -49.99 0.54
C GLY D 12 9.13 -48.79 1.07
N TYR D 13 8.00 -48.98 1.75
CA TYR D 13 7.28 -47.86 2.34
C TYR D 13 8.06 -47.21 3.47
N CYS D 14 8.71 -48.01 4.31
CA CYS D 14 9.33 -47.52 5.53
C CYS D 14 10.80 -47.25 5.25
N LEU D 15 11.15 -45.97 5.09
CA LEU D 15 12.52 -45.60 4.79
C LEU D 15 13.40 -45.78 6.04
N HIS D 16 14.70 -45.68 5.83
CA HIS D 16 15.68 -45.65 6.92
C HIS D 16 15.56 -46.85 7.85
N ASP D 17 15.32 -48.03 7.26
CA ASP D 17 15.36 -49.30 7.98
C ASP D 17 14.35 -49.31 9.14
N GLY D 18 13.08 -49.30 8.76
CA GLY D 18 12.00 -49.44 9.72
C GLY D 18 11.04 -50.53 9.27
N VAL D 19 10.43 -51.19 10.26
CA VAL D 19 9.53 -52.29 9.96
C VAL D 19 8.15 -51.74 9.61
N CYS D 20 7.35 -52.57 8.96
CA CYS D 20 6.01 -52.21 8.51
C CYS D 20 5.01 -53.09 9.24
N MET D 21 4.35 -52.52 10.24
CA MET D 21 3.38 -53.26 11.04
C MET D 21 1.95 -52.94 10.59
N TYR D 22 1.07 -53.91 10.76
CA TYR D 22 -0.34 -53.79 10.40
C TYR D 22 -1.13 -53.61 11.69
N ILE D 23 -1.68 -52.41 11.89
CA ILE D 23 -2.52 -52.11 13.04
C ILE D 23 -3.84 -52.84 12.87
N GLU D 24 -4.07 -53.86 13.69
CA GLU D 24 -5.25 -54.70 13.50
C GLU D 24 -6.54 -54.04 13.95
N ALA D 25 -6.47 -53.02 14.81
CA ALA D 25 -7.69 -52.38 15.30
C ALA D 25 -8.21 -51.36 14.29
N LEU D 26 -7.40 -50.34 14.00
CA LEU D 26 -7.80 -49.29 13.08
C LEU D 26 -7.82 -49.76 11.62
N ASP D 27 -7.22 -50.91 11.32
CA ASP D 27 -7.03 -51.38 9.95
C ASP D 27 -6.22 -50.36 9.15
N LYS D 28 -5.01 -50.08 9.64
CA LYS D 28 -4.09 -49.16 8.99
C LYS D 28 -2.68 -49.70 9.10
N TYR D 29 -1.78 -49.12 8.31
CA TYR D 29 -0.38 -49.48 8.33
C TYR D 29 0.43 -48.32 8.90
N ALA D 30 1.54 -48.65 9.56
CA ALA D 30 2.36 -47.62 10.18
C ALA D 30 3.76 -48.19 10.42
N CYS D 31 4.74 -47.29 10.45
CA CYS D 31 6.12 -47.68 10.63
C CYS D 31 6.46 -47.91 12.11
N ASN D 32 7.68 -48.39 12.32
CA ASN D 32 8.31 -48.45 13.64
C ASN D 32 9.74 -47.96 13.41
N CYS D 33 9.92 -46.64 13.49
CA CYS D 33 11.22 -46.04 13.20
C CYS D 33 12.23 -46.43 14.26
N VAL D 34 13.44 -46.78 13.82
CA VAL D 34 14.52 -46.97 14.78
C VAL D 34 14.86 -45.62 15.41
N VAL D 35 15.64 -45.68 16.48
CA VAL D 35 15.98 -44.47 17.22
C VAL D 35 16.67 -43.47 16.30
N GLY D 36 16.26 -42.21 16.41
CA GLY D 36 16.87 -41.15 15.64
C GLY D 36 16.01 -40.61 14.52
N TYR D 37 15.20 -41.46 13.91
CA TYR D 37 14.41 -41.10 12.75
C TYR D 37 12.97 -40.83 13.14
N ILE D 38 12.47 -39.65 12.77
CA ILE D 38 11.10 -39.25 13.07
C ILE D 38 10.40 -38.91 11.77
N GLY D 39 9.07 -38.91 11.79
CA GLY D 39 8.30 -38.69 10.58
C GLY D 39 7.38 -39.85 10.28
N GLU D 40 6.40 -39.59 9.40
CA GLU D 40 5.38 -40.60 9.09
C GLU D 40 6.01 -41.89 8.59
N ARG D 41 7.12 -41.80 7.86
CA ARG D 41 7.82 -42.98 7.37
C ARG D 41 9.32 -42.88 7.61
N CYS D 42 9.71 -42.27 8.73
CA CYS D 42 11.07 -42.29 9.25
C CYS D 42 12.06 -41.56 8.35
N GLN D 43 11.66 -40.47 7.71
CA GLN D 43 12.54 -39.84 6.73
C GLN D 43 13.65 -39.04 7.42
N TYR D 44 13.29 -38.15 8.33
CA TYR D 44 14.25 -37.17 8.83
C TYR D 44 15.17 -37.78 9.88
N ARG D 45 16.18 -37.02 10.25
CA ARG D 45 17.10 -37.39 11.31
C ARG D 45 16.98 -36.35 12.41
N ASP D 46 16.69 -36.80 13.63
CA ASP D 46 16.47 -35.88 14.74
C ASP D 46 17.69 -34.99 14.93
N LEU D 47 17.56 -33.71 14.60
CA LEU D 47 18.70 -32.80 14.61
C LEU D 47 18.90 -32.13 15.96
N LYS D 48 17.83 -31.93 16.73
CA LYS D 48 17.95 -31.23 18.00
C LYS D 48 18.65 -32.06 19.06
N TRP D 49 18.70 -33.38 18.88
CA TRP D 49 19.23 -34.26 19.92
C TRP D 49 20.43 -35.09 19.48
N TRP D 50 20.61 -35.34 18.19
CA TRP D 50 21.72 -36.19 17.74
C TRP D 50 22.24 -35.63 16.42
N GLU D 51 23.02 -36.46 15.71
CA GLU D 51 23.61 -36.01 14.42
C GLU D 51 23.56 -37.16 13.40
#